data_2J8I
# 
_entry.id   2J8I 
# 
_audit_conform.dict_name       mmcif_pdbx.dic 
_audit_conform.dict_version    5.382 
_audit_conform.dict_location   http://mmcif.pdb.org/dictionaries/ascii/mmcif_pdbx.dic 
# 
loop_
_database_2.database_id 
_database_2.database_code 
_database_2.pdbx_database_accession 
_database_2.pdbx_DOI 
PDB   2J8I         pdb_00002j8i 10.2210/pdb2j8i/pdb 
PDBE  EBI-30335    ?            ?                   
WWPDB D_1290030335 ?            ?                   
# 
_pdbx_database_related.db_name        PDB 
_pdbx_database_related.db_id          2J8K 
_pdbx_database_related.content_type   unspecified 
_pdbx_database_related.details        
'STRUCTURE OF THE FUSION OF NP275 AND NP276, PENTAPEPTIDE REPEAT PROTEINS FROM NOSTOC PUNCTIFORME' 
# 
_pdbx_database_status.status_code                     REL 
_pdbx_database_status.entry_id                        2J8I 
_pdbx_database_status.deposit_site                    PDBE 
_pdbx_database_status.process_site                    PDBE 
_pdbx_database_status.SG_entry                        . 
_pdbx_database_status.recvd_initial_deposition_date   2006-10-25 
_pdbx_database_status.pdb_format_compatible           Y 
_pdbx_database_status.status_code_sf                  REL 
_pdbx_database_status.status_code_mr                  ? 
_pdbx_database_status.status_code_cs                  ? 
_pdbx_database_status.methods_development_category    ? 
_pdbx_database_status.status_code_nmr_data            ? 
# 
loop_
_audit_author.name 
_audit_author.pdbx_ordinal 
'Vetting, M.W.'   1 
'Hegde, S.S.'     2 
'Hazleton, K.Z.'  3 
'Blanchard, J.S.' 4 
# 
_citation.id                        primary 
_citation.title                     
;Structural Characterization of the Fusion of Two Pentapeptide Repeat Proteins, Np275 and Np276, from Nostoc Punctiforme: Resurrection of an Ancestral Protein.
;
_citation.journal_abbrev            'Protein Sci.' 
_citation.journal_volume            16 
_citation.page_first                755 
_citation.page_last                 ? 
_citation.year                      2007 
_citation.journal_id_ASTM           PRCIEI 
_citation.country                   US 
_citation.journal_id_ISSN           0961-8368 
_citation.journal_id_CSD            0795 
_citation.book_publisher            ? 
_citation.pdbx_database_id_PubMed   17384236 
_citation.pdbx_database_id_DOI      10.1110/PS.062637707 
# 
loop_
_citation_author.citation_id 
_citation_author.name 
_citation_author.ordinal 
_citation_author.identifier_ORCID 
primary 'Vetting, M.W.'   1 ? 
primary 'Hegde, S.S.'     2 ? 
primary 'Hazleton, K.Z.'  3 ? 
primary 'Blanchard, J.S.' 4 ? 
# 
_cell.entry_id           2J8I 
_cell.length_a           29.181 
_cell.length_b           62.558 
_cell.length_c           100.549 
_cell.angle_alpha        90.00 
_cell.angle_beta         90.00 
_cell.angle_gamma        90.00 
_cell.Z_PDB              8 
_cell.pdbx_unique_axis   ? 
# 
_symmetry.entry_id                         2J8I 
_symmetry.space_group_name_H-M             'P 21 21 21' 
_symmetry.pdbx_full_space_group_name_H-M   ? 
_symmetry.cell_setting                     ? 
_symmetry.Int_Tables_number                19 
# 
loop_
_entity.id 
_entity.type 
_entity.src_method 
_entity.pdbx_description 
_entity.formula_weight 
_entity.pdbx_number_of_molecules 
_entity.pdbx_ec 
_entity.pdbx_mutation 
_entity.pdbx_fragment 
_entity.details 
1 polymer     man NP275          12496.896 2   ? ? ? ? 
2 non-polymer syn 'CHLORIDE ION' 35.453    1   ? ? ? ? 
3 water       nat water          18.015    104 ? ? ? ? 
# 
_entity_poly.entity_id                      1 
_entity_poly.type                           'polypeptide(L)' 
_entity_poly.nstd_linkage                   no 
_entity_poly.nstd_monomer                   no 
_entity_poly.pdbx_seq_one_letter_code       
;MGSSHHHHHHSSGLVPRGSHMDVEKLRQLYAAGERDFSIVDLRGAVLENINLSGAILHGAMLDEANLQQANLSRADLSGA
TLNGADLRGANLSKADLSDAILDNAILEGAILDEAVLN
;
_entity_poly.pdbx_seq_one_letter_code_can   
;MGSSHHHHHHSSGLVPRGSHMDVEKLRQLYAAGERDFSIVDLRGAVLENINLSGAILHGAMLDEANLQQANLSRADLSGA
TLNGADLRGANLSKADLSDAILDNAILEGAILDEAVLN
;
_entity_poly.pdbx_strand_id                 A,B 
_entity_poly.pdbx_target_identifier         ? 
# 
loop_
_entity_poly_seq.entity_id 
_entity_poly_seq.num 
_entity_poly_seq.mon_id 
_entity_poly_seq.hetero 
1 1   MET n 
1 2   GLY n 
1 3   SER n 
1 4   SER n 
1 5   HIS n 
1 6   HIS n 
1 7   HIS n 
1 8   HIS n 
1 9   HIS n 
1 10  HIS n 
1 11  SER n 
1 12  SER n 
1 13  GLY n 
1 14  LEU n 
1 15  VAL n 
1 16  PRO n 
1 17  ARG n 
1 18  GLY n 
1 19  SER n 
1 20  HIS n 
1 21  MET n 
1 22  ASP n 
1 23  VAL n 
1 24  GLU n 
1 25  LYS n 
1 26  LEU n 
1 27  ARG n 
1 28  GLN n 
1 29  LEU n 
1 30  TYR n 
1 31  ALA n 
1 32  ALA n 
1 33  GLY n 
1 34  GLU n 
1 35  ARG n 
1 36  ASP n 
1 37  PHE n 
1 38  SER n 
1 39  ILE n 
1 40  VAL n 
1 41  ASP n 
1 42  LEU n 
1 43  ARG n 
1 44  GLY n 
1 45  ALA n 
1 46  VAL n 
1 47  LEU n 
1 48  GLU n 
1 49  ASN n 
1 50  ILE n 
1 51  ASN n 
1 52  LEU n 
1 53  SER n 
1 54  GLY n 
1 55  ALA n 
1 56  ILE n 
1 57  LEU n 
1 58  HIS n 
1 59  GLY n 
1 60  ALA n 
1 61  MET n 
1 62  LEU n 
1 63  ASP n 
1 64  GLU n 
1 65  ALA n 
1 66  ASN n 
1 67  LEU n 
1 68  GLN n 
1 69  GLN n 
1 70  ALA n 
1 71  ASN n 
1 72  LEU n 
1 73  SER n 
1 74  ARG n 
1 75  ALA n 
1 76  ASP n 
1 77  LEU n 
1 78  SER n 
1 79  GLY n 
1 80  ALA n 
1 81  THR n 
1 82  LEU n 
1 83  ASN n 
1 84  GLY n 
1 85  ALA n 
1 86  ASP n 
1 87  LEU n 
1 88  ARG n 
1 89  GLY n 
1 90  ALA n 
1 91  ASN n 
1 92  LEU n 
1 93  SER n 
1 94  LYS n 
1 95  ALA n 
1 96  ASP n 
1 97  LEU n 
1 98  SER n 
1 99  ASP n 
1 100 ALA n 
1 101 ILE n 
1 102 LEU n 
1 103 ASP n 
1 104 ASN n 
1 105 ALA n 
1 106 ILE n 
1 107 LEU n 
1 108 GLU n 
1 109 GLY n 
1 110 ALA n 
1 111 ILE n 
1 112 LEU n 
1 113 ASP n 
1 114 GLU n 
1 115 ALA n 
1 116 VAL n 
1 117 LEU n 
1 118 ASN n 
# 
_entity_src_gen.entity_id                          1 
_entity_src_gen.pdbx_src_id                        1 
_entity_src_gen.pdbx_alt_source_flag               sample 
_entity_src_gen.pdbx_seq_type                      ? 
_entity_src_gen.pdbx_beg_seq_num                   ? 
_entity_src_gen.pdbx_end_seq_num                   ? 
_entity_src_gen.gene_src_common_name               ? 
_entity_src_gen.gene_src_genus                     ? 
_entity_src_gen.pdbx_gene_src_gene                 ? 
_entity_src_gen.gene_src_species                   ? 
_entity_src_gen.gene_src_strain                    ? 
_entity_src_gen.gene_src_tissue                    ? 
_entity_src_gen.gene_src_tissue_fraction           ? 
_entity_src_gen.gene_src_details                   ? 
_entity_src_gen.pdbx_gene_src_fragment             ? 
_entity_src_gen.pdbx_gene_src_scientific_name      'NOSTOC PUNCTIFORME' 
_entity_src_gen.pdbx_gene_src_ncbi_taxonomy_id     272131 
_entity_src_gen.pdbx_gene_src_variant              ? 
_entity_src_gen.pdbx_gene_src_cell_line            ? 
_entity_src_gen.pdbx_gene_src_atcc                 29133 
_entity_src_gen.pdbx_gene_src_organ                ? 
_entity_src_gen.pdbx_gene_src_organelle            ? 
_entity_src_gen.pdbx_gene_src_cell                 ? 
_entity_src_gen.pdbx_gene_src_cellular_location    ? 
_entity_src_gen.host_org_common_name               ? 
_entity_src_gen.pdbx_host_org_scientific_name      'ESCHERICHIA COLI' 
_entity_src_gen.pdbx_host_org_ncbi_taxonomy_id     562 
_entity_src_gen.host_org_genus                     ? 
_entity_src_gen.pdbx_host_org_gene                 ? 
_entity_src_gen.pdbx_host_org_organ                ? 
_entity_src_gen.host_org_species                   ? 
_entity_src_gen.pdbx_host_org_tissue               ? 
_entity_src_gen.pdbx_host_org_tissue_fraction      ? 
_entity_src_gen.pdbx_host_org_strain               ? 
_entity_src_gen.pdbx_host_org_variant              ? 
_entity_src_gen.pdbx_host_org_cell_line            ? 
_entity_src_gen.pdbx_host_org_atcc                 ? 
_entity_src_gen.pdbx_host_org_culture_collection   ? 
_entity_src_gen.pdbx_host_org_cell                 ? 
_entity_src_gen.pdbx_host_org_organelle            ? 
_entity_src_gen.pdbx_host_org_cellular_location    ? 
_entity_src_gen.pdbx_host_org_vector_type          PLASMID 
_entity_src_gen.pdbx_host_org_vector               PET28A 
_entity_src_gen.host_org_details                   ? 
_entity_src_gen.expression_system_id               ? 
_entity_src_gen.plasmid_name                       ? 
_entity_src_gen.plasmid_details                    ? 
_entity_src_gen.pdbx_description                   ? 
# 
_struct_ref.id                         1 
_struct_ref.db_name                    PDB 
_struct_ref.db_code                    2J8I 
_struct_ref.entity_id                  1 
_struct_ref.pdbx_seq_one_letter_code   ? 
_struct_ref.pdbx_align_begin           ? 
_struct_ref.pdbx_db_accession          2J8I 
_struct_ref.pdbx_db_isoform            ? 
# 
loop_
_struct_ref_seq.align_id 
_struct_ref_seq.ref_id 
_struct_ref_seq.pdbx_PDB_id_code 
_struct_ref_seq.pdbx_strand_id 
_struct_ref_seq.seq_align_beg 
_struct_ref_seq.pdbx_seq_align_beg_ins_code 
_struct_ref_seq.seq_align_end 
_struct_ref_seq.pdbx_seq_align_end_ins_code 
_struct_ref_seq.pdbx_db_accession 
_struct_ref_seq.db_align_beg 
_struct_ref_seq.pdbx_db_align_beg_ins_code 
_struct_ref_seq.db_align_end 
_struct_ref_seq.pdbx_db_align_end_ins_code 
_struct_ref_seq.pdbx_auth_seq_align_beg 
_struct_ref_seq.pdbx_auth_seq_align_end 
1 1 2J8I A 1 ? 118 ? 2J8I -19 ? 98 ? -19 98 
2 1 2J8I B 1 ? 118 ? 2J8I -19 ? 98 ? -19 98 
# 
loop_
_chem_comp.id 
_chem_comp.type 
_chem_comp.mon_nstd_flag 
_chem_comp.name 
_chem_comp.pdbx_synonyms 
_chem_comp.formula 
_chem_comp.formula_weight 
ALA 'L-peptide linking' y ALANINE         ? 'C3 H7 N O2'     89.093  
ARG 'L-peptide linking' y ARGININE        ? 'C6 H15 N4 O2 1' 175.209 
ASN 'L-peptide linking' y ASPARAGINE      ? 'C4 H8 N2 O3'    132.118 
ASP 'L-peptide linking' y 'ASPARTIC ACID' ? 'C4 H7 N O4'     133.103 
CL  non-polymer         . 'CHLORIDE ION'  ? 'Cl -1'          35.453  
GLN 'L-peptide linking' y GLUTAMINE       ? 'C5 H10 N2 O3'   146.144 
GLU 'L-peptide linking' y 'GLUTAMIC ACID' ? 'C5 H9 N O4'     147.129 
GLY 'peptide linking'   y GLYCINE         ? 'C2 H5 N O2'     75.067  
HIS 'L-peptide linking' y HISTIDINE       ? 'C6 H10 N3 O2 1' 156.162 
HOH non-polymer         . WATER           ? 'H2 O'           18.015  
ILE 'L-peptide linking' y ISOLEUCINE      ? 'C6 H13 N O2'    131.173 
LEU 'L-peptide linking' y LEUCINE         ? 'C6 H13 N O2'    131.173 
LYS 'L-peptide linking' y LYSINE          ? 'C6 H15 N2 O2 1' 147.195 
MET 'L-peptide linking' y METHIONINE      ? 'C5 H11 N O2 S'  149.211 
PHE 'L-peptide linking' y PHENYLALANINE   ? 'C9 H11 N O2'    165.189 
PRO 'L-peptide linking' y PROLINE         ? 'C5 H9 N O2'     115.130 
SER 'L-peptide linking' y SERINE          ? 'C3 H7 N O3'     105.093 
THR 'L-peptide linking' y THREONINE       ? 'C4 H9 N O3'     119.119 
TYR 'L-peptide linking' y TYROSINE        ? 'C9 H11 N O3'    181.189 
VAL 'L-peptide linking' y VALINE          ? 'C5 H11 N O2'    117.146 
# 
_exptl.entry_id          2J8I 
_exptl.method            'X-RAY DIFFRACTION' 
_exptl.crystals_number   1 
# 
_exptl_crystal.id                    1 
_exptl_crystal.density_meas          ? 
_exptl_crystal.density_Matthews      1.87 
_exptl_crystal.density_percent_sol   33.85 
_exptl_crystal.description           NONE 
# 
_exptl_crystal_grow.crystal_id      1 
_exptl_crystal_grow.method          ? 
_exptl_crystal_grow.temp            ? 
_exptl_crystal_grow.temp_details    ? 
_exptl_crystal_grow.pH              6.8 
_exptl_crystal_grow.pdbx_pH_range   ? 
_exptl_crystal_grow.pdbx_details    '30% PEG3350 100 MM NACACODYLATE PH 6.8 200MM LICL2 PROTEIN 25MG/ML' 
# 
_diffrn.id                     1 
_diffrn.ambient_temp           194 
_diffrn.ambient_temp_details   ? 
_diffrn.crystal_id             1 
# 
_diffrn_detector.diffrn_id              1 
_diffrn_detector.detector               'IMAGE PLATE' 
_diffrn_detector.type                   'RIGAKU IMAGE PLATE' 
_diffrn_detector.pdbx_collection_date   ? 
_diffrn_detector.details                ? 
# 
_diffrn_radiation.diffrn_id                        1 
_diffrn_radiation.wavelength_id                    1 
_diffrn_radiation.pdbx_monochromatic_or_laue_m_l   M 
_diffrn_radiation.monochromator                    ? 
_diffrn_radiation.pdbx_diffrn_protocol             'SINGLE WAVELENGTH' 
_diffrn_radiation.pdbx_scattering_type             x-ray 
# 
_diffrn_radiation_wavelength.id           1 
_diffrn_radiation_wavelength.wavelength   1.5418 
_diffrn_radiation_wavelength.wt           1.0 
# 
_diffrn_source.diffrn_id                   1 
_diffrn_source.source                      'ROTATING ANODE' 
_diffrn_source.type                        'RIGAKU RU200' 
_diffrn_source.pdbx_synchrotron_site       ? 
_diffrn_source.pdbx_synchrotron_beamline   ? 
_diffrn_source.pdbx_wavelength             1.5418 
_diffrn_source.pdbx_wavelength_list        ? 
# 
_reflns.pdbx_diffrn_id               1 
_reflns.pdbx_ordinal                 1 
_reflns.entry_id                     2J8I 
_reflns.observed_criterion_sigma_I   0.0 
_reflns.observed_criterion_sigma_F   ? 
_reflns.d_resolution_low             26.50 
_reflns.d_resolution_high            2.10 
_reflns.number_obs                   11358 
_reflns.number_all                   ? 
_reflns.percent_possible_obs         100.0 
_reflns.pdbx_Rmerge_I_obs            0.05 
_reflns.pdbx_Rsym_value              ? 
_reflns.pdbx_netI_over_sigmaI        23.60 
_reflns.B_iso_Wilson_estimate        ? 
_reflns.pdbx_redundancy              5.6 
# 
_reflns_shell.pdbx_diffrn_id         1 
_reflns_shell.pdbx_ordinal           1 
_reflns_shell.d_res_high             2.10 
_reflns_shell.d_res_low              2.21 
_reflns_shell.percent_possible_all   100.0 
_reflns_shell.Rmerge_I_obs           0.17 
_reflns_shell.pdbx_Rsym_value        ? 
_reflns_shell.meanI_over_sigI_obs    8.10 
_reflns_shell.pdbx_redundancy        5.7 
# 
_refine.pdbx_refine_id                           'X-RAY DIFFRACTION' 
_refine.entry_id                                 2J8I 
_refine.pdbx_diffrn_id                           1 
_refine.pdbx_TLS_residual_ADP_flag               'LIKELY RESIDUAL' 
_refine.ls_number_reflns_obs                     10813 
_refine.ls_number_reflns_all                     ? 
_refine.pdbx_ls_sigma_I                          ? 
_refine.pdbx_ls_sigma_F                          ? 
_refine.pdbx_data_cutoff_high_absF               ? 
_refine.pdbx_data_cutoff_low_absF                ? 
_refine.pdbx_data_cutoff_high_rms_absF           ? 
_refine.ls_d_res_low                             100.50 
_refine.ls_d_res_high                            2.10 
_refine.ls_percent_reflns_obs                    99.9 
_refine.ls_R_factor_obs                          0.191 
_refine.ls_R_factor_all                          ? 
_refine.ls_R_factor_R_work                       0.188 
_refine.ls_R_factor_R_free                       0.256 
_refine.ls_R_factor_R_free_error                 ? 
_refine.ls_R_factor_R_free_error_details         ? 
_refine.ls_percent_reflns_R_free                 4.800 
_refine.ls_number_reflns_R_free                  544 
_refine.ls_number_parameters                     ? 
_refine.ls_number_restraints                     ? 
_refine.occupancy_min                            ? 
_refine.occupancy_max                            ? 
_refine.correlation_coeff_Fo_to_Fc               0.950 
_refine.correlation_coeff_Fo_to_Fc_free          0.908 
_refine.B_iso_mean                               17.91 
_refine.aniso_B[1][1]                            -1.12000 
_refine.aniso_B[2][2]                            0.98000 
_refine.aniso_B[3][3]                            0.14000 
_refine.aniso_B[1][2]                            0.00000 
_refine.aniso_B[1][3]                            0.00000 
_refine.aniso_B[2][3]                            0.00000 
_refine.solvent_model_details                    MASK 
_refine.solvent_model_param_ksol                 ? 
_refine.solvent_model_param_bsol                 ? 
_refine.pdbx_solvent_vdw_probe_radii             1.20 
_refine.pdbx_solvent_ion_probe_radii             0.80 
_refine.pdbx_solvent_shrinkage_radii             0.80 
_refine.pdbx_ls_cross_valid_method               THROUGHOUT 
_refine.details                                  'HYDROGENS HAVE BEEN ADDED IN THE RIDING POSITIONS.' 
_refine.pdbx_starting_model                      'PDB ENTRY 2BM5' 
_refine.pdbx_method_to_determine_struct          'MOLECULAR REPLACEMENT' 
_refine.pdbx_isotropic_thermal_model             ? 
_refine.pdbx_stereochemistry_target_values       'MAXIMUM LIKELIHOOD' 
_refine.pdbx_stereochem_target_val_spec_case     ? 
_refine.pdbx_R_Free_selection_details            RANDOM 
_refine.pdbx_overall_ESU_R                       0.271 
_refine.pdbx_overall_ESU_R_Free                  0.220 
_refine.overall_SU_ML                            0.157 
_refine.pdbx_overall_phase_error                 ? 
_refine.overall_SU_B                             11.378 
_refine.overall_SU_R_Cruickshank_DPI             ? 
_refine.pdbx_overall_SU_R_free_Cruickshank_DPI   ? 
_refine.pdbx_overall_SU_R_Blow_DPI               ? 
_refine.pdbx_overall_SU_R_free_Blow_DPI          ? 
# 
_refine_hist.pdbx_refine_id                   'X-RAY DIFFRACTION' 
_refine_hist.cycle_id                         LAST 
_refine_hist.pdbx_number_atoms_protein        1644 
_refine_hist.pdbx_number_atoms_nucleic_acid   0 
_refine_hist.pdbx_number_atoms_ligand         1 
_refine_hist.number_atoms_solvent             104 
_refine_hist.number_atoms_total               1749 
_refine_hist.d_res_high                       2.10 
_refine_hist.d_res_low                        100.50 
# 
loop_
_refine_ls_restr.type 
_refine_ls_restr.dev_ideal 
_refine_ls_restr.dev_ideal_target 
_refine_ls_restr.weight 
_refine_ls_restr.number 
_refine_ls_restr.pdbx_refine_id 
_refine_ls_restr.pdbx_restraint_function 
r_bond_refined_d             0.014  0.021  ? 1658 'X-RAY DIFFRACTION' ? 
r_bond_other_d               ?      ?      ? ?    'X-RAY DIFFRACTION' ? 
r_angle_refined_deg          1.490  1.971  ? 2242 'X-RAY DIFFRACTION' ? 
r_angle_other_deg            ?      ?      ? ?    'X-RAY DIFFRACTION' ? 
r_dihedral_angle_1_deg       5.511  5.000  ? 220  'X-RAY DIFFRACTION' ? 
r_dihedral_angle_2_deg       32.906 25.250 ? 80   'X-RAY DIFFRACTION' ? 
r_dihedral_angle_3_deg       15.445 15.000 ? 280  'X-RAY DIFFRACTION' ? 
r_dihedral_angle_4_deg       9.200  15.000 ? 12   'X-RAY DIFFRACTION' ? 
r_chiral_restr               0.105  0.200  ? 264  'X-RAY DIFFRACTION' ? 
r_gen_planes_refined         0.005  0.020  ? 1262 'X-RAY DIFFRACTION' ? 
r_gen_planes_other           ?      ?      ? ?    'X-RAY DIFFRACTION' ? 
r_nbd_refined                0.214  0.200  ? 700  'X-RAY DIFFRACTION' ? 
r_nbd_other                  ?      ?      ? ?    'X-RAY DIFFRACTION' ? 
r_nbtor_refined              0.295  0.200  ? 1107 'X-RAY DIFFRACTION' ? 
r_nbtor_other                ?      ?      ? ?    'X-RAY DIFFRACTION' ? 
r_xyhbond_nbd_refined        0.133  0.200  ? 120  'X-RAY DIFFRACTION' ? 
r_xyhbond_nbd_other          ?      ?      ? ?    'X-RAY DIFFRACTION' ? 
r_metal_ion_refined          ?      ?      ? ?    'X-RAY DIFFRACTION' ? 
r_metal_ion_other            ?      ?      ? ?    'X-RAY DIFFRACTION' ? 
r_symmetry_vdw_refined       0.187  0.200  ? 61   'X-RAY DIFFRACTION' ? 
r_symmetry_vdw_other         ?      ?      ? ?    'X-RAY DIFFRACTION' ? 
r_symmetry_hbond_refined     0.151  0.200  ? 17   'X-RAY DIFFRACTION' ? 
r_symmetry_hbond_other       ?      ?      ? ?    'X-RAY DIFFRACTION' ? 
r_symmetry_metal_ion_refined ?      ?      ? ?    'X-RAY DIFFRACTION' ? 
r_symmetry_metal_ion_other   ?      ?      ? ?    'X-RAY DIFFRACTION' ? 
r_mcbond_it                  0.521  1.500  ? 1117 'X-RAY DIFFRACTION' ? 
r_mcbond_other               ?      ?      ? ?    'X-RAY DIFFRACTION' ? 
r_mcangle_it                 0.898  2.000  ? 1712 'X-RAY DIFFRACTION' ? 
r_mcangle_other              ?      ?      ? ?    'X-RAY DIFFRACTION' ? 
r_scbond_it                  1.682  3.000  ? 575  'X-RAY DIFFRACTION' ? 
r_scbond_other               ?      ?      ? ?    'X-RAY DIFFRACTION' ? 
r_scangle_it                 2.605  4.500  ? 530  'X-RAY DIFFRACTION' ? 
r_scangle_other              ?      ?      ? ?    'X-RAY DIFFRACTION' ? 
r_long_range_B_refined       ?      ?      ? ?    'X-RAY DIFFRACTION' ? 
r_long_range_B_other         ?      ?      ? ?    'X-RAY DIFFRACTION' ? 
r_rigid_bond_restr           ?      ?      ? ?    'X-RAY DIFFRACTION' ? 
r_sphericity_free            ?      ?      ? ?    'X-RAY DIFFRACTION' ? 
r_sphericity_bonded          ?      ?      ? ?    'X-RAY DIFFRACTION' ? 
# 
_refine_ls_shell.pdbx_refine_id                   'X-RAY DIFFRACTION' 
_refine_ls_shell.pdbx_total_number_of_bins_used   20 
_refine_ls_shell.d_res_high                       2.10 
_refine_ls_shell.d_res_low                        2.15 
_refine_ls_shell.number_reflns_R_work             761 
_refine_ls_shell.R_factor_R_work                  0.2070 
_refine_ls_shell.percent_reflns_obs               ? 
_refine_ls_shell.R_factor_R_free                  0.2500 
_refine_ls_shell.R_factor_R_free_error            ? 
_refine_ls_shell.percent_reflns_R_free            ? 
_refine_ls_shell.number_reflns_R_free             41 
_refine_ls_shell.number_reflns_all                ? 
_refine_ls_shell.R_factor_all                     ? 
# 
_struct.entry_id                  2J8I 
_struct.title                     'Structure of NP275, a pentapeptide repeat protein from Nostoc punctiforme' 
_struct.pdbx_model_details        ? 
_struct.pdbx_CASP_flag            ? 
_struct.pdbx_model_type_details   ? 
# 
_struct_keywords.entry_id        2J8I 
_struct_keywords.pdbx_keywords   TOXIN 
_struct_keywords.text            TOXIN 
# 
loop_
_struct_asym.id 
_struct_asym.pdbx_blank_PDB_chainid_flag 
_struct_asym.pdbx_modified 
_struct_asym.entity_id 
_struct_asym.details 
A N N 1 ? 
B N N 1 ? 
C N N 2 ? 
D N N 3 ? 
E N N 3 ? 
# 
_struct_biol.id   1 
# 
loop_
_struct_conf.conf_type_id 
_struct_conf.id 
_struct_conf.pdbx_PDB_helix_id 
_struct_conf.beg_label_comp_id 
_struct_conf.beg_label_asym_id 
_struct_conf.beg_label_seq_id 
_struct_conf.pdbx_beg_PDB_ins_code 
_struct_conf.end_label_comp_id 
_struct_conf.end_label_asym_id 
_struct_conf.end_label_seq_id 
_struct_conf.pdbx_end_PDB_ins_code 
_struct_conf.beg_auth_comp_id 
_struct_conf.beg_auth_asym_id 
_struct_conf.beg_auth_seq_id 
_struct_conf.end_auth_comp_id 
_struct_conf.end_auth_asym_id 
_struct_conf.end_auth_seq_id 
_struct_conf.pdbx_PDB_helix_class 
_struct_conf.details 
_struct_conf.pdbx_PDB_helix_length 
HELX_P HELX_P1 1 ASP A 22 ? GLY A 33 ? ASP A 2 GLY A 13 1 ? 12 
HELX_P HELX_P2 2 ASP B 22 ? ALA B 32 ? ASP B 2 ALA B 12 1 ? 11 
# 
_struct_conf_type.id          HELX_P 
_struct_conf_type.criteria    ? 
_struct_conf_type.reference   ? 
# 
_struct_site.id                   AC1 
_struct_site.pdbx_evidence_code   Software 
_struct_site.pdbx_auth_asym_id    ? 
_struct_site.pdbx_auth_comp_id    ? 
_struct_site.pdbx_auth_seq_id     ? 
_struct_site.pdbx_auth_ins_code   ? 
_struct_site.pdbx_num_residues    2 
_struct_site.details              'BINDING SITE FOR RESIDUE CL B1099' 
# 
loop_
_struct_site_gen.id 
_struct_site_gen.site_id 
_struct_site_gen.pdbx_num_res 
_struct_site_gen.label_comp_id 
_struct_site_gen.label_asym_id 
_struct_site_gen.label_seq_id 
_struct_site_gen.pdbx_auth_ins_code 
_struct_site_gen.auth_comp_id 
_struct_site_gen.auth_asym_id 
_struct_site_gen.auth_seq_id 
_struct_site_gen.label_atom_id 
_struct_site_gen.label_alt_id 
_struct_site_gen.symmetry 
_struct_site_gen.details 
1 AC1 2 VAL B 23 ? VAL B 3  . ? 1_555 ? 
2 AC1 2 VAL B 46 ? VAL B 26 . ? 1_555 ? 
# 
_atom_sites.entry_id                    2J8I 
_atom_sites.fract_transf_matrix[1][1]   -0.01593821 
_atom_sites.fract_transf_matrix[1][2]   -0.00187886 
_atom_sites.fract_transf_matrix[1][3]   -0.03027883 
_atom_sites.fract_transf_matrix[2][1]   -0.01412825 
_atom_sites.fract_transf_matrix[2][2]   -0.00044314 
_atom_sites.fract_transf_matrix[2][3]   0.00746434 
_atom_sites.fract_transf_matrix[3][1]   -0.00049821 
_atom_sites.fract_transf_matrix[3][2]   0.00992621 
_atom_sites.fract_transf_matrix[3][3]   -0.00035369 
_atom_sites.fract_transf_vector[1]      0.362528 
_atom_sites.fract_transf_vector[2]      0.342161 
_atom_sites.fract_transf_vector[3]      0.224612 
# 
loop_
_atom_type.symbol 
C  
CL 
N  
O  
S  
# 
loop_
_atom_site.group_PDB 
_atom_site.id 
_atom_site.type_symbol 
_atom_site.label_atom_id 
_atom_site.label_alt_id 
_atom_site.label_comp_id 
_atom_site.label_asym_id 
_atom_site.label_entity_id 
_atom_site.label_seq_id 
_atom_site.pdbx_PDB_ins_code 
_atom_site.Cartn_x 
_atom_site.Cartn_y 
_atom_site.Cartn_z 
_atom_site.occupancy 
_atom_site.B_iso_or_equiv 
_atom_site.pdbx_formal_charge 
_atom_site.auth_seq_id 
_atom_site.auth_comp_id 
_atom_site.auth_asym_id 
_atom_site.auth_atom_id 
_atom_site.pdbx_PDB_model_num 
ATOM   1    N  N   . GLY A 1 13  ? 8.618   3.361   -17.076 1.00 29.68 ? -7   GLY A N   1 
ATOM   2    C  CA  . GLY A 1 13  ? 7.152   3.694   -16.957 1.00 29.02 ? -7   GLY A CA  1 
ATOM   3    C  C   . GLY A 1 13  ? 6.472   3.211   -15.681 1.00 28.48 ? -7   GLY A C   1 
ATOM   4    O  O   . GLY A 1 13  ? 5.309   3.526   -15.438 1.00 28.83 ? -7   GLY A O   1 
ATOM   5    N  N   . LEU A 1 14  ? 7.182   2.438   -14.864 1.00 27.92 ? -6   LEU A N   1 
ATOM   6    C  CA  . LEU A 1 14  ? 6.632   2.003   -13.571 1.00 27.32 ? -6   LEU A CA  1 
ATOM   7    C  C   . LEU A 1 14  ? 6.795   3.088   -12.509 1.00 25.89 ? -6   LEU A C   1 
ATOM   8    O  O   . LEU A 1 14  ? 7.801   3.804   -12.483 1.00 25.76 ? -6   LEU A O   1 
ATOM   9    C  CB  . LEU A 1 14  ? 7.290   0.698   -13.098 1.00 27.93 ? -6   LEU A CB  1 
ATOM   10   C  CG  . LEU A 1 14  ? 6.936   -0.594  -13.847 1.00 28.90 ? -6   LEU A CG  1 
ATOM   11   C  CD1 . LEU A 1 14  ? 8.163   -1.475  -13.953 1.00 30.45 ? -6   LEU A CD1 1 
ATOM   12   C  CD2 . LEU A 1 14  ? 5.774   -1.351  -13.184 1.00 29.58 ? -6   LEU A CD2 1 
ATOM   13   N  N   . VAL A 1 15  ? 5.790   3.207   -11.647 1.00 24.44 ? -5   VAL A N   1 
ATOM   14   C  CA  . VAL A 1 15  ? 5.787   4.150   -10.529 1.00 23.12 ? -5   VAL A CA  1 
ATOM   15   C  C   . VAL A 1 15  ? 6.567   3.554   -9.350  1.00 23.21 ? -5   VAL A C   1 
ATOM   16   O  O   . VAL A 1 15  ? 6.153   2.540   -8.792  1.00 23.46 ? -5   VAL A O   1 
ATOM   17   C  CB  . VAL A 1 15  ? 4.330   4.491   -10.103 1.00 22.99 ? -5   VAL A CB  1 
ATOM   18   C  CG1 . VAL A 1 15  ? 4.292   5.446   -8.895  1.00 20.02 ? -5   VAL A CG1 1 
ATOM   19   C  CG2 . VAL A 1 15  ? 3.573   5.110   -11.267 1.00 22.97 ? -5   VAL A CG2 1 
ATOM   20   N  N   . PRO A 1 16  ? 7.723   4.147   -8.989  1.00 22.87 ? -4   PRO A N   1 
ATOM   21   C  CA  . PRO A 1 16  ? 8.506   3.574   -7.885  1.00 22.33 ? -4   PRO A CA  1 
ATOM   22   C  C   . PRO A 1 16  ? 7.798   3.645   -6.529  1.00 21.82 ? -4   PRO A C   1 
ATOM   23   O  O   . PRO A 1 16  ? 7.275   4.698   -6.147  1.00 21.56 ? -4   PRO A O   1 
ATOM   24   C  CB  . PRO A 1 16  ? 9.778   4.411   -7.874  1.00 22.84 ? -4   PRO A CB  1 
ATOM   25   C  CG  . PRO A 1 16  ? 9.432   5.647   -8.594  1.00 23.65 ? -4   PRO A CG  1 
ATOM   26   C  CD  . PRO A 1 16  ? 8.387   5.310   -9.594  1.00 22.91 ? -4   PRO A CD  1 
ATOM   27   N  N   . ARG A 1 17  ? 7.777   2.500   -5.839  1.00 20.91 ? -3   ARG A N   1 
ATOM   28   C  CA  . ARG A 1 17  ? 7.146   2.350   -4.522  1.00 20.00 ? -3   ARG A CA  1 
ATOM   29   C  C   . ARG A 1 17  ? 8.095   1.564   -3.633  1.00 20.10 ? -3   ARG A C   1 
ATOM   30   O  O   . ARG A 1 17  ? 8.899   0.757   -4.135  1.00 19.97 ? -3   ARG A O   1 
ATOM   31   C  CB  . ARG A 1 17  ? 5.814   1.600   -4.631  1.00 19.32 ? -3   ARG A CB  1 
ATOM   32   C  CG  . ARG A 1 17  ? 4.749   2.351   -5.374  1.00 17.86 ? -3   ARG A CG  1 
ATOM   33   C  CD  . ARG A 1 17  ? 3.439   1.580   -5.504  1.00 19.28 ? -3   ARG A CD  1 
ATOM   34   N  NE  . ARG A 1 17  ? 2.442   2.572   -5.871  1.00 21.00 ? -3   ARG A NE  1 
ATOM   35   C  CZ  . ARG A 1 17  ? 2.032   2.841   -7.107  1.00 19.57 ? -3   ARG A CZ  1 
ATOM   36   N  NH1 . ARG A 1 17  ? 2.460   2.115   -8.157  1.00 17.15 ? -3   ARG A NH1 1 
ATOM   37   N  NH2 . ARG A 1 17  ? 1.161   3.825   -7.273  1.00 14.86 ? -3   ARG A NH2 1 
ATOM   38   N  N   . GLY A 1 18  ? 8.003   1.790   -2.321  1.00 19.77 ? -2   GLY A N   1 
ATOM   39   C  CA  . GLY A 1 18  ? 8.844   1.073   -1.351  1.00 19.17 ? -2   GLY A CA  1 
ATOM   40   C  C   . GLY A 1 18  ? 10.206  1.737   -1.211  1.00 19.50 ? -2   GLY A C   1 
ATOM   41   O  O   . GLY A 1 18  ? 11.076  1.255   -0.484  1.00 18.40 ? -2   GLY A O   1 
ATOM   42   N  N   . SER A 1 19  ? 10.380  2.850   -1.926  1.00 19.56 ? -1   SER A N   1 
ATOM   43   C  CA  . SER A 1 19  ? 11.558  3.722   -1.785  1.00 19.98 ? -1   SER A CA  1 
ATOM   44   C  C   . SER A 1 19  ? 11.129  5.177   -1.944  1.00 19.84 ? -1   SER A C   1 
ATOM   45   O  O   . SER A 1 19  ? 10.049  5.457   -2.493  1.00 18.89 ? -1   SER A O   1 
ATOM   46   C  CB  . SER A 1 19  ? 12.655  3.362   -2.818  1.00 19.88 ? -1   SER A CB  1 
ATOM   47   O  OG  . SER A 1 19  ? 12.186  3.522   -4.159  1.00 20.13 ? -1   SER A OG  1 
ATOM   48   N  N   . HIS A 1 20  ? 11.963  6.099   -1.462  1.00 20.64 ? 0    HIS A N   1 
ATOM   49   C  CA  . HIS A 1 20  ? 11.693  7.511   -1.651  1.00 22.64 ? 0    HIS A CA  1 
ATOM   50   C  C   . HIS A 1 20  ? 11.674  7.850   -3.142  1.00 22.77 ? 0    HIS A C   1 
ATOM   51   O  O   . HIS A 1 20  ? 12.671  7.636   -3.840  1.00 22.11 ? 0    HIS A O   1 
ATOM   52   C  CB  . HIS A 1 20  ? 12.692  8.390   -0.914  1.00 23.60 ? 0    HIS A CB  1 
ATOM   53   C  CG  . HIS A 1 20  ? 12.272  9.819   -0.872  1.00 27.99 ? 0    HIS A CG  1 
ATOM   54   N  ND1 . HIS A 1 20  ? 12.576  10.710  -1.882  1.00 33.62 ? 0    HIS A ND1 1 
ATOM   55   C  CD2 . HIS A 1 20  ? 11.496  10.498  0.011   1.00 30.55 ? 0    HIS A CD2 1 
ATOM   56   C  CE1 . HIS A 1 20  ? 12.022  11.885  -1.614  1.00 34.18 ? 0    HIS A CE1 1 
ATOM   57   N  NE2 . HIS A 1 20  ? 11.372  11.784  -0.466  1.00 32.96 ? 0    HIS A NE2 1 
ATOM   58   N  N   . MET A 1 21  ? 10.531  8.317   -3.642  1.00 22.82 ? 1    MET A N   1 
ATOM   59   C  CA  . MET A 1 21  ? 10.434  8.673   -5.060  1.00 24.35 ? 1    MET A CA  1 
ATOM   60   C  C   . MET A 1 21  ? 11.269  9.923   -5.389  1.00 23.03 ? 1    MET A C   1 
ATOM   61   O  O   . MET A 1 21  ? 11.274  10.910  -4.667  1.00 21.26 ? 1    MET A O   1 
ATOM   62   C  CB  . MET A 1 21  ? 8.980   8.874   -5.513  1.00 23.84 ? 1    MET A CB  1 
ATOM   63   C  CG  . MET A 1 21  ? 8.809   9.033   -7.061  1.00 26.79 ? 1    MET A CG  1 
ATOM   64   S  SD  . MET A 1 21  ? 7.117   8.816   -7.702  1.00 29.06 ? 1    MET A SD  1 
ATOM   65   C  CE  . MET A 1 21  ? 6.228   9.464   -6.349  1.00 28.83 ? 1    MET A CE  1 
ATOM   66   N  N   . ASP A 1 22  ? 11.981  9.825   -6.496  1.00 23.00 ? 2    ASP A N   1 
ATOM   67   C  CA  . ASP A 1 22  ? 12.642  10.934  -7.126  1.00 23.44 ? 2    ASP A CA  1 
ATOM   68   C  C   . ASP A 1 22  ? 11.579  11.860  -7.733  1.00 22.43 ? 2    ASP A C   1 
ATOM   69   O  O   . ASP A 1 22  ? 10.756  11.429  -8.516  1.00 22.61 ? 2    ASP A O   1 
ATOM   70   C  CB  . ASP A 1 22  ? 13.530  10.358  -8.219  1.00 24.72 ? 2    ASP A CB  1 
ATOM   71   C  CG  . ASP A 1 22  ? 14.642  11.264  -8.608  1.00 27.91 ? 2    ASP A CG  1 
ATOM   72   O  OD1 . ASP A 1 22  ? 14.490  12.509  -8.560  1.00 31.75 ? 2    ASP A OD1 1 
ATOM   73   O  OD2 . ASP A 1 22  ? 15.700  10.706  -9.005  1.00 37.02 ? 2    ASP A OD2 1 
ATOM   74   N  N   . VAL A 1 23  ? 11.614  13.133  -7.358  1.00 22.18 ? 3    VAL A N   1 
ATOM   75   C  CA  . VAL A 1 23  ? 10.680  14.151  -7.835  1.00 21.67 ? 3    VAL A CA  1 
ATOM   76   C  C   . VAL A 1 23  ? 10.791  14.354  -9.355  1.00 21.91 ? 3    VAL A C   1 
ATOM   77   O  O   . VAL A 1 23  ? 9.784   14.542  -10.029 1.00 21.39 ? 3    VAL A O   1 
ATOM   78   C  CB  . VAL A 1 23  ? 10.817  15.459  -7.021  1.00 22.13 ? 3    VAL A CB  1 
ATOM   79   C  CG1 . VAL A 1 23  ? 10.059  16.668  -7.686  1.00 22.31 ? 3    VAL A CG1 1 
ATOM   80   C  CG2 . VAL A 1 23  ? 10.236  15.231  -5.626  1.00 22.44 ? 3    VAL A CG2 1 
ATOM   81   N  N   . GLU A 1 24  ? 12.006  14.238  -9.899  1.00 21.04 ? 4    GLU A N   1 
ATOM   82   C  CA  . GLU A 1 24  ? 12.195  14.297  -11.349 1.00 21.07 ? 4    GLU A CA  1 
ATOM   83   C  C   . GLU A 1 24  ? 11.450  13.175  -12.068 1.00 19.92 ? 4    GLU A C   1 
ATOM   84   O  O   . GLU A 1 24  ? 10.855  13.405  -13.096 1.00 20.06 ? 4    GLU A O   1 
ATOM   85   C  CB  . GLU A 1 24  ? 13.682  14.323  -11.690 1.00 21.38 ? 4    GLU A CB  1 
ATOM   86   C  CG  . GLU A 1 24  ? 14.280  15.726  -11.587 1.00 25.14 ? 4    GLU A CG  1 
ATOM   87   C  CD  . GLU A 1 24  ? 13.987  16.482  -10.272 1.00 30.42 ? 4    GLU A CD  1 
ATOM   88   O  OE1 . GLU A 1 24  ? 14.739  16.299  -9.263  1.00 33.44 ? 4    GLU A OE1 1 
ATOM   89   O  OE2 . GLU A 1 24  ? 13.034  17.295  -10.258 1.00 29.94 ? 4    GLU A OE2 1 
ATOM   90   N  N   . LYS A 1 25  ? 11.452  11.982  -11.486 1.00 19.00 ? 5    LYS A N   1 
ATOM   91   C  CA  . LYS A 1 25  ? 10.722  10.825  -11.987 1.00 17.79 ? 5    LYS A CA  1 
ATOM   92   C  C   . LYS A 1 25  ? 9.196   10.966  -11.849 1.00 16.93 ? 5    LYS A C   1 
ATOM   93   O  O   . LYS A 1 25  ? 8.438   10.593  -12.742 1.00 16.81 ? 5    LYS A O   1 
ATOM   94   C  CB  . LYS A 1 25  ? 11.159  9.602   -11.186 1.00 18.28 ? 5    LYS A CB  1 
ATOM   95   C  CG  . LYS A 1 25  ? 10.578  8.303   -11.652 1.00 19.29 ? 5    LYS A CG  1 
ATOM   96   C  CD  . LYS A 1 25  ? 11.430  7.814   -12.837 1.00 23.31 ? 5    LYS A CD  1 
ATOM   97   C  CE  . LYS A 1 25  ? 10.688  6.800   -13.660 1.00 24.83 ? 5    LYS A CE  1 
ATOM   98   N  NZ  . LYS A 1 25  ? 11.462  6.604   -14.904 1.00 24.28 ? 5    LYS A NZ  1 
ATOM   99   N  N   . LEU A 1 26  ? 8.752   11.448  -10.697 1.00 15.92 ? 6    LEU A N   1 
ATOM   100  C  CA  . LEU A 1 26  ? 7.364   11.862  -10.517 1.00 15.03 ? 6    LEU A CA  1 
ATOM   101  C  C   . LEU A 1 26  ? 6.886   12.807  -11.609 1.00 14.75 ? 6    LEU A C   1 
ATOM   102  O  O   . LEU A 1 26  ? 5.840   12.581  -12.196 1.00 15.23 ? 6    LEU A O   1 
ATOM   103  C  CB  . LEU A 1 26  ? 7.173   12.503  -9.146  1.00 14.24 ? 6    LEU A CB  1 
ATOM   104  C  CG  . LEU A 1 26  ? 5.777   13.053  -8.763  1.00 16.23 ? 6    LEU A CG  1 
ATOM   105  C  CD1 . LEU A 1 26  ? 4.669   11.991  -8.709  1.00 15.43 ? 6    LEU A CD1 1 
ATOM   106  C  CD2 . LEU A 1 26  ? 5.863   13.767  -7.409  1.00 14.45 ? 6    LEU A CD2 1 
ATOM   107  N  N   . ARG A 1 27  ? 7.645   13.876  -11.855 1.00 14.86 ? 7    ARG A N   1 
ATOM   108  C  CA  . ARG A 1 27  ? 7.289   14.905  -12.837 1.00 14.49 ? 7    ARG A CA  1 
ATOM   109  C  C   . ARG A 1 27  ? 7.223   14.313  -14.246 1.00 13.98 ? 7    ARG A C   1 
ATOM   110  O  O   . ARG A 1 27  ? 6.316   14.626  -15.008 1.00 13.54 ? 7    ARG A O   1 
ATOM   111  C  CB  . ARG A 1 27  ? 8.293   16.061  -12.832 1.00 13.97 ? 7    ARG A CB  1 
ATOM   112  C  CG  . ARG A 1 27  ? 8.247   17.018  -11.636 1.00 16.06 ? 7    ARG A CG  1 
ATOM   113  C  CD  . ARG A 1 27  ? 9.391   18.103  -11.721 1.00 16.51 ? 7    ARG A CD  1 
ATOM   114  N  NE  . ARG A 1 27  ? 9.193   19.262  -10.824 1.00 20.37 ? 7    ARG A NE  1 
ATOM   115  C  CZ  . ARG A 1 27  ? 8.325   20.260  -11.028 1.00 20.14 ? 7    ARG A CZ  1 
ATOM   116  N  NH1 . ARG A 1 27  ? 7.537   20.248  -12.107 1.00 20.68 ? 7    ARG A NH1 1 
ATOM   117  N  NH2 . ARG A 1 27  ? 8.225   21.292  -10.149 1.00 20.30 ? 7    ARG A NH2 1 
ATOM   118  N  N   . GLN A 1 28  ? 8.193   13.466  -14.599 1.00 12.14 ? 8    GLN A N   1 
ATOM   119  C  CA  . GLN A 1 28  ? 8.151   12.772  -15.884 1.00 11.94 ? 8    GLN A CA  1 
ATOM   120  C  C   . GLN A 1 28  ? 6.928   11.841  -16.035 1.00 12.01 ? 8    GLN A C   1 
ATOM   121  O  O   . GLN A 1 28  ? 6.289   11.835  -17.076 1.00 11.29 ? 8    GLN A O   1 
ATOM   122  C  CB  . GLN A 1 28  ? 9.450   12.006  -16.124 1.00 11.40 ? 8    GLN A CB  1 
ATOM   123  C  CG  . GLN A 1 28  ? 10.629  12.942  -16.440 1.00 11.87 ? 8    GLN A CG  1 
ATOM   124  C  CD  . GLN A 1 28  ? 11.991  12.353  -16.116 1.00 10.04 ? 8    GLN A CD  1 
ATOM   125  O  OE1 . GLN A 1 28  ? 12.119  11.172  -15.835 1.00 12.96 ? 8    GLN A OE1 1 
ATOM   126  N  NE2 . GLN A 1 28  ? 13.012  13.183  -16.162 1.00 9.88  ? 8    GLN A NE2 1 
ATOM   127  N  N   . LEU A 1 29  ? 6.604   11.072  -14.992 1.00 12.45 ? 9    LEU A N   1 
ATOM   128  C  CA  . LEU A 1 29  ? 5.475   10.132  -15.049 1.00 13.08 ? 9    LEU A CA  1 
ATOM   129  C  C   . LEU A 1 29  ? 4.180   10.913  -15.187 1.00 13.47 ? 9    LEU A C   1 
ATOM   130  O  O   . LEU A 1 29  ? 3.351   10.584  -16.042 1.00 14.22 ? 9    LEU A O   1 
ATOM   131  C  CB  . LEU A 1 29  ? 5.440   9.215   -13.810 1.00 13.47 ? 9    LEU A CB  1 
ATOM   132  C  CG  . LEU A 1 29  ? 6.533   8.131   -13.667 1.00 13.93 ? 9    LEU A CG  1 
ATOM   133  C  CD1 . LEU A 1 29  ? 6.632   7.690   -12.184 1.00 17.47 ? 9    LEU A CD1 1 
ATOM   134  C  CD2 . LEU A 1 29  ? 6.348   6.932   -14.579 1.00 16.06 ? 9    LEU A CD2 1 
ATOM   135  N  N   . TYR A 1 30  ? 4.011   11.953  -14.356 1.00 13.20 ? 10   TYR A N   1 
ATOM   136  C  CA  . TYR A 1 30  ? 2.862   12.860  -14.451 1.00 13.31 ? 10   TYR A CA  1 
ATOM   137  C  C   . TYR A 1 30  ? 2.706   13.465  -15.857 1.00 13.74 ? 10   TYR A C   1 
ATOM   138  O  O   . TYR A 1 30  ? 1.608   13.481  -16.398 1.00 13.93 ? 10   TYR A O   1 
ATOM   139  C  CB  . TYR A 1 30  ? 2.911   13.956  -13.372 1.00 12.69 ? 10   TYR A CB  1 
ATOM   140  C  CG  . TYR A 1 30  ? 1.650   14.804  -13.344 1.00 12.20 ? 10   TYR A CG  1 
ATOM   141  C  CD1 . TYR A 1 30  ? 1.505   15.894  -14.225 1.00 10.94 ? 10   TYR A CD1 1 
ATOM   142  C  CD2 . TYR A 1 30  ? 0.613   14.529  -12.433 1.00 10.18 ? 10   TYR A CD2 1 
ATOM   143  C  CE1 . TYR A 1 30  ? 0.358   16.656  -14.234 1.00 13.02 ? 10   TYR A CE1 1 
ATOM   144  C  CE2 . TYR A 1 30  ? -0.561  15.314  -12.426 1.00 13.35 ? 10   TYR A CE2 1 
ATOM   145  C  CZ  . TYR A 1 30  ? -0.667  16.382  -13.332 1.00 10.83 ? 10   TYR A CZ  1 
ATOM   146  O  OH  . TYR A 1 30  ? -1.789  17.158  -13.373 1.00 11.77 ? 10   TYR A OH  1 
ATOM   147  N  N   . ALA A 1 31  ? 3.813   13.912  -16.447 1.00 13.84 ? 11   ALA A N   1 
ATOM   148  C  CA  . ALA A 1 31  ? 3.815   14.490  -17.779 1.00 14.64 ? 11   ALA A CA  1 
ATOM   149  C  C   . ALA A 1 31  ? 3.484   13.454  -18.844 1.00 14.93 ? 11   ALA A C   1 
ATOM   150  O  O   . ALA A 1 31  ? 2.957   13.821  -19.892 1.00 14.42 ? 11   ALA A O   1 
ATOM   151  C  CB  . ALA A 1 31  ? 5.173   15.137  -18.084 1.00 14.79 ? 11   ALA A CB  1 
ATOM   152  N  N   . ALA A 1 32  ? 3.798   12.176  -18.570 1.00 15.56 ? 12   ALA A N   1 
ATOM   153  C  CA  . ALA A 1 32  ? 3.494   11.072  -19.492 1.00 15.68 ? 12   ALA A CA  1 
ATOM   154  C  C   . ALA A 1 32  ? 2.029   10.650  -19.430 1.00 15.66 ? 12   ALA A C   1 
ATOM   155  O  O   . ALA A 1 32  ? 1.560   9.873   -20.270 1.00 15.82 ? 12   ALA A O   1 
ATOM   156  C  CB  . ALA A 1 32  ? 4.425   9.864   -19.245 1.00 16.50 ? 12   ALA A CB  1 
ATOM   157  N  N   . GLY A 1 33  ? 1.305   11.144  -18.437 1.00 15.12 ? 13   GLY A N   1 
ATOM   158  C  CA  . GLY A 1 33  ? -0.132  10.854  -18.330 1.00 15.24 ? 13   GLY A CA  1 
ATOM   159  C  C   . GLY A 1 33  ? -0.488  10.019  -17.101 1.00 15.25 ? 13   GLY A C   1 
ATOM   160  O  O   . GLY A 1 33  ? -1.668  9.812   -16.790 1.00 14.69 ? 13   GLY A O   1 
ATOM   161  N  N   . GLU A 1 34  ? 0.535   9.536   -16.396 1.00 15.18 ? 14   GLU A N   1 
ATOM   162  C  CA  . GLU A 1 34  ? 0.306   8.702   -15.215 1.00 15.44 ? 14   GLU A CA  1 
ATOM   163  C  C   . GLU A 1 34  ? -0.373  9.490   -14.065 1.00 14.82 ? 14   GLU A C   1 
ATOM   164  O  O   . GLU A 1 34  ? 0.036   10.603  -13.714 1.00 15.12 ? 14   GLU A O   1 
ATOM   165  C  CB  . GLU A 1 34  ? 1.603   8.025   -14.748 1.00 15.30 ? 14   GLU A CB  1 
ATOM   166  C  CG  . GLU A 1 34  ? 1.442   7.209   -13.460 1.00 16.20 ? 14   GLU A CG  1 
ATOM   167  C  CD  . GLU A 1 34  ? 0.637   5.929   -13.690 1.00 17.02 ? 14   GLU A CD  1 
ATOM   168  O  OE1 . GLU A 1 34  ? 1.108   5.068   -14.442 1.00 17.44 ? 14   GLU A OE1 1 
ATOM   169  O  OE2 . GLU A 1 34  ? -0.472  5.799   -13.136 1.00 17.66 ? 14   GLU A OE2 1 
ATOM   170  N  N   . ARG A 1 35  ? -1.432  8.916   -13.507 1.00 14.27 ? 15   ARG A N   1 
ATOM   171  C  CA  . ARG A 1 35  ? -2.164  9.581   -12.420 1.00 14.45 ? 15   ARG A CA  1 
ATOM   172  C  C   . ARG A 1 35  ? -2.149  8.787   -11.130 1.00 14.39 ? 15   ARG A C   1 
ATOM   173  O  O   . ARG A 1 35  ? -2.426  9.347   -10.089 1.00 14.46 ? 15   ARG A O   1 
ATOM   174  C  CB  . ARG A 1 35  ? -3.614  9.955   -12.824 1.00 14.21 ? 15   ARG A CB  1 
ATOM   175  C  CG  . ARG A 1 35  ? -3.725  11.108  -13.850 1.00 13.64 ? 15   ARG A CG  1 
ATOM   176  C  CD  . ARG A 1 35  ? -2.954  12.374  -13.385 1.00 13.62 ? 15   ARG A CD  1 
ATOM   177  N  NE  . ARG A 1 35  ? -2.939  13.495  -14.341 1.00 11.44 ? 15   ARG A NE  1 
ATOM   178  C  CZ  . ARG A 1 35  ? -1.954  13.742  -15.199 1.00 13.70 ? 15   ARG A CZ  1 
ATOM   179  N  NH1 . ARG A 1 35  ? -0.874  12.935  -15.276 1.00 12.28 ? 15   ARG A NH1 1 
ATOM   180  N  NH2 . ARG A 1 35  ? -2.047  14.797  -15.998 1.00 12.14 ? 15   ARG A NH2 1 
ATOM   181  N  N   . ASP A 1 36  ? -1.800  7.496   -11.193 1.00 14.46 ? 16   ASP A N   1 
ATOM   182  C  CA  . ASP A 1 36  ? -1.823  6.653   -9.998  1.00 14.77 ? 16   ASP A CA  1 
ATOM   183  C  C   . ASP A 1 36  ? -0.496  6.666   -9.226  1.00 14.09 ? 16   ASP A C   1 
ATOM   184  O  O   . ASP A 1 36  ? 0.410   5.902   -9.504  1.00 14.12 ? 16   ASP A O   1 
ATOM   185  C  CB  . ASP A 1 36  ? -2.236  5.205   -10.324 1.00 15.15 ? 16   ASP A CB  1 
ATOM   186  C  CG  . ASP A 1 36  ? -2.625  4.417   -9.076  1.00 16.60 ? 16   ASP A CG  1 
ATOM   187  O  OD1 . ASP A 1 36  ? -2.493  4.939   -7.947  1.00 16.37 ? 16   ASP A OD1 1 
ATOM   188  O  OD2 . ASP A 1 36  ? -3.080  3.263   -9.223  1.00 20.08 ? 16   ASP A OD2 1 
ATOM   189  N  N   . PHE A 1 37  ? -0.435  7.518   -8.210  1.00 13.84 ? 17   PHE A N   1 
ATOM   190  C  CA  . PHE A 1 37  ? 0.699   7.574   -7.315  1.00 13.31 ? 17   PHE A CA  1 
ATOM   191  C  C   . PHE A 1 37  ? 0.268   7.179   -5.925  1.00 13.21 ? 17   PHE A C   1 
ATOM   192  O  O   . PHE A 1 37  ? 0.764   7.720   -4.968  1.00 13.30 ? 17   PHE A O   1 
ATOM   193  C  CB  . PHE A 1 37  ? 1.295   8.995   -7.348  1.00 13.18 ? 17   PHE A CB  1 
ATOM   194  C  CG  . PHE A 1 37  ? 1.694   9.414   -8.707  1.00 14.18 ? 17   PHE A CG  1 
ATOM   195  C  CD1 . PHE A 1 37  ? 2.802   8.839   -9.320  1.00 13.07 ? 17   PHE A CD1 1 
ATOM   196  C  CD2 . PHE A 1 37  ? 0.956   10.352  -9.403  1.00 13.66 ? 17   PHE A CD2 1 
ATOM   197  C  CE1 . PHE A 1 37  ? 3.200   9.236   -10.613 1.00 14.36 ? 17   PHE A CE1 1 
ATOM   198  C  CE2 . PHE A 1 37  ? 1.331   10.733  -10.696 1.00 13.12 ? 17   PHE A CE2 1 
ATOM   199  C  CZ  . PHE A 1 37  ? 2.462   10.162  -11.299 1.00 14.31 ? 17   PHE A CZ  1 
ATOM   200  N  N   . SER A 1 38  ? -0.666  6.230   -5.838  1.00 13.17 ? 18   SER A N   1 
ATOM   201  C  CA  . SER A 1 38  ? -1.063  5.612   -4.587  1.00 13.86 ? 18   SER A CA  1 
ATOM   202  C  C   . SER A 1 38  ? 0.155   5.096   -3.856  1.00 13.54 ? 18   SER A C   1 
ATOM   203  O  O   . SER A 1 38  ? 1.069   4.538   -4.483  1.00 13.94 ? 18   SER A O   1 
ATOM   204  C  CB  . SER A 1 38  ? -2.006  4.420   -4.845  1.00 14.44 ? 18   SER A CB  1 
ATOM   205  O  OG  . SER A 1 38  ? -3.290  4.864   -5.266  1.00 17.11 ? 18   SER A OG  1 
ATOM   206  N  N   . ILE A 1 39  ? 0.128   5.266   -2.530  1.00 13.45 ? 19   ILE A N   1 
ATOM   207  C  CA  . ILE A 1 39  ? 1.107   4.719   -1.577  1.00 12.81 ? 19   ILE A CA  1 
ATOM   208  C  C   . ILE A 1 39  ? 2.598   5.055   -1.860  1.00 12.76 ? 19   ILE A C   1 
ATOM   209  O  O   . ILE A 1 39  ? 3.495   4.362   -1.387  1.00 13.22 ? 19   ILE A O   1 
ATOM   210  C  CB  . ILE A 1 39  ? 0.861   3.180   -1.298  1.00 12.82 ? 19   ILE A CB  1 
ATOM   211  C  CG1 . ILE A 1 39  ? 1.201   2.321   -2.533  1.00 12.33 ? 19   ILE A CG1 1 
ATOM   212  C  CG2 . ILE A 1 39  ? -0.600  2.975   -0.724  1.00 13.34 ? 19   ILE A CG2 1 
ATOM   213  C  CD1 . ILE A 1 39  ? 1.501   0.833   -2.273  1.00 12.46 ? 19   ILE A CD1 1 
ATOM   214  N  N   . VAL A 1 40  ? 2.852   6.115   -2.621  1.00 12.51 ? 20   VAL A N   1 
ATOM   215  C  CA  . VAL A 1 40  ? 4.241   6.522   -2.869  1.00 12.55 ? 20   VAL A CA  1 
ATOM   216  C  C   . VAL A 1 40  ? 4.863   7.202   -1.629  1.00 13.13 ? 20   VAL A C   1 
ATOM   217  O  O   . VAL A 1 40  ? 4.138   7.686   -0.729  1.00 12.45 ? 20   VAL A O   1 
ATOM   218  C  CB  . VAL A 1 40  ? 4.409   7.412   -4.143  1.00 12.10 ? 20   VAL A CB  1 
ATOM   219  C  CG1 . VAL A 1 40  ? 3.998   6.665   -5.388  1.00 10.13 ? 20   VAL A CG1 1 
ATOM   220  C  CG2 . VAL A 1 40  ? 3.646   8.816   -3.994  1.00 11.77 ? 20   VAL A CG2 1 
ATOM   221  N  N   . ASP A 1 41  ? 6.193   7.180   -1.580  1.00 12.21 ? 21   ASP A N   1 
ATOM   222  C  CA  . ASP A 1 41  ? 6.934   7.802   -0.512  1.00 13.14 ? 21   ASP A CA  1 
ATOM   223  C  C   . ASP A 1 41  ? 7.566   9.097   -1.060  1.00 13.36 ? 21   ASP A C   1 
ATOM   224  O  O   . ASP A 1 41  ? 8.551   9.035   -1.794  1.00 13.29 ? 21   ASP A O   1 
ATOM   225  C  CB  . ASP A 1 41  ? 8.017   6.845   0.031   1.00 12.07 ? 21   ASP A CB  1 
ATOM   226  C  CG  . ASP A 1 41  ? 8.816   7.455   1.190   1.00 12.85 ? 21   ASP A CG  1 
ATOM   227  O  OD1 . ASP A 1 41  ? 8.504   8.588   1.621   1.00 10.11 ? 21   ASP A OD1 1 
ATOM   228  O  OD2 . ASP A 1 41  ? 9.758   6.806   1.678   1.00 12.90 ? 21   ASP A OD2 1 
ATOM   229  N  N   . LEU A 1 42  ? 6.962   10.227  -0.699  1.00 13.32 ? 22   LEU A N   1 
ATOM   230  C  CA  . LEU A 1 42  ? 7.387   11.600  -1.058  1.00 14.30 ? 22   LEU A CA  1 
ATOM   231  C  C   . LEU A 1 42  ? 7.673   12.435  0.198   1.00 14.50 ? 22   LEU A C   1 
ATOM   232  O  O   . LEU A 1 42  ? 7.513   13.674  0.191   1.00 13.97 ? 22   LEU A O   1 
ATOM   233  C  CB  . LEU A 1 42  ? 6.278   12.297  -1.874  1.00 13.45 ? 22   LEU A CB  1 
ATOM   234  C  CG  . LEU A 1 42  ? 6.061   11.795  -3.296  1.00 15.26 ? 22   LEU A CG  1 
ATOM   235  C  CD1 . LEU A 1 42  ? 4.758   12.363  -3.918  1.00 12.34 ? 22   LEU A CD1 1 
ATOM   236  C  CD2 . LEU A 1 42  ? 7.321   12.098  -4.171  1.00 13.96 ? 22   LEU A CD2 1 
ATOM   237  N  N   . ARG A 1 43  ? 8.095   11.750  1.266   1.00 14.89 ? 23   ARG A N   1 
ATOM   238  C  CA  . ARG A 1 43  ? 8.435   12.388  2.530   1.00 15.53 ? 23   ARG A CA  1 
ATOM   239  C  C   . ARG A 1 43  ? 9.591   13.353  2.360   1.00 15.54 ? 23   ARG A C   1 
ATOM   240  O  O   . ARG A 1 43  ? 10.613  12.978  1.800   1.00 14.39 ? 23   ARG A O   1 
ATOM   241  C  CB  . ARG A 1 43  ? 8.802   11.309  3.554   1.00 15.79 ? 23   ARG A CB  1 
ATOM   242  C  CG  . ARG A 1 43  ? 7.531   10.702  4.177   1.00 17.42 ? 23   ARG A CG  1 
ATOM   243  C  CD  . ARG A 1 43  ? 7.871   9.659   5.228   1.00 18.84 ? 23   ARG A CD  1 
ATOM   244  N  NE  . ARG A 1 43  ? 8.638   8.564   4.644   1.00 17.36 ? 23   ARG A NE  1 
ATOM   245  C  CZ  . ARG A 1 43  ? 9.099   7.534   5.336   1.00 16.98 ? 23   ARG A CZ  1 
ATOM   246  N  NH1 . ARG A 1 43  ? 8.886   7.483   6.637   1.00 17.32 ? 23   ARG A NH1 1 
ATOM   247  N  NH2 . ARG A 1 43  ? 9.784   6.576   4.731   1.00 16.15 ? 23   ARG A NH2 1 
ATOM   248  N  N   . GLY A 1 44  ? 9.422   14.595  2.829   1.00 15.45 ? 24   GLY A N   1 
ATOM   249  C  CA  . GLY A 1 44  ? 10.488  15.588  2.736   1.00 15.63 ? 24   GLY A CA  1 
ATOM   250  C  C   . GLY A 1 44  ? 10.806  16.029  1.312   1.00 15.78 ? 24   GLY A C   1 
ATOM   251  O  O   . GLY A 1 44  ? 11.788  16.730  1.089   1.00 16.14 ? 24   GLY A O   1 
ATOM   252  N  N   . ALA A 1 45  ? 9.986   15.628  0.347   1.00 15.39 ? 25   ALA A N   1 
ATOM   253  C  CA  . ALA A 1 45  ? 10.278  15.905  -1.073  1.00 15.27 ? 25   ALA A CA  1 
ATOM   254  C  C   . ALA A 1 45  ? 10.175  17.407  -1.406  1.00 15.01 ? 25   ALA A C   1 
ATOM   255  O  O   . ALA A 1 45  ? 9.384   18.119  -0.799  1.00 15.53 ? 25   ALA A O   1 
ATOM   256  C  CB  . ALA A 1 45  ? 9.367   15.069  -2.004  1.00 14.27 ? 25   ALA A CB  1 
ATOM   257  N  N   . VAL A 1 46  ? 11.004  17.876  -2.340  1.00 15.02 ? 26   VAL A N   1 
ATOM   258  C  CA  . VAL A 1 46  ? 10.925  19.258  -2.821  1.00 15.59 ? 26   VAL A CA  1 
ATOM   259  C  C   . VAL A 1 46  ? 9.917   19.292  -3.994  1.00 15.80 ? 26   VAL A C   1 
ATOM   260  O  O   . VAL A 1 46  ? 10.223  18.968  -5.146  1.00 15.93 ? 26   VAL A O   1 
ATOM   261  C  CB  . VAL A 1 46  ? 12.331  19.821  -3.181  1.00 16.41 ? 26   VAL A CB  1 
ATOM   262  C  CG1 . VAL A 1 46  ? 12.260  21.349  -3.539  1.00 13.96 ? 26   VAL A CG1 1 
ATOM   263  C  CG2 . VAL A 1 46  ? 13.347  19.546  -2.049  1.00 16.11 ? 26   VAL A CG2 1 
ATOM   264  N  N   . LEU A 1 47  ? 8.672   19.554  -3.655  1.00 16.07 ? 27   LEU A N   1 
ATOM   265  C  CA  . LEU A 1 47  ? 7.596   19.568  -4.639  1.00 16.68 ? 27   LEU A CA  1 
ATOM   266  C  C   . LEU A 1 47  ? 7.077   20.991  -4.908  1.00 16.01 ? 27   LEU A C   1 
ATOM   267  O  O   . LEU A 1 47  ? 6.005   21.166  -5.432  1.00 15.65 ? 27   LEU A O   1 
ATOM   268  C  CB  . LEU A 1 47  ? 6.463   18.687  -4.168  1.00 16.47 ? 27   LEU A CB  1 
ATOM   269  C  CG  . LEU A 1 47  ? 6.850   17.200  -4.071  1.00 18.02 ? 27   LEU A CG  1 
ATOM   270  C  CD1 . LEU A 1 47  ? 5.843   16.387  -3.260  1.00 16.62 ? 27   LEU A CD1 1 
ATOM   271  C  CD2 . LEU A 1 47  ? 7.085   16.607  -5.466  1.00 17.38 ? 27   LEU A CD2 1 
ATOM   272  N  N   . GLU A 1 48  ? 7.854   21.990  -4.506  1.00 15.63 ? 28   GLU A N   1 
ATOM   273  C  CA  . GLU A 1 48  ? 7.458   23.394  -4.649  1.00 15.12 ? 28   GLU A CA  1 
ATOM   274  C  C   . GLU A 1 48  ? 7.012   23.712  -6.096  1.00 14.32 ? 28   GLU A C   1 
ATOM   275  O  O   . GLU A 1 48  ? 7.677   23.337  -7.042  1.00 12.51 ? 28   GLU A O   1 
ATOM   276  C  CB  . GLU A 1 48  ? 8.675   24.244  -4.295  1.00 15.47 ? 28   GLU A CB  1 
ATOM   277  C  CG  . GLU A 1 48  ? 8.440   25.727  -4.341  1.00 17.62 ? 28   GLU A CG  1 
ATOM   278  C  CD  . GLU A 1 48  ? 9.520   26.458  -3.578  1.00 19.19 ? 28   GLU A CD  1 
ATOM   279  O  OE1 . GLU A 1 48  ? 10.546  25.809  -3.253  1.00 16.47 ? 28   GLU A OE1 1 
ATOM   280  O  OE2 . GLU A 1 48  ? 9.303   27.651  -3.274  1.00 21.51 ? 28   GLU A OE2 1 
ATOM   281  N  N   . ASN A 1 49  ? 5.876   24.392  -6.257  1.00 14.13 ? 29   ASN A N   1 
ATOM   282  C  CA  . ASN A 1 49  ? 5.378   24.783  -7.582  1.00 14.11 ? 29   ASN A CA  1 
ATOM   283  C  C   . ASN A 1 49  ? 4.842   23.648  -8.461  1.00 13.61 ? 29   ASN A C   1 
ATOM   284  O  O   . ASN A 1 49  ? 4.361   23.933  -9.558  1.00 13.75 ? 29   ASN A O   1 
ATOM   285  C  CB  . ASN A 1 49  ? 6.471   25.545  -8.373  1.00 13.58 ? 29   ASN A CB  1 
ATOM   286  C  CG  . ASN A 1 49  ? 6.866   26.869  -7.717  1.00 14.89 ? 29   ASN A CG  1 
ATOM   287  O  OD1 . ASN A 1 49  ? 8.036   27.319  -7.884  1.00 17.53 ? 29   ASN A OD1 1 
ATOM   288  N  ND2 . ASN A 1 49  ? 5.968   27.481  -6.998  1.00 10.19 ? 29   ASN A ND2 1 
ATOM   289  N  N   . ILE A 1 50  ? 4.945   22.401  -8.020  1.00 13.08 ? 30   ILE A N   1 
ATOM   290  C  CA  . ILE A 1 50  ? 4.563   21.312  -8.888  1.00 13.65 ? 30   ILE A CA  1 
ATOM   291  C  C   . ILE A 1 50  ? 3.056   21.290  -9.217  1.00 13.68 ? 30   ILE A C   1 
ATOM   292  O  O   . ILE A 1 50  ? 2.213   21.651  -8.387  1.00 13.60 ? 30   ILE A O   1 
ATOM   293  C  CB  . ILE A 1 50  ? 5.017   19.921  -8.325  1.00 13.86 ? 30   ILE A CB  1 
ATOM   294  C  CG1 . ILE A 1 50  ? 5.057   18.844  -9.425  1.00 14.62 ? 30   ILE A CG1 1 
ATOM   295  C  CG2 . ILE A 1 50  ? 4.143   19.480  -7.132  1.00 14.54 ? 30   ILE A CG2 1 
ATOM   296  C  CD1 . ILE A 1 50  ? 5.664   17.489  -8.950  1.00 14.20 ? 30   ILE A CD1 1 
ATOM   297  N  N   . ASN A 1 51  ? 2.736   20.875  -10.442 1.00 14.04 ? 31   ASN A N   1 
ATOM   298  C  CA  . ASN A 1 51  ? 1.345   20.581  -10.805 1.00 14.12 ? 31   ASN A CA  1 
ATOM   299  C  C   . ASN A 1 51  ? 1.108   19.062  -10.668 1.00 14.66 ? 31   ASN A C   1 
ATOM   300  O  O   . ASN A 1 51  ? 1.612   18.262  -11.459 1.00 13.84 ? 31   ASN A O   1 
ATOM   301  C  CB  . ASN A 1 51  ? 0.993   21.092  -12.217 1.00 14.14 ? 31   ASN A CB  1 
ATOM   302  C  CG  . ASN A 1 51  ? -0.531  21.039  -12.516 1.00 15.44 ? 31   ASN A CG  1 
ATOM   303  O  OD1 . ASN A 1 51  ? -1.307  20.378  -11.814 1.00 15.35 ? 31   ASN A OD1 1 
ATOM   304  N  ND2 . ASN A 1 51  ? -0.955  21.773  -13.537 1.00 15.91 ? 31   ASN A ND2 1 
ATOM   305  N  N   . LEU A 1 52  ? 0.358   18.681  -9.628  1.00 14.78 ? 32   LEU A N   1 
ATOM   306  C  CA  . LEU A 1 52  ? -0.106  17.297  -9.421  1.00 14.93 ? 32   LEU A CA  1 
ATOM   307  C  C   . LEU A 1 52  ? -1.631  17.263  -9.420  1.00 15.14 ? 32   LEU A C   1 
ATOM   308  O  O   . LEU A 1 52  ? -2.254  16.399  -8.802  1.00 15.19 ? 32   LEU A O   1 
ATOM   309  C  CB  . LEU A 1 52  ? 0.430   16.728  -8.085  1.00 14.85 ? 32   LEU A CB  1 
ATOM   310  C  CG  . LEU A 1 52  ? 1.953   16.457  -8.068  1.00 14.71 ? 32   LEU A CG  1 
ATOM   311  C  CD1 . LEU A 1 52  ? 2.447   16.130  -6.630  1.00 13.09 ? 32   LEU A CD1 1 
ATOM   312  C  CD2 . LEU A 1 52  ? 2.320   15.365  -9.056  1.00 12.63 ? 32   LEU A CD2 1 
ATOM   313  N  N   . SER A 1 53  ? -2.235  18.199  -10.125 1.00 15.33 ? 33   SER A N   1 
ATOM   314  C  CA  . SER A 1 53  ? -3.681  18.229  -10.174 1.00 15.45 ? 33   SER A CA  1 
ATOM   315  C  C   . SER A 1 53  ? -4.241  16.889  -10.763 1.00 15.06 ? 33   SER A C   1 
ATOM   316  O  O   . SER A 1 53  ? -3.722  16.336  -11.742 1.00 14.80 ? 33   SER A O   1 
ATOM   317  C  CB  . SER A 1 53  ? -4.170  19.489  -10.898 1.00 15.46 ? 33   SER A CB  1 
ATOM   318  O  OG  . SER A 1 53  ? -3.809  19.478  -12.274 1.00 16.36 ? 33   SER A OG  1 
ATOM   319  N  N   . GLY A 1 54  ? -5.258  16.350  -10.091 1.00 14.87 ? 34   GLY A N   1 
ATOM   320  C  CA  . GLY A 1 54  ? -5.881  15.112  -10.516 1.00 15.15 ? 34   GLY A CA  1 
ATOM   321  C  C   . GLY A 1 54  ? -5.110  13.859  -10.124 1.00 15.07 ? 34   GLY A C   1 
ATOM   322  O  O   . GLY A 1 54  ? -5.555  12.754  -10.430 1.00 14.81 ? 34   GLY A O   1 
ATOM   323  N  N   . ALA A 1 55  ? -3.957  14.017  -9.464  1.00 14.70 ? 35   ALA A N   1 
ATOM   324  C  CA  . ALA A 1 55  ? -3.139  12.862  -9.099  1.00 15.34 ? 35   ALA A CA  1 
ATOM   325  C  C   . ALA A 1 55  ? -3.827  12.028  -8.049  1.00 14.43 ? 35   ALA A C   1 
ATOM   326  O  O   . ALA A 1 55  ? -4.308  12.562  -7.058  1.00 15.40 ? 35   ALA A O   1 
ATOM   327  C  CB  . ALA A 1 55  ? -1.713  13.308  -8.581  1.00 14.98 ? 35   ALA A CB  1 
ATOM   328  N  N   . ILE A 1 56  ? -3.848  10.716  -8.229  1.00 15.09 ? 36   ILE A N   1 
ATOM   329  C  CA  . ILE A 1 56  ? -4.217  9.831   -7.133  1.00 15.28 ? 36   ILE A CA  1 
ATOM   330  C  C   . ILE A 1 56  ? -3.027  9.641   -6.195  1.00 15.24 ? 36   ILE A C   1 
ATOM   331  O  O   . ILE A 1 56  ? -2.023  9.045   -6.578  1.00 15.36 ? 36   ILE A O   1 
ATOM   332  C  CB  . ILE A 1 56  ? -4.734  8.444   -7.640  1.00 16.27 ? 36   ILE A CB  1 
ATOM   333  C  CG1 . ILE A 1 56  ? -5.821  8.641   -8.695  1.00 16.40 ? 36   ILE A CG1 1 
ATOM   334  C  CG2 . ILE A 1 56  ? -5.241  7.589   -6.460  1.00 16.03 ? 36   ILE A CG2 1 
ATOM   335  C  CD1 . ILE A 1 56  ? -6.002  7.440   -9.626  1.00 19.45 ? 36   ILE A CD1 1 
ATOM   336  N  N   . LEU A 1 57  ? -3.153  10.152  -4.974  1.00 14.60 ? 37   LEU A N   1 
ATOM   337  C  CA  . LEU A 1 57  ? -2.155  10.046  -3.907  1.00 14.37 ? 37   LEU A CA  1 
ATOM   338  C  C   . LEU A 1 57  ? -2.718  9.372   -2.645  1.00 14.13 ? 37   LEU A C   1 
ATOM   339  O  O   . LEU A 1 57  ? -2.332  9.711   -1.513  1.00 14.31 ? 37   LEU A O   1 
ATOM   340  C  CB  . LEU A 1 57  ? -1.598  11.437  -3.590  1.00 14.21 ? 37   LEU A CB  1 
ATOM   341  C  CG  . LEU A 1 57  ? -0.662  11.927  -4.717  1.00 14.06 ? 37   LEU A CG  1 
ATOM   342  C  CD1 . LEU A 1 57  ? -0.656  13.445  -4.841  1.00 12.25 ? 37   LEU A CD1 1 
ATOM   343  C  CD2 . LEU A 1 57  ? 0.782   11.386  -4.517  1.00 11.85 ? 37   LEU A CD2 1 
ATOM   344  N  N   . HIS A 1 58  ? -3.644  8.434   -2.859  1.00 13.86 ? 38   HIS A N   1 
ATOM   345  C  CA  . HIS A 1 58  ? -4.278  7.681   -1.789  1.00 13.97 ? 38   HIS A CA  1 
ATOM   346  C  C   . HIS A 1 58  ? -3.237  6.900   -0.961  1.00 13.80 ? 38   HIS A C   1 
ATOM   347  O  O   . HIS A 1 58  ? -2.445  6.145   -1.504  1.00 14.12 ? 38   HIS A O   1 
ATOM   348  C  CB  . HIS A 1 58  ? -5.335  6.723   -2.377  1.00 13.97 ? 38   HIS A CB  1 
ATOM   349  C  CG  . HIS A 1 58  ? -5.989  5.834   -1.359  1.00 14.00 ? 38   HIS A CG  1 
ATOM   350  N  ND1 . HIS A 1 58  ? -6.945  6.291   -0.480  1.00 14.09 ? 38   HIS A ND1 1 
ATOM   351  C  CD2 . HIS A 1 58  ? -5.810  4.526   -1.075  1.00 11.70 ? 38   HIS A CD2 1 
ATOM   352  C  CE1 . HIS A 1 58  ? -7.335  5.298   0.299   1.00 12.99 ? 38   HIS A CE1 1 
ATOM   353  N  NE2 . HIS A 1 58  ? -6.655  4.217   -0.042  1.00 13.68 ? 38   HIS A NE2 1 
ATOM   354  N  N   . GLY A 1 59  ? -3.233  7.116   0.353   1.00 13.86 ? 39   GLY A N   1 
ATOM   355  C  CA  . GLY A 1 59  ? -2.307  6.426   1.260   1.00 13.80 ? 39   GLY A CA  1 
ATOM   356  C  C   . GLY A 1 59  ? -0.839  6.797   1.024   1.00 13.73 ? 39   GLY A C   1 
ATOM   357  O  O   . GLY A 1 59  ? 0.052   6.132   1.534   1.00 13.68 ? 39   GLY A O   1 
ATOM   358  N  N   . ALA A 1 60  ? -0.582  7.864   0.273   1.00 13.87 ? 40   ALA A N   1 
ATOM   359  C  CA  . ALA A 1 60  ? 0.799   8.280   0.010   1.00 14.34 ? 40   ALA A CA  1 
ATOM   360  C  C   . ALA A 1 60  ? 1.387   8.980   1.233   1.00 14.88 ? 40   ALA A C   1 
ATOM   361  O  O   . ALA A 1 60  ? 0.649   9.493   2.066   1.00 14.63 ? 40   ALA A O   1 
ATOM   362  C  CB  . ALA A 1 60  ? 0.880   9.191   -1.224  1.00 13.57 ? 40   ALA A CB  1 
ATOM   363  N  N   . MET A 1 61  ? 2.718   8.992   1.334   1.00 15.74 ? 41   MET A N   1 
ATOM   364  C  CA  . MET A 1 61  ? 3.395   9.650   2.449   1.00 16.06 ? 41   MET A CA  1 
ATOM   365  C  C   . MET A 1 61  ? 4.043   10.912  1.899   1.00 15.75 ? 41   MET A C   1 
ATOM   366  O  O   . MET A 1 61  ? 4.909   10.829  1.021   1.00 15.43 ? 41   MET A O   1 
ATOM   367  C  CB  . MET A 1 61  ? 4.447   8.737   3.086   1.00 15.73 ? 41   MET A CB  1 
ATOM   368  C  CG  . MET A 1 61  ? 3.885   7.503   3.791   1.00 17.03 ? 41   MET A CG  1 
ATOM   369  S  SD  . MET A 1 61  ? 5.145   6.500   4.605   1.00 17.76 ? 41   MET A SD  1 
ATOM   370  C  CE  . MET A 1 61  ? 6.094   5.963   3.180   1.00 17.09 ? 41   MET A CE  1 
ATOM   371  N  N   . LEU A 1 62  ? 3.574   12.065  2.384   1.00 15.74 ? 42   LEU A N   1 
ATOM   372  C  CA  . LEU A 1 62  ? 4.071   13.383  1.983   1.00 16.74 ? 42   LEU A CA  1 
ATOM   373  C  C   . LEU A 1 62  ? 4.494   14.146  3.226   1.00 16.29 ? 42   LEU A C   1 
ATOM   374  O  O   . LEU A 1 62  ? 4.585   15.364  3.198   1.00 16.44 ? 42   LEU A O   1 
ATOM   375  C  CB  . LEU A 1 62  ? 2.976   14.176  1.230   1.00 17.37 ? 42   LEU A CB  1 
ATOM   376  C  CG  . LEU A 1 62  ? 2.640   13.667  -0.186  1.00 18.36 ? 42   LEU A CG  1 
ATOM   377  C  CD1 . LEU A 1 62  ? 1.148   13.493  -0.359  1.00 20.06 ? 42   LEU A CD1 1 
ATOM   378  C  CD2 . LEU A 1 62  ? 3.198   14.508  -1.292  1.00 18.31 ? 42   LEU A CD2 1 
ATOM   379  N  N   . ASP A 1 63  ? 4.747   13.436  4.324   1.00 16.12 ? 43   ASP A N   1 
ATOM   380  C  CA  . ASP A 1 63  ? 5.101   14.112  5.589   1.00 16.65 ? 43   ASP A CA  1 
ATOM   381  C  C   . ASP A 1 63  ? 6.266   15.068  5.336   1.00 16.35 ? 43   ASP A C   1 
ATOM   382  O  O   . ASP A 1 63  ? 7.213   14.694  4.654   1.00 15.95 ? 43   ASP A O   1 
ATOM   383  C  CB  . ASP A 1 63  ? 5.529   13.130  6.677   1.00 16.43 ? 43   ASP A CB  1 
ATOM   384  C  CG  . ASP A 1 63  ? 4.642   11.918  6.780   1.00 18.51 ? 43   ASP A CG  1 
ATOM   385  O  OD1 . ASP A 1 63  ? 4.192   11.361  5.753   1.00 20.70 ? 43   ASP A OD1 1 
ATOM   386  O  OD2 . ASP A 1 63  ? 4.460   11.460  7.925   1.00 21.36 ? 43   ASP A OD2 1 
ATOM   387  N  N   . GLU A 1 64  ? 6.186   16.295  5.860   1.00 16.44 ? 44   GLU A N   1 
ATOM   388  C  CA  . GLU A 1 64  ? 7.318   17.257  5.783   1.00 16.91 ? 44   GLU A CA  1 
ATOM   389  C  C   . GLU A 1 64  ? 7.720   17.692  4.355   1.00 16.46 ? 44   GLU A C   1 
ATOM   390  O  O   . GLU A 1 64  ? 8.759   18.326  4.166   1.00 17.48 ? 44   GLU A O   1 
ATOM   391  C  CB  . GLU A 1 64  ? 8.557   16.692  6.527   1.00 17.30 ? 44   GLU A CB  1 
ATOM   392  C  CG  . GLU A 1 64  ? 8.283   16.189  7.953   1.00 18.33 ? 44   GLU A CG  1 
ATOM   393  C  CD  . GLU A 1 64  ? 8.474   17.270  9.001   1.00 20.79 ? 44   GLU A CD  1 
ATOM   394  O  OE1 . GLU A 1 64  ? 8.769   18.428  8.619   1.00 22.41 ? 44   GLU A OE1 1 
ATOM   395  O  OE2 . GLU A 1 64  ? 8.360   16.961  10.212  1.00 22.02 ? 44   GLU A OE2 1 
ATOM   396  N  N   . ALA A 1 65  ? 6.908   17.382  3.351   1.00 16.18 ? 45   ALA A N   1 
ATOM   397  C  CA  . ALA A 1 65  ? 7.228   17.768  1.958   1.00 16.00 ? 45   ALA A CA  1 
ATOM   398  C  C   . ALA A 1 65  ? 7.119   19.282  1.780   1.00 15.54 ? 45   ALA A C   1 
ATOM   399  O  O   . ALA A 1 65  ? 6.337   19.923  2.460   1.00 15.96 ? 45   ALA A O   1 
ATOM   400  C  CB  . ALA A 1 65  ? 6.277   17.060  0.978   1.00 16.08 ? 45   ALA A CB  1 
ATOM   401  N  N   . ASN A 1 66  ? 7.930   19.841  0.892   1.00 15.56 ? 46   ASN A N   1 
ATOM   402  C  CA  . ASN A 1 66  ? 7.782   21.225  0.436   1.00 15.34 ? 46   ASN A CA  1 
ATOM   403  C  C   . ASN A 1 66  ? 6.750   21.233  -0.709  1.00 14.92 ? 46   ASN A C   1 
ATOM   404  O  O   . ASN A 1 66  ? 7.088   20.912  -1.865  1.00 15.09 ? 46   ASN A O   1 
ATOM   405  C  CB  . ASN A 1 66  ? 9.146   21.747  -0.063  1.00 14.67 ? 46   ASN A CB  1 
ATOM   406  C  CG  . ASN A 1 66  ? 9.075   23.148  -0.662  1.00 14.88 ? 46   ASN A CG  1 
ATOM   407  O  OD1 . ASN A 1 66  ? 8.007   23.741  -0.795  1.00 12.10 ? 46   ASN A OD1 1 
ATOM   408  N  ND2 . ASN A 1 66  ? 10.232  23.693  -1.002  1.00 11.34 ? 46   ASN A ND2 1 
ATOM   409  N  N   . LEU A 1 67  ? 5.515   21.585  -0.386  1.00 14.82 ? 47   LEU A N   1 
ATOM   410  C  CA  . LEU A 1 67  ? 4.451   21.723  -1.373  1.00 15.27 ? 47   LEU A CA  1 
ATOM   411  C  C   . LEU A 1 67  ? 4.038   23.189  -1.584  1.00 15.13 ? 47   LEU A C   1 
ATOM   412  O  O   . LEU A 1 67  ? 2.887   23.473  -1.885  1.00 15.57 ? 47   LEU A O   1 
ATOM   413  C  CB  . LEU A 1 67  ? 3.258   20.844  -0.959  1.00 14.71 ? 47   LEU A CB  1 
ATOM   414  C  CG  . LEU A 1 67  ? 3.502   19.339  -1.260  1.00 15.38 ? 47   LEU A CG  1 
ATOM   415  C  CD1 . LEU A 1 67  ? 2.660   18.440  -0.313  1.00 15.89 ? 47   LEU A CD1 1 
ATOM   416  C  CD2 . LEU A 1 67  ? 3.209   18.998  -2.765  1.00 12.48 ? 47   LEU A CD2 1 
ATOM   417  N  N   . GLN A 1 68  ? 4.984   24.117  -1.429  1.00 15.61 ? 48   GLN A N   1 
ATOM   418  C  CA  . GLN A 1 68  ? 4.660   25.537  -1.519  1.00 15.88 ? 48   GLN A CA  1 
ATOM   419  C  C   . GLN A 1 68  ? 4.206   25.837  -2.947  1.00 16.02 ? 48   GLN A C   1 
ATOM   420  O  O   . GLN A 1 68  ? 4.909   25.501  -3.907  1.00 14.99 ? 48   GLN A O   1 
ATOM   421  C  CB  . GLN A 1 68  ? 5.875   26.420  -1.176  1.00 16.18 ? 48   GLN A CB  1 
ATOM   422  C  CG  . GLN A 1 68  ? 6.465   26.250  0.231   1.00 15.13 ? 48   GLN A CG  1 
ATOM   423  C  CD  . GLN A 1 68  ? 7.691   27.137  0.438   1.00 16.71 ? 48   GLN A CD  1 
ATOM   424  O  OE1 . GLN A 1 68  ? 7.607   28.355  0.311   1.00 13.38 ? 48   GLN A OE1 1 
ATOM   425  N  NE2 . GLN A 1 68  ? 8.832   26.526  0.742   1.00 14.75 ? 48   GLN A NE2 1 
ATOM   426  N  N   . GLN A 1 69  ? 3.034   26.468  -3.071  1.00 16.72 ? 49   GLN A N   1 
ATOM   427  C  CA  . GLN A 1 69  ? 2.434   26.815  -4.354  1.00 17.65 ? 49   GLN A CA  1 
ATOM   428  C  C   . GLN A 1 69  ? 2.103   25.637  -5.268  1.00 17.09 ? 49   GLN A C   1 
ATOM   429  O  O   . GLN A 1 69  ? 1.843   25.826  -6.466  1.00 16.58 ? 49   GLN A O   1 
ATOM   430  C  CB  . GLN A 1 69  ? 3.308   27.872  -5.095  1.00 19.40 ? 49   GLN A CB  1 
ATOM   431  C  CG  . GLN A 1 69  ? 2.852   29.300  -4.783  1.00 23.96 ? 49   GLN A CG  1 
ATOM   432  C  CD  . GLN A 1 69  ? 3.614   29.962  -3.651  1.00 29.52 ? 49   GLN A CD  1 
ATOM   433  O  OE1 . GLN A 1 69  ? 4.447   30.835  -3.907  1.00 31.87 ? 49   GLN A OE1 1 
ATOM   434  N  NE2 . GLN A 1 69  ? 3.323   29.589  -2.400  1.00 30.42 ? 49   GLN A NE2 1 
ATOM   435  N  N   . ALA A 1 70  ? 2.083   24.425  -4.708  1.00 16.79 ? 50   ALA A N   1 
ATOM   436  C  CA  . ALA A 1 70  ? 1.751   23.231  -5.471  1.00 16.52 ? 50   ALA A CA  1 
ATOM   437  C  C   . ALA A 1 70  ? 0.310   23.329  -5.950  1.00 16.87 ? 50   ALA A C   1 
ATOM   438  O  O   . ALA A 1 70  ? -0.551  23.861  -5.247  1.00 17.22 ? 50   ALA A O   1 
ATOM   439  C  CB  . ALA A 1 70  ? 1.945   21.954  -4.622  1.00 16.13 ? 50   ALA A CB  1 
ATOM   440  N  N   . ASN A 1 71  ? 0.050   22.813  -7.141  1.00 17.18 ? 51   ASN A N   1 
ATOM   441  C  CA  . ASN A 1 71  ? -1.315  22.590  -7.588  1.00 17.19 ? 51   ASN A CA  1 
ATOM   442  C  C   . ASN A 1 71  ? -1.708  21.145  -7.261  1.00 17.03 ? 51   ASN A C   1 
ATOM   443  O  O   . ASN A 1 71  ? -1.251  20.222  -7.926  1.00 16.50 ? 51   ASN A O   1 
ATOM   444  C  CB  . ASN A 1 71  ? -1.462  22.834  -9.094  1.00 17.30 ? 51   ASN A CB  1 
ATOM   445  C  CG  . ASN A 1 71  ? -2.928  22.805  -9.555  1.00 15.61 ? 51   ASN A CG  1 
ATOM   446  O  OD1 . ASN A 1 71  ? -3.810  22.421  -8.814  1.00 15.14 ? 51   ASN A OD1 1 
ATOM   447  N  ND2 . ASN A 1 71  ? -3.173  23.224  -10.781 1.00 14.13 ? 51   ASN A ND2 1 
ATOM   448  N  N   . LEU A 1 72  ? -2.556  20.983  -6.241  1.00 17.38 ? 52   LEU A N   1 
ATOM   449  C  CA  . LEU A 1 72  ? -3.124  19.688  -5.876  1.00 17.86 ? 52   LEU A CA  1 
ATOM   450  C  C   . LEU A 1 72  ? -4.632  19.704  -6.071  1.00 18.24 ? 52   LEU A C   1 
ATOM   451  O  O   . LEU A 1 72  ? -5.368  18.961  -5.395  1.00 18.48 ? 52   LEU A O   1 
ATOM   452  C  CB  . LEU A 1 72  ? -2.787  19.367  -4.418  1.00 17.84 ? 52   LEU A CB  1 
ATOM   453  C  CG  . LEU A 1 72  ? -1.283  19.071  -4.216  1.00 19.40 ? 52   LEU A CG  1 
ATOM   454  C  CD1 . LEU A 1 72  ? -0.882  19.482  -2.806  1.00 18.74 ? 52   LEU A CD1 1 
ATOM   455  C  CD2 . LEU A 1 72  ? -0.981  17.575  -4.515  1.00 20.17 ? 52   LEU A CD2 1 
ATOM   456  N  N   . SER A 1 73  ? -5.098  20.570  -6.961  1.00 18.74 ? 53   SER A N   1 
ATOM   457  C  CA  . SER A 1 73  ? -6.519  20.660  -7.182  1.00 19.60 ? 53   SER A CA  1 
ATOM   458  C  C   . SER A 1 73  ? -7.057  19.321  -7.732  1.00 19.65 ? 53   SER A C   1 
ATOM   459  O  O   . SER A 1 73  ? -6.476  18.712  -8.645  1.00 19.79 ? 53   SER A O   1 
ATOM   460  C  CB  . SER A 1 73  ? -6.890  21.866  -8.044  1.00 19.72 ? 53   SER A CB  1 
ATOM   461  O  OG  . SER A 1 73  ? -6.419  21.728  -9.359  1.00 20.11 ? 53   SER A OG  1 
ATOM   462  N  N   . ARG A 1 74  ? -8.127  18.846  -7.103  1.00 20.21 ? 54   ARG A N   1 
ATOM   463  C  CA  . ARG A 1 74  ? -8.792  17.571  -7.426  1.00 20.53 ? 54   ARG A CA  1 
ATOM   464  C  C   . ARG A 1 74  ? -7.935  16.347  -7.208  1.00 19.75 ? 54   ARG A C   1 
ATOM   465  O  O   . ARG A 1 74  ? -8.247  15.287  -7.721  1.00 19.38 ? 54   ARG A O   1 
ATOM   466  C  CB  . ARG A 1 74  ? -9.388  17.552  -8.835  1.00 21.31 ? 54   ARG A CB  1 
ATOM   467  C  CG  . ARG A 1 74  ? -10.543 18.522  -9.032  1.00 24.82 ? 54   ARG A CG  1 
ATOM   468  C  CD  . ARG A 1 74  ? -10.043 19.811  -9.745  1.00 28.78 ? 54   ARG A CD  1 
ATOM   469  N  NE  . ARG A 1 74  ? -10.796 21.022  -9.370  1.00 31.73 ? 54   ARG A NE  1 
ATOM   470  C  CZ  . ARG A 1 74  ? -10.439 22.258  -9.711  1.00 33.66 ? 54   ARG A CZ  1 
ATOM   471  N  NH1 . ARG A 1 74  ? -9.349  22.453  -10.453 1.00 35.74 ? 54   ARG A NH1 1 
ATOM   472  N  NH2 . ARG A 1 74  ? -11.169 23.302  -9.325  1.00 34.42 ? 54   ARG A NH2 1 
ATOM   473  N  N   . ALA A 1 75  ? -6.858  16.487  -6.445  1.00 18.95 ? 55   ALA A N   1 
ATOM   474  C  CA  . ALA A 1 75  ? -6.016  15.337  -6.110  1.00 18.61 ? 55   ALA A CA  1 
ATOM   475  C  C   . ALA A 1 75  ? -6.730  14.463  -5.086  1.00 17.92 ? 55   ALA A C   1 
ATOM   476  O  O   . ALA A 1 75  ? -7.314  14.973  -4.144  1.00 18.45 ? 55   ALA A O   1 
ATOM   477  C  CB  . ALA A 1 75  ? -4.655  15.804  -5.569  1.00 18.45 ? 55   ALA A CB  1 
ATOM   478  N  N   . ASP A 1 76  ? -6.682  13.141  -5.275  1.00 17.56 ? 56   ASP A N   1 
ATOM   479  C  CA  . ASP A 1 76  ? -7.157  12.194  -4.261  1.00 17.06 ? 56   ASP A CA  1 
ATOM   480  C  C   . ASP A 1 76  ? -6.047  11.992  -3.212  1.00 16.42 ? 56   ASP A C   1 
ATOM   481  O  O   . ASP A 1 76  ? -5.111  11.227  -3.418  1.00 17.42 ? 56   ASP A O   1 
ATOM   482  C  CB  . ASP A 1 76  ? -7.560  10.862  -4.918  1.00 16.68 ? 56   ASP A CB  1 
ATOM   483  C  CG  . ASP A 1 76  ? -8.121  9.843   -3.918  1.00 16.97 ? 56   ASP A CG  1 
ATOM   484  O  OD1 . ASP A 1 76  ? -8.296  10.164  -2.719  1.00 19.29 ? 56   ASP A OD1 1 
ATOM   485  O  OD2 . ASP A 1 76  ? -8.376  8.695   -4.339  1.00 20.00 ? 56   ASP A OD2 1 
ATOM   486  N  N   . LEU A 1 77  ? -6.130  12.722  -2.112  1.00 16.47 ? 57   LEU A N   1 
ATOM   487  C  CA  . LEU A 1 77  ? -5.198  12.565  -1.004  1.00 16.08 ? 57   LEU A CA  1 
ATOM   488  C  C   . LEU A 1 77  ? -5.831  11.760  0.148   1.00 16.17 ? 57   LEU A C   1 
ATOM   489  O  O   . LEU A 1 77  ? -5.397  11.868  1.301   1.00 15.77 ? 57   LEU A O   1 
ATOM   490  C  CB  . LEU A 1 77  ? -4.736  13.954  -0.511  1.00 16.22 ? 57   LEU A CB  1 
ATOM   491  C  CG  . LEU A 1 77  ? -3.787  14.746  -1.404  1.00 15.51 ? 57   LEU A CG  1 
ATOM   492  C  CD1 . LEU A 1 77  ? -3.855  16.287  -1.164  1.00 16.07 ? 57   LEU A CD1 1 
ATOM   493  C  CD2 . LEU A 1 77  ? -2.372  14.228  -1.177  1.00 15.18 ? 57   LEU A CD2 1 
ATOM   494  N  N   . SER A 1 78  ? -6.830  10.930  -0.155  1.00 16.33 ? 58   SER A N   1 
ATOM   495  C  CA  . SER A 1 78  ? -7.492  10.178  0.916   1.00 17.42 ? 58   SER A CA  1 
ATOM   496  C  C   . SER A 1 78  ? -6.517  9.215   1.593   1.00 17.44 ? 58   SER A C   1 
ATOM   497  O  O   . SER A 1 78  ? -5.784  8.475   0.927   1.00 17.65 ? 58   SER A O   1 
ATOM   498  C  CB  . SER A 1 78  ? -8.774  9.463   0.441   1.00 17.59 ? 58   SER A CB  1 
ATOM   499  O  OG  . SER A 1 78  ? -8.496  8.617   -0.675  1.00 19.19 ? 58   SER A OG  1 
ATOM   500  N  N   . GLY A 1 79  ? -6.494  9.260   2.922   1.00 17.29 ? 59   GLY A N   1 
ATOM   501  C  CA  . GLY A 1 79  ? -5.583  8.437   3.707   1.00 17.43 ? 59   GLY A CA  1 
ATOM   502  C  C   . GLY A 1 79  ? -4.114  8.793   3.575   1.00 17.39 ? 59   GLY A C   1 
ATOM   503  O  O   . GLY A 1 79  ? -3.245  8.043   4.020   1.00 17.11 ? 59   GLY A O   1 
ATOM   504  N  N   . ALA A 1 80  ? -3.805  9.938   2.981   1.00 17.37 ? 60   ALA A N   1 
ATOM   505  C  CA  . ALA A 1 80  ? -2.394  10.309  2.811   1.00 17.21 ? 60   ALA A CA  1 
ATOM   506  C  C   . ALA A 1 80  ? -1.893  10.974  4.090   1.00 16.99 ? 60   ALA A C   1 
ATOM   507  O  O   . ALA A 1 80  ? -2.695  11.523  4.867   1.00 16.51 ? 60   ALA A O   1 
ATOM   508  C  CB  . ALA A 1 80  ? -2.189  11.223  1.577   1.00 17.47 ? 60   ALA A CB  1 
ATOM   509  N  N   . THR A 1 81  ? -0.589  10.882  4.353   1.00 16.96 ? 61   THR A N   1 
ATOM   510  C  CA  . THR A 1 81  ? -0.047  11.597  5.515   1.00 17.13 ? 61   THR A CA  1 
ATOM   511  C  C   . THR A 1 81  ? 0.731   12.800  5.037   1.00 17.26 ? 61   THR A C   1 
ATOM   512  O  O   . THR A 1 81  ? 1.521   12.703  4.106   1.00 16.54 ? 61   THR A O   1 
ATOM   513  C  CB  . THR A 1 81  ? 0.839   10.735  6.418   1.00 17.46 ? 61   THR A CB  1 
ATOM   514  O  OG1 . THR A 1 81  ? 1.787   10.017  5.629   1.00 17.61 ? 61   THR A OG1 1 
ATOM   515  C  CG2 . THR A 1 81  ? 0.002   9.758   7.259   1.00 17.86 ? 61   THR A CG2 1 
ATOM   516  N  N   . LEU A 1 82  ? 0.454   13.939  5.664   1.00 17.23 ? 62   LEU A N   1 
ATOM   517  C  CA  . LEU A 1 82  ? 1.024   15.214  5.282   1.00 17.78 ? 62   LEU A CA  1 
ATOM   518  C  C   . LEU A 1 82  ? 1.533   15.942  6.534   1.00 17.58 ? 62   LEU A C   1 
ATOM   519  O  O   . LEU A 1 82  ? 1.609   17.169  6.527   1.00 17.20 ? 62   LEU A O   1 
ATOM   520  C  CB  . LEU A 1 82  ? -0.021  16.077  4.550   1.00 17.74 ? 62   LEU A CB  1 
ATOM   521  C  CG  . LEU A 1 82  ? -0.424  15.576  3.155   1.00 19.92 ? 62   LEU A CG  1 
ATOM   522  C  CD1 . LEU A 1 82  ? -1.782  14.833  3.187   1.00 21.32 ? 62   LEU A CD1 1 
ATOM   523  C  CD2 . LEU A 1 82  ? -0.417  16.678  2.116   1.00 21.17 ? 62   LEU A CD2 1 
ATOM   524  N  N   . ASN A 1 83  ? 1.899   15.178  7.577   1.00 17.78 ? 63   ASN A N   1 
ATOM   525  C  CA  . ASN A 1 83  ? 2.411   15.760  8.837   1.00 18.23 ? 63   ASN A CA  1 
ATOM   526  C  C   . ASN A 1 83  ? 3.524   16.744  8.591   1.00 17.56 ? 63   ASN A C   1 
ATOM   527  O  O   . ASN A 1 83  ? 4.539   16.385  7.990   1.00 16.91 ? 63   ASN A O   1 
ATOM   528  C  CB  . ASN A 1 83  ? 2.965   14.703  9.800   1.00 18.82 ? 63   ASN A CB  1 
ATOM   529  C  CG  . ASN A 1 83  ? 1.940   13.703  10.219  1.00 20.54 ? 63   ASN A CG  1 
ATOM   530  O  OD1 . ASN A 1 83  ? 1.437   12.941  9.390   1.00 23.60 ? 63   ASN A OD1 1 
ATOM   531  N  ND2 . ASN A 1 83  ? 1.650   13.656  11.517  1.00 19.67 ? 63   ASN A ND2 1 
ATOM   532  N  N   . GLY A 1 84  ? 3.333   17.979  9.077   1.00 17.58 ? 64   GLY A N   1 
ATOM   533  C  CA  . GLY A 1 84  ? 4.343   19.014  8.948   1.00 17.34 ? 64   GLY A CA  1 
ATOM   534  C  C   . GLY A 1 84  ? 4.662   19.432  7.517   1.00 17.10 ? 64   GLY A C   1 
ATOM   535  O  O   . GLY A 1 84  ? 5.667   20.106  7.299   1.00 17.10 ? 64   GLY A O   1 
ATOM   536  N  N   . ALA A 1 85  ? 3.837   19.059  6.535   1.00 17.26 ? 65   ALA A N   1 
ATOM   537  C  CA  . ALA A 1 85  ? 4.106   19.490  5.139   1.00 17.48 ? 65   ALA A CA  1 
ATOM   538  C  C   . ALA A 1 85  ? 3.919   21.004  4.981   1.00 17.67 ? 65   ALA A C   1 
ATOM   539  O  O   . ALA A 1 85  ? 3.124   21.617  5.677   1.00 17.28 ? 65   ALA A O   1 
ATOM   540  C  CB  . ALA A 1 85  ? 3.242   18.723  4.119   1.00 17.77 ? 65   ALA A CB  1 
ATOM   541  N  N   . ASP A 1 86  ? 4.695   21.605  4.090   1.00 17.87 ? 66   ASP A N   1 
ATOM   542  C  CA  . ASP A 1 86  ? 4.636   23.037  3.858   1.00 17.64 ? 66   ASP A CA  1 
ATOM   543  C  C   . ASP A 1 86  ? 3.734   23.253  2.633   1.00 17.71 ? 66   ASP A C   1 
ATOM   544  O  O   . ASP A 1 86  ? 4.176   23.083  1.505   1.00 17.11 ? 66   ASP A O   1 
ATOM   545  C  CB  . ASP A 1 86  ? 6.052   23.548  3.608   1.00 18.00 ? 66   ASP A CB  1 
ATOM   546  C  CG  . ASP A 1 86  ? 6.115   25.048  3.401   1.00 17.17 ? 66   ASP A CG  1 
ATOM   547  O  OD1 . ASP A 1 86  ? 5.057   25.721  3.305   1.00 16.10 ? 66   ASP A OD1 1 
ATOM   548  O  OD2 . ASP A 1 86  ? 7.246   25.566  3.331   1.00 17.12 ? 66   ASP A OD2 1 
ATOM   549  N  N   . LEU A 1 87  ? 2.469   23.609  2.885   1.00 17.18 ? 67   LEU A N   1 
ATOM   550  C  CA  . LEU A 1 87  ? 1.439   23.757  1.846   1.00 16.79 ? 67   LEU A CA  1 
ATOM   551  C  C   . LEU A 1 87  ? 1.050   25.227  1.678   1.00 17.09 ? 67   LEU A C   1 
ATOM   552  O  O   . LEU A 1 87  ? -0.078  25.559  1.296   1.00 16.68 ? 67   LEU A O   1 
ATOM   553  C  CB  . LEU A 1 87  ? 0.219   22.905  2.198   1.00 16.84 ? 67   LEU A CB  1 
ATOM   554  C  CG  . LEU A 1 87  ? 0.337   21.397  1.917   1.00 15.54 ? 67   LEU A CG  1 
ATOM   555  C  CD1 . LEU A 1 87  ? -0.611  20.647  2.787   1.00 16.29 ? 67   LEU A CD1 1 
ATOM   556  C  CD2 . LEU A 1 87  ? 0.036   21.143  0.462   1.00 14.47 ? 67   LEU A CD2 1 
ATOM   557  N  N   . ARG A 1 88  ? 2.011   26.108  1.946   1.00 16.25 ? 68   ARG A N   1 
ATOM   558  C  CA  . ARG A 1 88  ? 1.779   27.529  1.801   1.00 15.24 ? 68   ARG A CA  1 
ATOM   559  C  C   . ARG A 1 88  ? 1.449   27.844  0.352   1.00 15.57 ? 68   ARG A C   1 
ATOM   560  O  O   . ARG A 1 88  ? 2.216   27.501  -0.562  1.00 15.78 ? 68   ARG A O   1 
ATOM   561  C  CB  . ARG A 1 88  ? 2.981   28.335  2.281   1.00 14.63 ? 68   ARG A CB  1 
ATOM   562  C  CG  . ARG A 1 88  ? 3.113   28.400  3.772   1.00 12.27 ? 68   ARG A CG  1 
ATOM   563  C  CD  . ARG A 1 88  ? 4.281   29.265  4.182   1.00 10.12 ? 68   ARG A CD  1 
ATOM   564  N  NE  . ARG A 1 88  ? 5.576   28.625  3.896   1.00 8.47  ? 68   ARG A NE  1 
ATOM   565  C  CZ  . ARG A 1 88  ? 6.753   29.231  4.048   1.00 10.48 ? 68   ARG A CZ  1 
ATOM   566  N  NH1 . ARG A 1 88  ? 6.827   30.472  4.466   1.00 8.65  ? 68   ARG A NH1 1 
ATOM   567  N  NH2 . ARG A 1 88  ? 7.870   28.590  3.743   1.00 14.46 ? 68   ARG A NH2 1 
ATOM   568  N  N   . GLY A 1 89  ? 0.310   28.501  0.131   1.00 15.98 ? 69   GLY A N   1 
ATOM   569  C  CA  . GLY A 1 89  ? -0.088  28.909  -1.225  1.00 16.61 ? 69   GLY A CA  1 
ATOM   570  C  C   . GLY A 1 89  ? -0.511  27.740  -2.124  1.00 17.02 ? 69   GLY A C   1 
ATOM   571  O  O   . GLY A 1 89  ? -0.718  27.934  -3.320  1.00 17.62 ? 69   GLY A O   1 
ATOM   572  N  N   . ALA A 1 90  ? -0.650  26.545  -1.555  1.00 16.67 ? 70   ALA A N   1 
ATOM   573  C  CA  . ALA A 1 90  ? -1.037  25.335  -2.326  1.00 16.37 ? 70   ALA A CA  1 
ATOM   574  C  C   . ALA A 1 90  ? -2.537  25.317  -2.641  1.00 16.50 ? 70   ALA A C   1 
ATOM   575  O  O   . ALA A 1 90  ? -3.376  25.755  -1.833  1.00 16.57 ? 70   ALA A O   1 
ATOM   576  C  CB  . ALA A 1 90  ? -0.659  24.066  -1.587  1.00 16.23 ? 70   ALA A CB  1 
ATOM   577  N  N   . ASN A 1 91  ? -2.857  24.817  -3.822  1.00 16.28 ? 71   ASN A N   1 
ATOM   578  C  CA  . ASN A 1 91  ? -4.235  24.826  -4.276  1.00 16.07 ? 71   ASN A CA  1 
ATOM   579  C  C   . ASN A 1 91  ? -4.772  23.438  -3.955  1.00 16.52 ? 71   ASN A C   1 
ATOM   580  O  O   . ASN A 1 91  ? -4.371  22.488  -4.584  1.00 16.39 ? 71   ASN A O   1 
ATOM   581  C  CB  . ASN A 1 91  ? -4.278  25.144  -5.776  1.00 15.54 ? 71   ASN A CB  1 
ATOM   582  C  CG  . ASN A 1 91  ? -5.696  25.208  -6.343  1.00 12.83 ? 71   ASN A CG  1 
ATOM   583  O  OD1 . ASN A 1 91  ? -6.720  25.098  -5.623  1.00 14.08 ? 71   ASN A OD1 1 
ATOM   584  N  ND2 . ASN A 1 91  ? -5.763  25.335  -7.668  1.00 13.16 ? 71   ASN A ND2 1 
ATOM   585  N  N   . LEU A 1 92  ? -5.629  23.340  -2.933  1.00 16.54 ? 72   LEU A N   1 
ATOM   586  C  CA  . LEU A 1 92  ? -6.246  22.067  -2.536  1.00 16.87 ? 72   LEU A CA  1 
ATOM   587  C  C   . LEU A 1 92  ? -7.737  22.030  -2.907  1.00 17.02 ? 72   LEU A C   1 
ATOM   588  O  O   . LEU A 1 92  ? -8.503  21.245  -2.353  1.00 17.38 ? 72   LEU A O   1 
ATOM   589  C  CB  . LEU A 1 92  ? -6.058  21.833  -1.041  1.00 16.75 ? 72   LEU A CB  1 
ATOM   590  C  CG  . LEU A 1 92  ? -4.670  21.338  -0.593  1.00 17.46 ? 72   LEU A CG  1 
ATOM   591  C  CD1 . LEU A 1 92  ? -4.490  21.529  0.930   1.00 18.43 ? 72   LEU A CD1 1 
ATOM   592  C  CD2 . LEU A 1 92  ? -4.599  19.860  -0.918  1.00 18.01 ? 72   LEU A CD2 1 
ATOM   593  N  N   . SER A 1 93  ? -8.151  22.866  -3.857  1.00 17.69 ? 73   SER A N   1 
ATOM   594  C  CA  . SER A 1 93  ? -9.565  22.949  -4.161  1.00 18.66 ? 73   SER A CA  1 
ATOM   595  C  C   . SER A 1 93  ? -10.101 21.666  -4.778  1.00 18.05 ? 73   SER A C   1 
ATOM   596  O  O   . SER A 1 93  ? -9.456  21.015  -5.631  1.00 17.99 ? 73   SER A O   1 
ATOM   597  C  CB  . SER A 1 93  ? -9.942  24.216  -4.934  1.00 19.39 ? 73   SER A CB  1 
ATOM   598  O  OG  . SER A 1 93  ? -9.603  24.116  -6.294  1.00 22.41 ? 73   SER A OG  1 
ATOM   599  N  N   . LYS A 1 94  ? -11.259 21.254  -4.267  1.00 18.18 ? 74   LYS A N   1 
ATOM   600  C  CA  . LYS A 1 94  ? -11.884 19.994  -4.653  1.00 18.36 ? 74   LYS A CA  1 
ATOM   601  C  C   . LYS A 1 94  ? -11.018 18.740  -4.429  1.00 18.32 ? 74   LYS A C   1 
ATOM   602  O  O   . LYS A 1 94  ? -11.363 17.662  -4.901  1.00 18.21 ? 74   LYS A O   1 
ATOM   603  C  CB  . LYS A 1 94  ? -12.357 20.054  -6.113  1.00 18.54 ? 74   LYS A CB  1 
ATOM   604  C  CG  . LYS A 1 94  ? -13.420 21.102  -6.422  1.00 19.54 ? 74   LYS A CG  1 
ATOM   605  C  CD  . LYS A 1 94  ? -13.744 21.068  -7.902  1.00 23.47 ? 74   LYS A CD  1 
ATOM   606  C  CE  . LYS A 1 94  ? -14.901 21.951  -8.274  1.00 25.79 ? 74   LYS A CE  1 
ATOM   607  N  NZ  . LYS A 1 94  ? -14.608 23.373  -7.922  1.00 29.03 ? 74   LYS A NZ  1 
ATOM   608  N  N   . ALA A 1 95  ? -9.906  18.865  -3.714  1.00 18.09 ? 75   ALA A N   1 
ATOM   609  C  CA  . ALA A 1 95  ? -9.102  17.687  -3.357  1.00 18.14 ? 75   ALA A CA  1 
ATOM   610  C  C   . ALA A 1 95  ? -9.818  16.843  -2.287  1.00 18.15 ? 75   ALA A C   1 
ATOM   611  O  O   . ALA A 1 95  ? -10.556 17.371  -1.447  1.00 17.73 ? 75   ALA A O   1 
ATOM   612  C  CB  . ALA A 1 95  ? -7.733  18.105  -2.876  1.00 18.09 ? 75   ALA A CB  1 
ATOM   613  N  N   . ASP A 1 96  ? -9.584  15.532  -2.319  1.00 17.92 ? 76   ASP A N   1 
ATOM   614  C  CA  . ASP A 1 96  ? -10.160 14.616  -1.345  1.00 17.76 ? 76   ASP A CA  1 
ATOM   615  C  C   . ASP A 1 96  ? -9.182  14.471  -0.182  1.00 16.93 ? 76   ASP A C   1 
ATOM   616  O  O   . ASP A 1 96  ? -8.124  13.875  -0.319  1.00 17.07 ? 76   ASP A O   1 
ATOM   617  C  CB  . ASP A 1 96  ? -10.408 13.232  -1.996  1.00 17.81 ? 76   ASP A CB  1 
ATOM   618  C  CG  . ASP A 1 96  ? -11.431 12.385  -1.247  1.00 18.81 ? 76   ASP A CG  1 
ATOM   619  O  OD1 . ASP A 1 96  ? -11.812 12.711  -0.111  1.00 18.72 ? 76   ASP A OD1 1 
ATOM   620  O  OD2 . ASP A 1 96  ? -11.850 11.353  -1.805  1.00 21.27 ? 76   ASP A OD2 1 
ATOM   621  N  N   . LEU A 1 97  ? -9.563  14.982  0.975   1.00 16.92 ? 77   LEU A N   1 
ATOM   622  C  CA  . LEU A 1 97  ? -8.756  14.847  2.179   1.00 16.50 ? 77   LEU A CA  1 
ATOM   623  C  C   . LEU A 1 97  ? -9.381  13.865  3.159   1.00 16.18 ? 77   LEU A C   1 
ATOM   624  O  O   . LEU A 1 97  ? -9.028  13.840  4.349   1.00 16.14 ? 77   LEU A O   1 
ATOM   625  C  CB  . LEU A 1 97  ? -8.543  16.233  2.826   1.00 17.46 ? 77   LEU A CB  1 
ATOM   626  C  CG  . LEU A 1 97  ? -7.773  17.208  1.907   1.00 16.33 ? 77   LEU A CG  1 
ATOM   627  C  CD1 . LEU A 1 97  ? -7.965  18.669  2.356   1.00 18.32 ? 77   LEU A CD1 1 
ATOM   628  C  CD2 . LEU A 1 97  ? -6.311  16.815  1.851   1.00 16.02 ? 77   LEU A CD2 1 
ATOM   629  N  N   . SER A 1 98  ? -10.290 13.029  2.668   1.00 16.19 ? 78   SER A N   1 
ATOM   630  C  CA  . SER A 1 98  ? -10.889 12.016  3.539   1.00 16.68 ? 78   SER A CA  1 
ATOM   631  C  C   . SER A 1 98  ? -9.777  11.182  4.173   1.00 16.89 ? 78   SER A C   1 
ATOM   632  O  O   . SER A 1 98  ? -8.896  10.703  3.472   1.00 16.85 ? 78   SER A O   1 
ATOM   633  C  CB  . SER A 1 98  ? -11.839 11.119  2.757   1.00 16.31 ? 78   SER A CB  1 
ATOM   634  O  OG  . SER A 1 98  ? -12.819 11.893  2.094   1.00 16.61 ? 78   SER A OG  1 
ATOM   635  N  N   . ASP A 1 99  ? -9.803  11.048  5.499   1.00 17.58 ? 79   ASP A N   1 
ATOM   636  C  CA  . ASP A 1 99  ? -8.825  10.210  6.228   1.00 18.41 ? 79   ASP A CA  1 
ATOM   637  C  C   . ASP A 1 99  ? -7.360  10.717  6.204   1.00 18.30 ? 79   ASP A C   1 
ATOM   638  O  O   . ASP A 1 99  ? -6.462  10.032  6.712   1.00 18.54 ? 79   ASP A O   1 
ATOM   639  C  CB  . ASP A 1 99  ? -8.901  8.741   5.753   1.00 17.96 ? 79   ASP A CB  1 
ATOM   640  C  CG  . ASP A 1 99  ? -10.339 8.208   5.703   1.00 20.72 ? 79   ASP A CG  1 
ATOM   641  O  OD1 . ASP A 1 99  ? -11.080 8.343   6.704   1.00 17.78 ? 79   ASP A OD1 1 
ATOM   642  O  OD2 . ASP A 1 99  ? -10.727 7.658   4.641   1.00 21.87 ? 79   ASP A OD2 1 
ATOM   643  N  N   . ALA A 1 100 ? -7.122  11.901  5.636   1.00 18.52 ? 80   ALA A N   1 
ATOM   644  C  CA  . ALA A 1 100 ? -5.756  12.460  5.550   1.00 18.93 ? 80   ALA A CA  1 
ATOM   645  C  C   . ALA A 1 100 ? -5.309  13.010  6.902   1.00 19.26 ? 80   ALA A C   1 
ATOM   646  O  O   . ALA A 1 100 ? -6.138  13.452  7.711   1.00 18.82 ? 80   ALA A O   1 
ATOM   647  C  CB  . ALA A 1 100 ? -5.665  13.562  4.482   1.00 18.62 ? 80   ALA A CB  1 
ATOM   648  N  N   . ILE A 1 101 ? -3.999  12.986  7.131   1.00 19.61 ? 81   ILE A N   1 
ATOM   649  C  CA  . ILE A 1 101 ? -3.427  13.488  8.368   1.00 20.04 ? 81   ILE A CA  1 
ATOM   650  C  C   . ILE A 1 101 ? -2.709  14.780  8.007   1.00 20.18 ? 81   ILE A C   1 
ATOM   651  O  O   . ILE A 1 101 ? -1.663  14.769  7.354   1.00 19.99 ? 81   ILE A O   1 
ATOM   652  C  CB  . ILE A 1 101 ? -2.502  12.448  9.077   1.00 20.34 ? 81   ILE A CB  1 
ATOM   653  C  CG1 . ILE A 1 101 ? -3.329  11.427  9.871   1.00 21.34 ? 81   ILE A CG1 1 
ATOM   654  C  CG2 . ILE A 1 101 ? -1.578  13.114  10.062  1.00 20.16 ? 81   ILE A CG2 1 
ATOM   655  C  CD1 . ILE A 1 101 ? -3.776  10.254  9.064   1.00 24.16 ? 81   ILE A CD1 1 
ATOM   656  N  N   . LEU A 1 102 ? -3.341  15.885  8.399   1.00 20.34 ? 82   LEU A N   1 
ATOM   657  C  CA  . LEU A 1 102 ? -2.880  17.232  8.080   1.00 20.77 ? 82   LEU A CA  1 
ATOM   658  C  C   . LEU A 1 102 ? -2.257  17.841  9.333   1.00 20.58 ? 82   LEU A C   1 
ATOM   659  O  O   . LEU A 1 102 ? -1.902  19.027  9.341   1.00 20.13 ? 82   LEU A O   1 
ATOM   660  C  CB  . LEU A 1 102 ? -4.057  18.101  7.589   1.00 20.80 ? 82   LEU A CB  1 
ATOM   661  C  CG  . LEU A 1 102 ? -4.642  17.707  6.217   1.00 21.85 ? 82   LEU A CG  1 
ATOM   662  C  CD1 . LEU A 1 102 ? -6.034  18.339  6.052   1.00 23.07 ? 82   LEU A CD1 1 
ATOM   663  C  CD2 . LEU A 1 102 ? -3.735  18.125  5.091   1.00 22.85 ? 82   LEU A CD2 1 
ATOM   664  N  N   . ASP A 1 103 ? -2.126  17.010  10.376  1.00 20.62 ? 83   ASP A N   1 
ATOM   665  C  CA  . ASP A 1 103 ? -1.489  17.418  11.631  1.00 21.17 ? 83   ASP A CA  1 
ATOM   666  C  C   . ASP A 1 103 ? -0.278  18.308  11.347  1.00 20.77 ? 83   ASP A C   1 
ATOM   667  O  O   . ASP A 1 103 ? 0.684   17.865  10.745  1.00 20.96 ? 83   ASP A O   1 
ATOM   668  C  CB  . ASP A 1 103 ? -1.046  16.203  12.477  1.00 21.50 ? 83   ASP A CB  1 
ATOM   669  C  CG  . ASP A 1 103 ? -2.201  15.288  12.878  1.00 22.13 ? 83   ASP A CG  1 
ATOM   670  O  OD1 . ASP A 1 103 ? -3.370  15.597  12.559  1.00 23.88 ? 83   ASP A OD1 1 
ATOM   671  O  OD2 . ASP A 1 103 ? -1.928  14.238  13.516  1.00 23.38 ? 83   ASP A OD2 1 
ATOM   672  N  N   . ASN A 1 104 ? -0.372  19.584  11.737  1.00 21.04 ? 84   ASN A N   1 
ATOM   673  C  CA  . ASN A 1 104 ? 0.780   20.512  11.761  1.00 20.63 ? 84   ASN A CA  1 
ATOM   674  C  C   . ASN A 1 104 ? 1.324   20.963  10.410  1.00 19.99 ? 84   ASN A C   1 
ATOM   675  O  O   . ASN A 1 104 ? 2.447   21.497  10.325  1.00 20.13 ? 84   ASN A O   1 
ATOM   676  C  CB  . ASN A 1 104 ? 1.898   19.925  12.624  1.00 20.97 ? 84   ASN A CB  1 
ATOM   677  C  CG  . ASN A 1 104 ? 1.398   19.531  14.007  1.00 22.81 ? 84   ASN A CG  1 
ATOM   678  O  OD1 . ASN A 1 104 ? 0.760   20.335  14.704  1.00 23.38 ? 84   ASN A OD1 1 
ATOM   679  N  ND2 . ASN A 1 104 ? 1.663   18.278  14.403  1.00 24.35 ? 84   ASN A ND2 1 
ATOM   680  N  N   . ALA A 1 105 ? 0.541   20.732  9.357   1.00 18.67 ? 85   ALA A N   1 
ATOM   681  C  CA  . ALA A 1 105 ? 0.887   21.251  8.037   1.00 17.45 ? 85   ALA A CA  1 
ATOM   682  C  C   . ALA A 1 105 ? 0.562   22.760  8.025   1.00 16.51 ? 85   ALA A C   1 
ATOM   683  O  O   . ALA A 1 105 ? -0.390  23.211  8.676   1.00 15.88 ? 85   ALA A O   1 
ATOM   684  C  CB  . ALA A 1 105 ? 0.139   20.517  6.952   1.00 16.63 ? 85   ALA A CB  1 
ATOM   685  N  N   . ILE A 1 106 ? 1.376   23.526  7.301   1.00 16.36 ? 86   ILE A N   1 
ATOM   686  C  CA  . ILE A 1 106 ? 1.188   24.962  7.210   1.00 16.16 ? 86   ILE A CA  1 
ATOM   687  C  C   . ILE A 1 106 ? 0.277   25.227  6.024   1.00 15.27 ? 86   ILE A C   1 
ATOM   688  O  O   . ILE A 1 106 ? 0.623   24.890  4.917   1.00 15.69 ? 86   ILE A O   1 
ATOM   689  C  CB  . ILE A 1 106 ? 2.544   25.738  7.050   1.00 16.68 ? 86   ILE A CB  1 
ATOM   690  C  CG1 . ILE A 1 106 ? 3.561   25.313  8.121   1.00 16.98 ? 86   ILE A CG1 1 
ATOM   691  C  CG2 . ILE A 1 106 ? 2.304   27.288  7.093   1.00 16.09 ? 86   ILE A CG2 1 
ATOM   692  C  CD1 . ILE A 1 106 ? 5.035   25.840  7.891   1.00 16.32 ? 86   ILE A CD1 1 
ATOM   693  N  N   . LEU A 1 107 ? -0.885  25.827  6.261   1.00 14.64 ? 87   LEU A N   1 
ATOM   694  C  CA  . LEU A 1 107 ? -1.863  26.058  5.207   1.00 14.03 ? 87   LEU A CA  1 
ATOM   695  C  C   . LEU A 1 107 ? -2.073  27.550  4.863   1.00 13.42 ? 87   LEU A C   1 
ATOM   696  O  O   . LEU A 1 107 ? -3.034  27.888  4.165   1.00 13.26 ? 87   LEU A O   1 
ATOM   697  C  CB  . LEU A 1 107 ? -3.205  25.348  5.542   1.00 14.29 ? 87   LEU A CB  1 
ATOM   698  C  CG  . LEU A 1 107 ? -3.183  23.807  5.761   1.00 14.67 ? 87   LEU A CG  1 
ATOM   699  C  CD1 . LEU A 1 107 ? -4.519  23.270  6.326   1.00 15.35 ? 87   LEU A CD1 1 
ATOM   700  C  CD2 . LEU A 1 107 ? -2.866  23.088  4.478   1.00 14.97 ? 87   LEU A CD2 1 
ATOM   701  N  N   . GLU A 1 108 ? -1.193  28.431  5.340   1.00 12.94 ? 88   GLU A N   1 
ATOM   702  C  CA  . GLU A 1 108 ? -1.338  29.854  5.083   1.00 13.20 ? 88   GLU A CA  1 
ATOM   703  C  C   . GLU A 1 108 ? -1.259  30.116  3.591   1.00 13.60 ? 88   GLU A C   1 
ATOM   704  O  O   . GLU A 1 108 ? -0.289  29.704  2.907   1.00 13.00 ? 88   GLU A O   1 
ATOM   705  C  CB  . GLU A 1 108 ? -0.299  30.693  5.839   1.00 13.30 ? 88   GLU A CB  1 
ATOM   706  C  CG  . GLU A 1 108 ? -0.239  30.442  7.370   1.00 12.99 ? 88   GLU A CG  1 
ATOM   707  C  CD  . GLU A 1 108 ? 0.757   31.350  8.075   1.00 13.44 ? 88   GLU A CD  1 
ATOM   708  O  OE1 . GLU A 1 108 ? 1.357   32.216  7.412   1.00 14.94 ? 88   GLU A OE1 1 
ATOM   709  O  OE2 . GLU A 1 108 ? 0.937   31.213  9.293   1.00 14.46 ? 88   GLU A OE2 1 
ATOM   710  N  N   . GLY A 1 109 ? -2.287  30.794  3.090   1.00 14.23 ? 89   GLY A N   1 
ATOM   711  C  CA  . GLY A 1 109 ? -2.431  31.041  1.658   1.00 14.76 ? 89   GLY A CA  1 
ATOM   712  C  C   . GLY A 1 109 ? -2.921  29.858  0.831   1.00 14.87 ? 89   GLY A C   1 
ATOM   713  O  O   . GLY A 1 109 ? -3.054  29.989  -0.380  1.00 15.25 ? 89   GLY A O   1 
ATOM   714  N  N   . ALA A 1 110 ? -3.190  28.707  1.463   1.00 15.27 ? 90   ALA A N   1 
ATOM   715  C  CA  . ALA A 1 110 ? -3.641  27.513  0.727   1.00 15.39 ? 90   ALA A CA  1 
ATOM   716  C  C   . ALA A 1 110 ? -5.136  27.642  0.415   1.00 15.75 ? 90   ALA A C   1 
ATOM   717  O  O   . ALA A 1 110 ? -5.862  28.220  1.204   1.00 15.81 ? 90   ALA A O   1 
ATOM   718  C  CB  . ALA A 1 110 ? -3.353  26.244  1.517   1.00 15.81 ? 90   ALA A CB  1 
ATOM   719  N  N   . ILE A 1 111 ? -5.586  27.145  -0.737  1.00 15.76 ? 91   ILE A N   1 
ATOM   720  C  CA  . ILE A 1 111 ? -7.014  27.215  -1.111  1.00 16.17 ? 91   ILE A CA  1 
ATOM   721  C  C   . ILE A 1 111 ? -7.709  25.913  -0.719  1.00 16.45 ? 91   ILE A C   1 
ATOM   722  O  O   . ILE A 1 111 ? -7.430  24.871  -1.307  1.00 16.64 ? 91   ILE A O   1 
ATOM   723  C  CB  . ILE A 1 111 ? -7.219  27.488  -2.629  1.00 16.31 ? 91   ILE A CB  1 
ATOM   724  C  CG1 . ILE A 1 111 ? -6.657  28.871  -3.015  1.00 17.67 ? 91   ILE A CG1 1 
ATOM   725  C  CG2 . ILE A 1 111 ? -8.750  27.365  -3.027  1.00 15.86 ? 91   ILE A CG2 1 
ATOM   726  C  CD1 . ILE A 1 111 ? -6.116  28.937  -4.456  1.00 17.55 ? 91   ILE A CD1 1 
ATOM   727  N  N   . LEU A 1 112 ? -8.578  25.943  0.286   1.00 16.11 ? 92   LEU A N   1 
ATOM   728  C  CA  . LEU A 1 112 ? -9.214  24.718  0.767   1.00 16.42 ? 92   LEU A CA  1 
ATOM   729  C  C   . LEU A 1 112 ? -10.630 24.547  0.201   1.00 17.21 ? 92   LEU A C   1 
ATOM   730  O  O   . LEU A 1 112 ? -11.335 23.585  0.549   1.00 16.67 ? 92   LEU A O   1 
ATOM   731  C  CB  . LEU A 1 112 ? -9.262  24.724  2.305   1.00 16.44 ? 92   LEU A CB  1 
ATOM   732  C  CG  . LEU A 1 112 ? -7.958  24.677  3.091   1.00 16.54 ? 92   LEU A CG  1 
ATOM   733  C  CD1 . LEU A 1 112 ? -8.201  24.887  4.574   1.00 15.41 ? 92   LEU A CD1 1 
ATOM   734  C  CD2 . LEU A 1 112 ? -7.244  23.349  2.853   1.00 16.26 ? 92   LEU A CD2 1 
ATOM   735  N  N   . ASP A 1 113 ? -11.064 25.506  -0.625  1.00 17.45 ? 93   ASP A N   1 
ATOM   736  C  CA  . ASP A 1 113 ? -12.451 25.528  -1.097  1.00 18.28 ? 93   ASP A CA  1 
ATOM   737  C  C   . ASP A 1 113 ? -12.838 24.180  -1.725  1.00 18.00 ? 93   ASP A C   1 
ATOM   738  O  O   . ASP A 1 113 ? -12.100 23.629  -2.558  1.00 17.74 ? 93   ASP A O   1 
ATOM   739  C  CB  . ASP A 1 113 ? -12.721 26.651  -2.092  1.00 17.87 ? 93   ASP A CB  1 
ATOM   740  C  CG  . ASP A 1 113 ? -12.227 28.017  -1.620  1.00 19.27 ? 93   ASP A CG  1 
ATOM   741  O  OD1 . ASP A 1 113 ? -11.385 28.124  -0.694  1.00 18.08 ? 93   ASP A OD1 1 
ATOM   742  O  OD2 . ASP A 1 113 ? -12.658 28.996  -2.247  1.00 17.74 ? 93   ASP A OD2 1 
ATOM   743  N  N   . GLU A 1 114 ? -13.978 23.659  -1.293  1.00 18.34 ? 94   GLU A N   1 
ATOM   744  C  CA  . GLU A 1 114 ? -14.536 22.393  -1.781  1.00 19.62 ? 94   GLU A CA  1 
ATOM   745  C  C   . GLU A 1 114 ? -13.681 21.144  -1.575  1.00 19.44 ? 94   GLU A C   1 
ATOM   746  O  O   . GLU A 1 114 ? -14.005 20.079  -2.142  1.00 19.30 ? 94   GLU A O   1 
ATOM   747  C  CB  . GLU A 1 114 ? -15.013 22.511  -3.231  1.00 20.27 ? 94   GLU A CB  1 
ATOM   748  C  CG  . GLU A 1 114 ? -16.088 23.551  -3.411  1.00 23.66 ? 94   GLU A CG  1 
ATOM   749  C  CD  . GLU A 1 114 ? -16.624 23.578  -4.816  1.00 27.22 ? 94   GLU A CD  1 
ATOM   750  O  OE1 . GLU A 1 114 ? -17.476 22.719  -5.158  1.00 29.44 ? 94   GLU A OE1 1 
ATOM   751  O  OE2 . GLU A 1 114 ? -16.194 24.466  -5.577  1.00 29.61 ? 94   GLU A OE2 1 
ATOM   752  N  N   . ALA A 1 115 ? -12.611 21.250  -0.776  1.00 19.19 ? 95   ALA A N   1 
ATOM   753  C  CA  . ALA A 1 115 ? -11.875 20.049  -0.379  1.00 19.76 ? 95   ALA A CA  1 
ATOM   754  C  C   . ALA A 1 115 ? -12.770 19.128  0.466   1.00 19.71 ? 95   ALA A C   1 
ATOM   755  O  O   . ALA A 1 115 ? -13.588 19.588  1.273   1.00 19.66 ? 95   ALA A O   1 
ATOM   756  C  CB  . ALA A 1 115 ? -10.563 20.380  0.340   1.00 19.57 ? 95   ALA A CB  1 
ATOM   757  N  N   . VAL A 1 116 ? -12.649 17.821  0.247   1.00 20.30 ? 96   VAL A N   1 
ATOM   758  C  CA  . VAL A 1 116 ? -13.495 16.870  0.966   1.00 20.44 ? 96   VAL A CA  1 
ATOM   759  C  C   . VAL A 1 116 ? -12.840 16.483  2.295   1.00 20.54 ? 96   VAL A C   1 
ATOM   760  O  O   . VAL A 1 116 ? -11.703 16.002  2.336   1.00 20.23 ? 96   VAL A O   1 
ATOM   761  C  CB  . VAL A 1 116 ? -13.843 15.588  0.128   1.00 20.59 ? 96   VAL A CB  1 
ATOM   762  C  CG1 . VAL A 1 116 ? -14.800 14.651  0.938   1.00 19.89 ? 96   VAL A CG1 1 
ATOM   763  C  CG2 . VAL A 1 116 ? -14.493 15.954  -1.184  1.00 20.86 ? 96   VAL A CG2 1 
ATOM   764  N  N   . LEU A 1 117 ? -13.581 16.709  3.371   1.00 20.97 ? 97   LEU A N   1 
ATOM   765  C  CA  . LEU A 1 117 ? -13.207 16.308  4.725   1.00 21.81 ? 97   LEU A CA  1 
ATOM   766  C  C   . LEU A 1 117 ? -14.199 15.263  5.279   1.00 22.05 ? 97   LEU A C   1 
ATOM   767  O  O   . LEU A 1 117 ? -15.357 15.204  4.851   1.00 21.82 ? 97   LEU A O   1 
ATOM   768  C  CB  . LEU A 1 117 ? -13.258 17.542  5.640   1.00 21.83 ? 97   LEU A CB  1 
ATOM   769  C  CG  . LEU A 1 117 ? -12.073 18.467  5.974   1.00 22.33 ? 97   LEU A CG  1 
ATOM   770  C  CD1 . LEU A 1 117 ? -11.027 18.623  4.883   1.00 18.99 ? 97   LEU A CD1 1 
ATOM   771  C  CD2 . LEU A 1 117 ? -12.605 19.813  6.425   1.00 21.50 ? 97   LEU A CD2 1 
ATOM   772  N  N   . ASN A 1 118 ? -13.753 14.450  6.235   1.00 22.74 ? 98   ASN A N   1 
ATOM   773  C  CA  . ASN A 1 118 ? -14.680 13.794  7.175   1.00 22.97 ? 98   ASN A CA  1 
ATOM   774  C  C   . ASN A 1 118 ? -14.772 14.641  8.431   1.00 23.75 ? 98   ASN A C   1 
ATOM   775  O  O   . ASN A 1 118 ? -13.763 15.229  8.828   1.00 23.92 ? 98   ASN A O   1 
ATOM   776  C  CB  . ASN A 1 118 ? -14.220 12.421  7.605   1.00 23.36 ? 98   ASN A CB  1 
ATOM   777  C  CG  . ASN A 1 118 ? -13.203 11.817  6.675   1.00 21.62 ? 98   ASN A CG  1 
ATOM   778  O  OD1 . ASN A 1 118 ? -12.066 12.247  6.646   1.00 21.04 ? 98   ASN A OD1 1 
ATOM   779  N  ND2 . ASN A 1 118 ? -13.593 10.774  5.963   1.00 23.01 ? 98   ASN A ND2 1 
ATOM   780  O  OXT . ASN A 1 118 ? -15.815 14.776  9.092   1.00 23.93 ? 98   ASN A OXT 1 
ATOM   781  N  N   . SER B 1 3   ? -6.467  -43.300 -6.721  1.00 34.57 ? -17  SER B N   1 
ATOM   782  C  CA  . SER B 1 3   ? -5.301  -42.357 -6.697  1.00 34.52 ? -17  SER B CA  1 
ATOM   783  C  C   . SER B 1 3   ? -5.036  -41.694 -5.345  1.00 33.91 ? -17  SER B C   1 
ATOM   784  O  O   . SER B 1 3   ? -5.959  -41.459 -4.555  1.00 34.07 ? -17  SER B O   1 
ATOM   785  C  CB  . SER B 1 3   ? -5.486  -41.274 -7.753  1.00 34.52 ? -17  SER B CB  1 
ATOM   786  O  OG  . SER B 1 3   ? -5.688  -41.882 -9.021  1.00 36.92 ? -17  SER B OG  1 
ATOM   787  N  N   . SER B 1 4   ? -3.766  -41.380 -5.107  1.00 32.55 ? -16  SER B N   1 
ATOM   788  C  CA  . SER B 1 4   ? -3.335  -40.607 -3.942  1.00 31.62 ? -16  SER B CA  1 
ATOM   789  C  C   . SER B 1 4   ? -3.240  -39.095 -4.282  1.00 30.32 ? -16  SER B C   1 
ATOM   790  O  O   . SER B 1 4   ? -2.678  -38.309 -3.514  1.00 29.37 ? -16  SER B O   1 
ATOM   791  C  CB  . SER B 1 4   ? -2.011  -41.192 -3.407  1.00 31.67 ? -16  SER B CB  1 
ATOM   792  O  OG  . SER B 1 4   ? -1.059  -40.212 -3.010  1.00 33.81 ? -16  SER B OG  1 
ATOM   793  N  N   . HIS B 1 5   ? -3.813  -38.704 -5.425  1.00 29.63 ? -15  HIS B N   1 
ATOM   794  C  CA  . HIS B 1 5   ? -3.740  -37.310 -5.909  1.00 29.38 ? -15  HIS B CA  1 
ATOM   795  C  C   . HIS B 1 5   ? -4.745  -36.365 -5.237  1.00 29.24 ? -15  HIS B C   1 
ATOM   796  O  O   . HIS B 1 5   ? -5.963  -36.470 -5.455  1.00 28.77 ? -15  HIS B O   1 
ATOM   797  C  CB  . HIS B 1 5   ? -3.859  -37.217 -7.441  1.00 28.95 ? -15  HIS B CB  1 
ATOM   798  C  CG  . HIS B 1 5   ? -3.732  -35.815 -7.970  1.00 29.76 ? -15  HIS B CG  1 
ATOM   799  N  ND1 . HIS B 1 5   ? -2.550  -35.098 -7.918  1.00 28.41 ? -15  HIS B ND1 1 
ATOM   800  C  CD2 . HIS B 1 5   ? -4.645  -34.989 -8.535  1.00 29.61 ? -15  HIS B CD2 1 
ATOM   801  C  CE1 . HIS B 1 5   ? -2.739  -33.900 -8.436  1.00 29.52 ? -15  HIS B CE1 1 
ATOM   802  N  NE2 . HIS B 1 5   ? -4.001  -33.806 -8.818  1.00 30.97 ? -15  HIS B NE2 1 
ATOM   803  N  N   . HIS B 1 6   ? -4.205  -35.422 -4.462  1.00 29.03 ? -14  HIS B N   1 
ATOM   804  C  CA  . HIS B 1 6   ? -4.993  -34.564 -3.573  1.00 29.33 ? -14  HIS B CA  1 
ATOM   805  C  C   . HIS B 1 6   ? -5.474  -33.237 -4.191  1.00 29.62 ? -14  HIS B C   1 
ATOM   806  O  O   . HIS B 1 6   ? -6.026  -32.384 -3.491  1.00 29.32 ? -14  HIS B O   1 
ATOM   807  C  CB  . HIS B 1 6   ? -4.234  -34.329 -2.262  1.00 28.71 ? -14  HIS B CB  1 
ATOM   808  C  CG  . HIS B 1 6   ? -3.797  -35.593 -1.589  1.00 29.35 ? -14  HIS B CG  1 
ATOM   809  N  ND1 . HIS B 1 6   ? -2.532  -35.763 -1.061  1.00 29.47 ? -14  HIS B ND1 1 
ATOM   810  C  CD2 . HIS B 1 6   ? -4.458  -36.756 -1.361  1.00 27.59 ? -14  HIS B CD2 1 
ATOM   811  C  CE1 . HIS B 1 6   ? -2.435  -36.974 -0.538  1.00 29.01 ? -14  HIS B CE1 1 
ATOM   812  N  NE2 . HIS B 1 6   ? -3.589  -37.594 -0.706  1.00 29.44 ? -14  HIS B NE2 1 
ATOM   813  N  N   . HIS B 1 7   ? -5.281  -33.075 -5.498  1.00 29.81 ? -13  HIS B N   1 
ATOM   814  C  CA  . HIS B 1 7   ? -5.749  -31.878 -6.213  1.00 30.15 ? -13  HIS B CA  1 
ATOM   815  C  C   . HIS B 1 7   ? -5.279  -30.541 -5.571  1.00 29.98 ? -13  HIS B C   1 
ATOM   816  O  O   . HIS B 1 7   ? -5.996  -29.530 -5.590  1.00 30.42 ? -13  HIS B O   1 
ATOM   817  C  CB  . HIS B 1 7   ? -7.281  -31.944 -6.412  1.00 31.03 ? -13  HIS B CB  1 
ATOM   818  C  CG  . HIS B 1 7   ? -7.721  -33.071 -7.298  1.00 31.64 ? -13  HIS B CG  1 
ATOM   819  N  ND1 . HIS B 1 7   ? -7.950  -32.908 -8.649  1.00 32.30 ? -13  HIS B ND1 1 
ATOM   820  C  CD2 . HIS B 1 7   ? -7.935  -34.383 -7.034  1.00 31.19 ? -13  HIS B CD2 1 
ATOM   821  C  CE1 . HIS B 1 7   ? -8.301  -34.069 -9.177  1.00 33.13 ? -13  HIS B CE1 1 
ATOM   822  N  NE2 . HIS B 1 7   ? -8.298  -34.981 -8.218  1.00 31.37 ? -13  HIS B NE2 1 
ATOM   823  N  N   . HIS B 1 8   ? -4.062  -30.571 -5.018  1.00 29.34 ? -12  HIS B N   1 
ATOM   824  C  CA  . HIS B 1 8   ? -3.367  -29.419 -4.393  1.00 28.60 ? -12  HIS B CA  1 
ATOM   825  C  C   . HIS B 1 8   ? -3.975  -28.920 -3.057  1.00 27.79 ? -12  HIS B C   1 
ATOM   826  O  O   . HIS B 1 8   ? -4.288  -27.738 -2.861  1.00 27.25 ? -12  HIS B O   1 
ATOM   827  C  CB  . HIS B 1 8   ? -2.992  -28.343 -5.445  1.00 29.19 ? -12  HIS B CB  1 
ATOM   828  C  CG  . HIS B 1 8   ? -2.190  -28.901 -6.593  1.00 29.81 ? -12  HIS B CG  1 
ATOM   829  N  ND1 . HIS B 1 8   ? -2.770  -29.414 -7.737  1.00 31.08 ? -12  HIS B ND1 1 
ATOM   830  C  CD2 . HIS B 1 8   ? -0.857  -29.098 -6.738  1.00 30.77 ? -12  HIS B CD2 1 
ATOM   831  C  CE1 . HIS B 1 8   ? -1.831  -29.869 -8.548  1.00 30.65 ? -12  HIS B CE1 1 
ATOM   832  N  NE2 . HIS B 1 8   ? -0.659  -29.686 -7.968  1.00 31.26 ? -12  HIS B NE2 1 
ATOM   833  N  N   . HIS B 1 9   ? -4.139  -29.896 -2.156  1.00 26.59 ? -11  HIS B N   1 
ATOM   834  C  CA  . HIS B 1 9   ? -4.582  -29.732 -0.765  1.00 25.56 ? -11  HIS B CA  1 
ATOM   835  C  C   . HIS B 1 9   ? -3.818  -30.759 0.086   1.00 24.45 ? -11  HIS B C   1 
ATOM   836  O  O   . HIS B 1 9   ? -3.425  -31.806 -0.408  1.00 24.32 ? -11  HIS B O   1 
ATOM   837  C  CB  . HIS B 1 9   ? -6.105  -29.976 -0.604  1.00 25.78 ? -11  HIS B CB  1 
ATOM   838  C  CG  . HIS B 1 9   ? -6.963  -29.240 -1.594  1.00 26.05 ? -11  HIS B CG  1 
ATOM   839  N  ND1 . HIS B 1 9   ? -7.153  -27.875 -1.552  1.00 26.50 ? -11  HIS B ND1 1 
ATOM   840  C  CD2 . HIS B 1 9   ? -7.676  -29.682 -2.659  1.00 26.36 ? -11  HIS B CD2 1 
ATOM   841  C  CE1 . HIS B 1 9   ? -7.932  -27.505 -2.554  1.00 26.44 ? -11  HIS B CE1 1 
ATOM   842  N  NE2 . HIS B 1 9   ? -8.261  -28.582 -3.245  1.00 26.08 ? -11  HIS B NE2 1 
ATOM   843  N  N   . HIS B 1 10  ? -3.611  -30.470 1.366   1.00 23.06 ? -10  HIS B N   1 
ATOM   844  C  CA  . HIS B 1 10  ? -3.040  -31.459 2.303   1.00 21.83 ? -10  HIS B CA  1 
ATOM   845  C  C   . HIS B 1 10  ? -3.667  -32.887 2.192   1.00 20.99 ? -10  HIS B C   1 
ATOM   846  O  O   . HIS B 1 10  ? -4.840  -33.036 1.810   1.00 20.58 ? -10  HIS B O   1 
ATOM   847  C  CB  . HIS B 1 10  ? -3.169  -30.930 3.721   1.00 21.73 ? -10  HIS B CB  1 
ATOM   848  C  CG  . HIS B 1 10  ? -2.298  -31.628 4.709   1.00 21.40 ? -10  HIS B CG  1 
ATOM   849  N  ND1 . HIS B 1 10  ? -2.789  -32.559 5.596   1.00 21.35 ? -10  HIS B ND1 1 
ATOM   850  C  CD2 . HIS B 1 10  ? -0.969  -31.534 4.951   1.00 21.92 ? -10  HIS B CD2 1 
ATOM   851  C  CE1 . HIS B 1 10  ? -1.799  -33.014 6.340   1.00 21.82 ? -10  HIS B CE1 1 
ATOM   852  N  NE2 . HIS B 1 10  ? -0.684  -32.408 5.970   1.00 22.09 ? -10  HIS B NE2 1 
ATOM   853  N  N   . SER B 1 11  ? -2.893  -33.928 2.509   1.00 20.03 ? -9   SER B N   1 
ATOM   854  C  CA  . SER B 1 11  ? -3.424  -35.313 2.485   1.00 19.54 ? -9   SER B CA  1 
ATOM   855  C  C   . SER B 1 11  ? -4.652  -35.543 3.357   1.00 19.12 ? -9   SER B C   1 
ATOM   856  O  O   . SER B 1 11  ? -5.502  -36.357 3.013   1.00 18.71 ? -9   SER B O   1 
ATOM   857  C  CB  . SER B 1 11  ? -2.352  -36.365 2.828   1.00 19.58 ? -9   SER B CB  1 
ATOM   858  O  OG  . SER B 1 11  ? -1.821  -36.165 4.126   1.00 19.38 ? -9   SER B OG  1 
ATOM   859  N  N   . SER B 1 12  ? -4.738  -34.814 4.474   1.00 18.90 ? -8   SER B N   1 
ATOM   860  C  CA  . SER B 1 12  ? -5.852  -34.940 5.434   1.00 18.20 ? -8   SER B CA  1 
ATOM   861  C  C   . SER B 1 12  ? -7.151  -34.395 4.856   1.00 18.34 ? -8   SER B C   1 
ATOM   862  O  O   . SER B 1 12  ? -8.222  -34.710 5.355   1.00 18.49 ? -8   SER B O   1 
ATOM   863  C  CB  . SER B 1 12  ? -5.519  -34.215 6.751   1.00 18.40 ? -8   SER B CB  1 
ATOM   864  O  OG  . SER B 1 12  ? -5.229  -32.827 6.562   1.00 16.52 ? -8   SER B OG  1 
ATOM   865  N  N   . GLY B 1 13  ? -7.041  -33.585 3.797   1.00 18.28 ? -7   GLY B N   1 
ATOM   866  C  CA  . GLY B 1 13  ? -8.189  -32.856 3.231   1.00 18.08 ? -7   GLY B CA  1 
ATOM   867  C  C   . GLY B 1 13  ? -8.534  -31.566 3.975   1.00 17.51 ? -7   GLY B C   1 
ATOM   868  O  O   . GLY B 1 13  ? -9.559  -30.939 3.700   1.00 18.05 ? -7   GLY B O   1 
ATOM   869  N  N   . LEU B 1 14  ? -7.673  -31.177 4.914   1.00 17.30 ? -6   LEU B N   1 
ATOM   870  C  CA  . LEU B 1 14  ? -7.845  -29.965 5.693   1.00 16.65 ? -6   LEU B CA  1 
ATOM   871  C  C   . LEU B 1 14  ? -8.096  -28.724 4.797   1.00 16.90 ? -6   LEU B C   1 
ATOM   872  O  O   . LEU B 1 14  ? -7.298  -28.398 3.906   1.00 15.46 ? -6   LEU B O   1 
ATOM   873  C  CB  . LEU B 1 14  ? -6.608  -29.767 6.576   1.00 17.05 ? -6   LEU B CB  1 
ATOM   874  C  CG  . LEU B 1 14  ? -6.534  -28.778 7.744   1.00 17.58 ? -6   LEU B CG  1 
ATOM   875  C  CD1 . LEU B 1 14  ? -5.288  -29.121 8.533   1.00 19.40 ? -6   LEU B CD1 1 
ATOM   876  C  CD2 . LEU B 1 14  ? -6.470  -27.317 7.256   1.00 16.63 ? -6   LEU B CD2 1 
ATOM   877  N  N   . VAL B 1 15  ? -9.234  -28.069 5.040   1.00 15.94 ? -5   VAL B N   1 
ATOM   878  C  CA  . VAL B 1 15  ? -9.613  -26.846 4.323   1.00 15.48 ? -5   VAL B CA  1 
ATOM   879  C  C   . VAL B 1 15  ? -9.316  -25.657 5.228   1.00 14.38 ? -5   VAL B C   1 
ATOM   880  O  O   . VAL B 1 15  ? -10.111 -25.363 6.113   1.00 14.59 ? -5   VAL B O   1 
ATOM   881  C  CB  . VAL B 1 15  ? -11.113 -26.872 3.891   1.00 15.24 ? -5   VAL B CB  1 
ATOM   882  C  CG1 . VAL B 1 15  ? -11.441 -25.661 2.984   1.00 15.25 ? -5   VAL B CG1 1 
ATOM   883  C  CG2 . VAL B 1 15  ? -11.413 -28.199 3.157   1.00 14.74 ? -5   VAL B CG2 1 
ATOM   884  N  N   . PRO B 1 16  ? -8.145  -25.005 5.047   1.00 14.95 ? -4   PRO B N   1 
ATOM   885  C  CA  . PRO B 1 16  ? -7.733  -23.994 6.016   1.00 15.06 ? -4   PRO B CA  1 
ATOM   886  C  C   . PRO B 1 16  ? -8.428  -22.619 5.935   1.00 16.18 ? -4   PRO B C   1 
ATOM   887  O  O   . PRO B 1 16  ? -8.248  -21.803 6.839   1.00 16.16 ? -4   PRO B O   1 
ATOM   888  C  CB  . PRO B 1 16  ? -6.238  -23.855 5.745   1.00 15.09 ? -4   PRO B CB  1 
ATOM   889  C  CG  . PRO B 1 16  ? -6.120  -24.123 4.279   1.00 14.60 ? -4   PRO B CG  1 
ATOM   890  C  CD  . PRO B 1 16  ? -7.131  -25.184 3.982   1.00 14.58 ? -4   PRO B CD  1 
ATOM   891  N  N   . ARG B 1 17  ? -9.255  -22.392 4.914   1.00 15.81 ? -3   ARG B N   1 
ATOM   892  C  CA  . ARG B 1 17  ? -10.031 -21.140 4.787   1.00 15.35 ? -3   ARG B CA  1 
ATOM   893  C  C   . ARG B 1 17  ? -10.630 -20.632 6.108   1.00 15.55 ? -3   ARG B C   1 
ATOM   894  O  O   . ARG B 1 17  ? -11.398 -21.340 6.787   1.00 15.97 ? -3   ARG B O   1 
ATOM   895  C  CB  . ARG B 1 17  ? -11.125 -21.304 3.718   1.00 15.40 ? -3   ARG B CB  1 
ATOM   896  C  CG  . ARG B 1 17  ? -12.060 -20.103 3.571   1.00 15.94 ? -3   ARG B CG  1 
ATOM   897  C  CD  . ARG B 1 17  ? -13.205 -20.404 2.620   1.00 14.92 ? -3   ARG B CD  1 
ATOM   898  N  NE  . ARG B 1 17  ? -14.299 -19.458 2.834   1.00 15.79 ? -3   ARG B NE  1 
ATOM   899  C  CZ  . ARG B 1 17  ? -14.401 -18.255 2.252   1.00 15.10 ? -3   ARG B CZ  1 
ATOM   900  N  NH1 . ARG B 1 17  ? -13.492 -17.865 1.388   1.00 13.56 ? -3   ARG B NH1 1 
ATOM   901  N  NH2 . ARG B 1 17  ? -15.448 -17.459 2.520   1.00 15.69 ? -3   ARG B NH2 1 
ATOM   902  N  N   . GLY B 1 18  ? -10.299 -19.388 6.468   1.00 15.66 ? -2   GLY B N   1 
ATOM   903  C  CA  . GLY B 1 18  ? -10.853 -18.769 7.645   1.00 15.62 ? -2   GLY B CA  1 
ATOM   904  C  C   . GLY B 1 18  ? -10.266 -19.182 8.983   1.00 16.04 ? -2   GLY B C   1 
ATOM   905  O  O   . GLY B 1 18  ? -10.662 -18.643 10.011  1.00 15.51 ? -2   GLY B O   1 
ATOM   906  N  N   . SER B 1 19  ? -9.313  -20.112 8.974   1.00 15.73 ? -1   SER B N   1 
ATOM   907  C  CA  . SER B 1 19  ? -8.787  -20.670 10.219  1.00 15.56 ? -1   SER B CA  1 
ATOM   908  C  C   . SER B 1 19  ? -7.781  -19.692 10.785  1.00 15.63 ? -1   SER B C   1 
ATOM   909  O  O   . SER B 1 19  ? -7.245  -18.848 10.058  1.00 15.95 ? -1   SER B O   1 
ATOM   910  C  CB  . SER B 1 19  ? -8.112  -22.041 9.995   1.00 14.56 ? -1   SER B CB  1 
ATOM   911  O  OG  . SER B 1 19  ? -6.895  -21.928 9.255   1.00 15.05 ? -1   SER B OG  1 
ATOM   912  N  N   . HIS B 1 20  ? -7.508  -19.836 12.076  1.00 15.94 ? 0    HIS B N   1 
ATOM   913  C  CA  . HIS B 1 20  ? -6.364  -19.195 12.699  1.00 16.65 ? 0    HIS B CA  1 
ATOM   914  C  C   . HIS B 1 20  ? -5.178  -20.146 12.638  1.00 17.03 ? 0    HIS B C   1 
ATOM   915  O  O   . HIS B 1 20  ? -5.324  -21.321 13.018  1.00 16.55 ? 0    HIS B O   1 
ATOM   916  C  CB  . HIS B 1 20  ? -6.686  -18.869 14.165  1.00 17.00 ? 0    HIS B CB  1 
ATOM   917  C  CG  . HIS B 1 20  ? -5.603  -18.090 14.833  1.00 18.76 ? 0    HIS B CG  1 
ATOM   918  N  ND1 . HIS B 1 20  ? -4.445  -18.676 15.304  1.00 18.45 ? 0    HIS B ND1 1 
ATOM   919  C  CD2 . HIS B 1 20  ? -5.479  -16.758 15.063  1.00 19.50 ? 0    HIS B CD2 1 
ATOM   920  C  CE1 . HIS B 1 20  ? -3.656  -17.736 15.796  1.00 20.95 ? 0    HIS B CE1 1 
ATOM   921  N  NE2 . HIS B 1 20  ? -4.262  -16.566 15.670  1.00 20.55 ? 0    HIS B NE2 1 
ATOM   922  N  N   . MET B 1 21  ? -4.009  -19.637 12.217  1.00 17.76 ? 1    MET B N   1 
ATOM   923  C  CA  . MET B 1 21  ? -2.787  -20.436 12.077  1.00 18.91 ? 1    MET B CA  1 
ATOM   924  C  C   . MET B 1 21  ? -1.560  -19.730 12.675  1.00 18.79 ? 1    MET B C   1 
ATOM   925  O  O   . MET B 1 21  ? -1.545  -18.520 12.848  1.00 18.14 ? 1    MET B O   1 
ATOM   926  C  CB  . MET B 1 21  ? -2.497  -20.706 10.578  1.00 18.95 ? 1    MET B CB  1 
ATOM   927  C  CG  . MET B 1 21  ? -3.399  -21.753 9.930   1.00 21.22 ? 1    MET B CG  1 
ATOM   928  S  SD  . MET B 1 21  ? -3.165  -21.894 8.139   1.00 19.93 ? 1    MET B SD  1 
ATOM   929  C  CE  . MET B 1 21  ? -3.894  -20.399 7.547   1.00 18.40 ? 1    MET B CE  1 
ATOM   930  N  N   . ASP B 1 22  ? -0.537  -20.513 12.989  1.00 18.67 ? 2    ASP B N   1 
ATOM   931  C  CA  . ASP B 1 22  ? 0.770   -19.971 13.318  1.00 18.73 ? 2    ASP B CA  1 
ATOM   932  C  C   . ASP B 1 22  ? 1.682   -20.253 12.120  1.00 18.85 ? 2    ASP B C   1 
ATOM   933  O  O   . ASP B 1 22  ? 1.258   -20.927 11.162  1.00 18.68 ? 2    ASP B O   1 
ATOM   934  C  CB  . ASP B 1 22  ? 1.304   -20.521 14.667  1.00 18.74 ? 2    ASP B CB  1 
ATOM   935  C  CG  . ASP B 1 22  ? 1.451   -22.051 14.702  1.00 18.92 ? 2    ASP B CG  1 
ATOM   936  O  OD1 . ASP B 1 22  ? 1.298   -22.747 13.678  1.00 19.90 ? 2    ASP B OD1 1 
ATOM   937  O  OD2 . ASP B 1 22  ? 1.755   -22.565 15.795  1.00 18.65 ? 2    ASP B OD2 1 
ATOM   938  N  N   . VAL B 1 23  ? 2.894   -19.715 12.132  1.00 18.96 ? 3    VAL B N   1 
ATOM   939  C  CA  . VAL B 1 23  ? 3.751   -19.824 10.961  1.00 19.56 ? 3    VAL B CA  1 
ATOM   940  C  C   . VAL B 1 23  ? 4.030   -21.294 10.573  1.00 19.51 ? 3    VAL B C   1 
ATOM   941  O  O   . VAL B 1 23  ? 3.946   -21.631 9.389   1.00 19.73 ? 3    VAL B O   1 
ATOM   942  C  CB  . VAL B 1 23  ? 5.048   -18.983 11.095  1.00 19.81 ? 3    VAL B CB  1 
ATOM   943  C  CG1 . VAL B 1 23  ? 5.896   -19.395 12.318  1.00 19.47 ? 3    VAL B CG1 1 
ATOM   944  C  CG2 . VAL B 1 23  ? 5.890   -18.998 9.772   1.00 20.28 ? 3    VAL B CG2 1 
ATOM   945  N  N   . GLU B 1 24  ? 4.346   -22.144 11.553  1.00 18.77 ? 4    GLU B N   1 
ATOM   946  C  CA  . GLU B 1 24  ? 4.551   -23.581 11.320  1.00 18.54 ? 4    GLU B CA  1 
ATOM   947  C  C   . GLU B 1 24  ? 3.430   -24.210 10.490  1.00 18.48 ? 4    GLU B C   1 
ATOM   948  O  O   . GLU B 1 24  ? 3.682   -24.843 9.485   1.00 18.11 ? 4    GLU B O   1 
ATOM   949  C  CB  . GLU B 1 24  ? 4.680   -24.324 12.650  1.00 18.87 ? 4    GLU B CB  1 
ATOM   950  C  CG  . GLU B 1 24  ? 5.119   -25.809 12.539  1.00 18.75 ? 4    GLU B CG  1 
ATOM   951  C  CD  . GLU B 1 24  ? 5.109   -26.504 13.897  1.00 19.06 ? 4    GLU B CD  1 
ATOM   952  O  OE1 . GLU B 1 24  ? 4.092   -26.366 14.621  1.00 19.27 ? 4    GLU B OE1 1 
ATOM   953  O  OE2 . GLU B 1 24  ? 6.115   -27.193 14.238  1.00 20.06 ? 4    GLU B OE2 1 
ATOM   954  N  N   . LYS B 1 25  ? 2.190   -24.022 10.925  1.00 18.27 ? 5    LYS B N   1 
ATOM   955  C  CA  . LYS B 1 25  ? 1.037   -24.592 10.254  1.00 18.13 ? 5    LYS B CA  1 
ATOM   956  C  C   . LYS B 1 25  ? 0.902   -24.052 8.829   1.00 18.36 ? 5    LYS B C   1 
ATOM   957  O  O   . LYS B 1 25  ? 0.657   -24.811 7.904   1.00 17.79 ? 5    LYS B O   1 
ATOM   958  C  CB  . LYS B 1 25  ? -0.241  -24.329 11.075  1.00 17.99 ? 5    LYS B CB  1 
ATOM   959  C  CG  . LYS B 1 25  ? -1.496  -25.032 10.545  1.00 17.46 ? 5    LYS B CG  1 
ATOM   960  C  CD  . LYS B 1 25  ? -1.377  -26.575 10.485  1.00 16.60 ? 5    LYS B CD  1 
ATOM   961  C  CE  . LYS B 1 25  ? -1.458  -27.230 11.864  1.00 16.66 ? 5    LYS B CE  1 
ATOM   962  N  NZ  . LYS B 1 25  ? -0.106  -27.443 12.489  1.00 17.51 ? 5    LYS B NZ  1 
ATOM   963  N  N   . LEU B 1 26  ? 1.087   -22.748 8.649   1.00 17.82 ? 6    LEU B N   1 
ATOM   964  C  CA  . LEU B 1 26  ? 0.961   -22.140 7.332   1.00 17.94 ? 6    LEU B CA  1 
ATOM   965  C  C   . LEU B 1 26  ? 2.010   -22.751 6.367   1.00 17.31 ? 6    LEU B C   1 
ATOM   966  O  O   . LEU B 1 26  ? 1.669   -23.193 5.263   1.00 16.26 ? 6    LEU B O   1 
ATOM   967  C  CB  . LEU B 1 26  ? 1.137   -20.632 7.454   1.00 18.37 ? 6    LEU B CB  1 
ATOM   968  C  CG  . LEU B 1 26  ? 0.435   -19.600 6.574   1.00 21.16 ? 6    LEU B CG  1 
ATOM   969  C  CD1 . LEU B 1 26  ? 1.114   -18.245 6.778   1.00 21.74 ? 6    LEU B CD1 1 
ATOM   970  C  CD2 . LEU B 1 26  ? 0.440   -19.965 5.134   1.00 23.22 ? 6    LEU B CD2 1 
ATOM   971  N  N   . ARG B 1 27  ? 3.264   -22.768 6.816   1.00 17.08 ? 7    ARG B N   1 
ATOM   972  C  CA  . ARG B 1 27  ? 4.354   -23.412 6.110   1.00 17.58 ? 7    ARG B CA  1 
ATOM   973  C  C   . ARG B 1 27  ? 4.069   -24.872 5.769   1.00 16.85 ? 7    ARG B C   1 
ATOM   974  O  O   . ARG B 1 27  ? 4.340   -25.290 4.642   1.00 16.94 ? 7    ARG B O   1 
ATOM   975  C  CB  . ARG B 1 27  ? 5.679   -23.281 6.880   1.00 17.71 ? 7    ARG B CB  1 
ATOM   976  C  CG  . ARG B 1 27  ? 6.181   -21.812 6.979   1.00 18.24 ? 7    ARG B CG  1 
ATOM   977  C  CD  . ARG B 1 27  ? 7.573   -21.727 7.610   1.00 19.07 ? 7    ARG B CD  1 
ATOM   978  N  NE  . ARG B 1 27  ? 8.570   -22.409 6.776   1.00 22.95 ? 7    ARG B NE  1 
ATOM   979  C  CZ  . ARG B 1 27  ? 9.813   -22.722 7.150   1.00 24.34 ? 7    ARG B CZ  1 
ATOM   980  N  NH1 . ARG B 1 27  ? 10.259  -22.425 8.364   1.00 24.62 ? 7    ARG B NH1 1 
ATOM   981  N  NH2 . ARG B 1 27  ? 10.620  -23.353 6.307   1.00 24.34 ? 7    ARG B NH2 1 
ATOM   982  N  N   . GLN B 1 28  ? 3.511   -25.637 6.709   1.00 16.26 ? 8    GLN B N   1 
ATOM   983  C  CA  . GLN B 1 28  ? 3.234   -27.069 6.446   1.00 15.78 ? 8    GLN B CA  1 
ATOM   984  C  C   . GLN B 1 28  ? 2.212   -27.200 5.322   1.00 15.00 ? 8    GLN B C   1 
ATOM   985  O  O   . GLN B 1 28  ? 2.388   -28.020 4.438   1.00 14.61 ? 8    GLN B O   1 
ATOM   986  C  CB  . GLN B 1 28  ? 2.688   -27.801 7.682   1.00 15.89 ? 8    GLN B CB  1 
ATOM   987  C  CG  . GLN B 1 28  ? 3.692   -28.139 8.745   1.00 16.76 ? 8    GLN B CG  1 
ATOM   988  C  CD  . GLN B 1 28  ? 3.026   -28.603 10.042  1.00 16.61 ? 8    GLN B CD  1 
ATOM   989  O  OE1 . GLN B 1 28  ? 1.974   -28.080 10.446  1.00 17.14 ? 8    GLN B OE1 1 
ATOM   990  N  NE2 . GLN B 1 28  ? 3.638   -29.584 10.701  1.00 16.36 ? 8    GLN B NE2 1 
ATOM   991  N  N   . LEU B 1 29  ? 1.151   -26.386 5.365   1.00 15.13 ? 9    LEU B N   1 
ATOM   992  C  CA  . LEU B 1 29  ? 0.082   -26.462 4.370   1.00 15.48 ? 9    LEU B CA  1 
ATOM   993  C  C   . LEU B 1 29  ? 0.542   -25.960 3.004   1.00 15.54 ? 9    LEU B C   1 
ATOM   994  O  O   . LEU B 1 29  ? 0.261   -26.580 1.987   1.00 16.11 ? 9    LEU B O   1 
ATOM   995  C  CB  . LEU B 1 29  ? -1.169  -25.707 4.828   1.00 15.49 ? 9    LEU B CB  1 
ATOM   996  C  CG  . LEU B 1 29  ? -1.916  -26.329 6.021   1.00 15.68 ? 9    LEU B CG  1 
ATOM   997  C  CD1 . LEU B 1 29  ? -3.065  -25.434 6.465   1.00 15.78 ? 9    LEU B CD1 1 
ATOM   998  C  CD2 . LEU B 1 29  ? -2.407  -27.768 5.751   1.00 16.58 ? 9    LEU B CD2 1 
ATOM   999  N  N   . TYR B 1 30  ? 1.245   -24.839 2.975   1.00 15.67 ? 10   TYR B N   1 
ATOM   1000 C  CA  . TYR B 1 30  ? 1.848   -24.378 1.725   1.00 15.91 ? 10   TYR B CA  1 
ATOM   1001 C  C   . TYR B 1 30  ? 2.811   -25.426 1.136   1.00 15.61 ? 10   TYR B C   1 
ATOM   1002 O  O   . TYR B 1 30  ? 2.784   -25.701 -0.084  1.00 15.71 ? 10   TYR B O   1 
ATOM   1003 C  CB  . TYR B 1 30  ? 2.526   -23.029 1.916   1.00 15.76 ? 10   TYR B CB  1 
ATOM   1004 C  CG  . TYR B 1 30  ? 2.988   -22.412 0.607   1.00 16.36 ? 10   TYR B CG  1 
ATOM   1005 C  CD1 . TYR B 1 30  ? 4.186   -22.831 -0.007  1.00 17.07 ? 10   TYR B CD1 1 
ATOM   1006 C  CD2 . TYR B 1 30  ? 2.250   -21.378 0.000   1.00 15.31 ? 10   TYR B CD2 1 
ATOM   1007 C  CE1 . TYR B 1 30  ? 4.620   -22.276 -1.216  1.00 16.74 ? 10   TYR B CE1 1 
ATOM   1008 C  CE2 . TYR B 1 30  ? 2.688   -20.810 -1.202  1.00 15.73 ? 10   TYR B CE2 1 
ATOM   1009 C  CZ  . TYR B 1 30  ? 3.859   -21.264 -1.784  1.00 16.34 ? 10   TYR B CZ  1 
ATOM   1010 O  OH  . TYR B 1 30  ? 4.262   -20.704 -2.936  1.00 16.59 ? 10   TYR B OH  1 
ATOM   1011 N  N   . ALA B 1 31  ? 3.625   -26.048 1.992   1.00 15.34 ? 11   ALA B N   1 
ATOM   1012 C  CA  . ALA B 1 31  ? 4.568   -27.083 1.535   1.00 14.92 ? 11   ALA B CA  1 
ATOM   1013 C  C   . ALA B 1 31  ? 3.895   -28.363 1.018   1.00 14.72 ? 11   ALA B C   1 
ATOM   1014 O  O   . ALA B 1 31  ? 4.525   -29.158 0.302   1.00 14.64 ? 11   ALA B O   1 
ATOM   1015 C  CB  . ALA B 1 31  ? 5.601   -27.398 2.603   1.00 14.74 ? 11   ALA B CB  1 
ATOM   1016 N  N   . ALA B 1 32  ? 2.625   -28.548 1.374   1.00 14.26 ? 12   ALA B N   1 
ATOM   1017 C  CA  . ALA B 1 32  ? 1.813   -29.650 0.860   1.00 14.41 ? 12   ALA B CA  1 
ATOM   1018 C  C   . ALA B 1 32  ? 1.017   -29.317 -0.405  1.00 14.29 ? 12   ALA B C   1 
ATOM   1019 O  O   . ALA B 1 32  ? 0.238   -30.145 -0.876  1.00 14.87 ? 12   ALA B O   1 
ATOM   1020 C  CB  . ALA B 1 32  ? 0.869   -30.194 1.960   1.00 14.13 ? 12   ALA B CB  1 
ATOM   1021 N  N   . GLY B 1 33  ? 1.206   -28.123 -0.953  1.00 14.44 ? 13   GLY B N   1 
ATOM   1022 C  CA  . GLY B 1 33  ? 0.504   -27.706 -2.184  1.00 14.23 ? 13   GLY B CA  1 
ATOM   1023 C  C   . GLY B 1 33  ? -0.735  -26.817 -2.011  1.00 14.32 ? 13   GLY B C   1 
ATOM   1024 O  O   . GLY B 1 33  ? -1.292  -26.315 -2.997  1.00 14.37 ? 13   GLY B O   1 
ATOM   1025 N  N   . GLU B 1 34  ? -1.154  -26.586 -0.771  1.00 14.73 ? 14   GLU B N   1 
ATOM   1026 C  CA  . GLU B 1 34  ? -2.282  -25.685 -0.514  1.00 15.41 ? 14   GLU B CA  1 
ATOM   1027 C  C   . GLU B 1 34  ? -2.043  -24.215 -0.924  1.00 15.27 ? 14   GLU B C   1 
ATOM   1028 O  O   . GLU B 1 34  ? -1.008  -23.622 -0.610  1.00 15.27 ? 14   GLU B O   1 
ATOM   1029 C  CB  . GLU B 1 34  ? -2.661  -25.741 0.964   1.00 15.39 ? 14   GLU B CB  1 
ATOM   1030 C  CG  . GLU B 1 34  ? -3.942  -24.975 1.334   1.00 16.10 ? 14   GLU B CG  1 
ATOM   1031 C  CD  . GLU B 1 34  ? -5.152  -25.508 0.609   1.00 15.74 ? 14   GLU B CD  1 
ATOM   1032 O  OE1 . GLU B 1 34  ? -5.434  -26.725 0.731   1.00 17.19 ? 14   GLU B OE1 1 
ATOM   1033 O  OE2 . GLU B 1 34  ? -5.815  -24.719 -0.089  1.00 15.65 ? 14   GLU B OE2 1 
ATOM   1034 N  N   . ARG B 1 35  ? -3.034  -23.626 -1.585  1.00 15.64 ? 15   ARG B N   1 
ATOM   1035 C  CA  . ARG B 1 35  ? -2.959  -22.221 -1.980  1.00 16.40 ? 15   ARG B CA  1 
ATOM   1036 C  C   . ARG B 1 35  ? -4.128  -21.364 -1.490  1.00 16.95 ? 15   ARG B C   1 
ATOM   1037 O  O   . ARG B 1 35  ? -4.020  -20.139 -1.500  1.00 16.85 ? 15   ARG B O   1 
ATOM   1038 C  CB  . ARG B 1 35  ? -2.806  -22.074 -3.507  1.00 16.08 ? 15   ARG B CB  1 
ATOM   1039 C  CG  . ARG B 1 35  ? -1.530  -22.650 -4.100  1.00 16.50 ? 15   ARG B CG  1 
ATOM   1040 C  CD  . ARG B 1 35  ? -0.241  -21.989 -3.550  1.00 16.13 ? 15   ARG B CD  1 
ATOM   1041 N  NE  . ARG B 1 35  ? 0.937   -22.696 -4.060  1.00 16.46 ? 15   ARG B NE  1 
ATOM   1042 C  CZ  . ARG B 1 35  ? 1.625   -23.648 -3.427  1.00 15.01 ? 15   ARG B CZ  1 
ATOM   1043 N  NH1 . ARG B 1 35  ? 1.290   -24.063 -2.194  1.00 13.30 ? 15   ARG B NH1 1 
ATOM   1044 N  NH2 . ARG B 1 35  ? 2.673   -24.185 -4.036  1.00 13.73 ? 15   ARG B NH2 1 
ATOM   1045 N  N   . ASP B 1 36  ? -5.233  -22.006 -1.068  1.00 17.36 ? 16   ASP B N   1 
ATOM   1046 C  CA  . ASP B 1 36  ? -6.411  -21.267 -0.649  1.00 17.30 ? 16   ASP B CA  1 
ATOM   1047 C  C   . ASP B 1 36  ? -6.440  -20.956 0.857   1.00 17.10 ? 16   ASP B C   1 
ATOM   1048 O  O   . ASP B 1 36  ? -7.026  -21.681 1.670   1.00 17.03 ? 16   ASP B O   1 
ATOM   1049 C  CB  . ASP B 1 36  ? -7.728  -21.883 -1.148  1.00 18.03 ? 16   ASP B CB  1 
ATOM   1050 C  CG  . ASP B 1 36  ? -8.938  -20.938 -0.927  1.00 19.77 ? 16   ASP B CG  1 
ATOM   1051 O  OD1 . ASP B 1 36  ? -8.727  -19.758 -0.553  1.00 23.38 ? 16   ASP B OD1 1 
ATOM   1052 O  OD2 . ASP B 1 36  ? -10.096 -21.355 -1.117  1.00 21.59 ? 16   ASP B OD2 1 
ATOM   1053 N  N   . PHE B 1 37  ? -5.836  -19.818 1.188   1.00 16.47 ? 17   PHE B N   1 
ATOM   1054 C  CA  . PHE B 1 37  ? -5.831  -19.298 2.537   1.00 15.96 ? 17   PHE B CA  1 
ATOM   1055 C  C   . PHE B 1 37  ? -6.751  -18.062 2.612   1.00 15.43 ? 17   PHE B C   1 
ATOM   1056 O  O   . PHE B 1 37  ? -6.446  -17.075 3.266   1.00 15.44 ? 17   PHE B O   1 
ATOM   1057 C  CB  . PHE B 1 37  ? -4.389  -18.965 2.939   1.00 15.80 ? 17   PHE B CB  1 
ATOM   1058 C  CG  . PHE B 1 37  ? -3.479  -20.162 2.907   1.00 16.14 ? 17   PHE B CG  1 
ATOM   1059 C  CD1 . PHE B 1 37  ? -3.573  -21.146 3.898   1.00 15.93 ? 17   PHE B CD1 1 
ATOM   1060 C  CD2 . PHE B 1 37  ? -2.564  -20.346 1.856   1.00 16.17 ? 17   PHE B CD2 1 
ATOM   1061 C  CE1 . PHE B 1 37  ? -2.753  -22.259 3.876   1.00 14.04 ? 17   PHE B CE1 1 
ATOM   1062 C  CE2 . PHE B 1 37  ? -1.749  -21.471 1.837   1.00 15.03 ? 17   PHE B CE2 1 
ATOM   1063 C  CZ  . PHE B 1 37  ? -1.865  -22.429 2.852   1.00 14.72 ? 17   PHE B CZ  1 
ATOM   1064 N  N   . SER B 1 38  ? -7.875  -18.094 1.918   1.00 15.58 ? 18   SER B N   1 
ATOM   1065 C  CA  . SER B 1 38  ? -8.706  -16.902 1.930   1.00 15.89 ? 18   SER B CA  1 
ATOM   1066 C  C   . SER B 1 38  ? -9.252  -16.717 3.337   1.00 14.85 ? 18   SER B C   1 
ATOM   1067 O  O   . SER B 1 38  ? -9.426  -17.711 4.087   1.00 15.95 ? 18   SER B O   1 
ATOM   1068 C  CB  . SER B 1 38  ? -9.781  -16.956 0.845   1.00 15.37 ? 18   SER B CB  1 
ATOM   1069 O  OG  . SER B 1 38  ? -10.628 -18.061 1.044   1.00 18.48 ? 18   SER B OG  1 
ATOM   1070 N  N   . ILE B 1 39  ? -9.470  -15.447 3.704   1.00 15.25 ? 19   ILE B N   1 
ATOM   1071 C  CA  . ILE B 1 39  ? -10.070 -15.027 4.995   1.00 14.88 ? 19   ILE B CA  1 
ATOM   1072 C  C   . ILE B 1 39  ? -9.436  -15.619 6.248   1.00 14.99 ? 19   ILE B C   1 
ATOM   1073 O  O   . ILE B 1 39  ? -10.032 -15.632 7.310   1.00 14.73 ? 19   ILE B O   1 
ATOM   1074 C  CB  . ILE B 1 39  ? -11.631 -15.147 5.066   1.00 14.81 ? 19   ILE B CB  1 
ATOM   1075 C  CG1 . ILE B 1 39  ? -12.117 -16.604 5.062   1.00 14.16 ? 19   ILE B CG1 1 
ATOM   1076 C  CG2 . ILE B 1 39  ? -12.305 -14.324 3.973   1.00 15.30 ? 19   ILE B CG2 1 
ATOM   1077 C  CD1 . ILE B 1 39  ? -13.598 -16.751 5.619   1.00 13.92 ? 19   ILE B CD1 1 
ATOM   1078 N  N   . VAL B 1 40  ? -8.210  -16.105 6.139   1.00 14.98 ? 20   VAL B N   1 
ATOM   1079 C  CA  . VAL B 1 40  ? -7.579  -16.673 7.348   1.00 14.55 ? 20   VAL B CA  1 
ATOM   1080 C  C   . VAL B 1 40  ? -7.249  -15.588 8.386   1.00 14.85 ? 20   VAL B C   1 
ATOM   1081 O  O   . VAL B 1 40  ? -7.147  -14.399 8.045   1.00 13.98 ? 20   VAL B O   1 
ATOM   1082 C  CB  . VAL B 1 40  ? -6.323  -17.531 7.033   1.00 14.30 ? 20   VAL B CB  1 
ATOM   1083 C  CG1 . VAL B 1 40  ? -6.718  -18.757 6.189   1.00 13.16 ? 20   VAL B CG1 1 
ATOM   1084 C  CG2 . VAL B 1 40  ? -5.224  -16.662 6.377   1.00 14.50 ? 20   VAL B CG2 1 
ATOM   1085 N  N   . ASP B 1 41  ? -7.111  -16.028 9.643   1.00 15.08 ? 21   ASP B N   1 
ATOM   1086 C  CA  . ASP B 1 41  ? -6.670  -15.169 10.732  1.00 15.41 ? 21   ASP B CA  1 
ATOM   1087 C  C   . ASP B 1 41  ? -5.187  -15.364 11.012  1.00 15.15 ? 21   ASP B C   1 
ATOM   1088 O  O   . ASP B 1 41  ? -4.792  -16.349 11.631  1.00 14.53 ? 21   ASP B O   1 
ATOM   1089 C  CB  . ASP B 1 41  ? -7.454  -15.438 12.031  1.00 15.40 ? 21   ASP B CB  1 
ATOM   1090 C  CG  . ASP B 1 41  ? -7.240  -14.341 13.072  1.00 17.67 ? 21   ASP B CG  1 
ATOM   1091 O  OD1 . ASP B 1 41  ? -6.423  -13.459 12.796  1.00 16.77 ? 21   ASP B OD1 1 
ATOM   1092 O  OD2 . ASP B 1 41  ? -7.886  -14.352 14.153  1.00 18.51 ? 21   ASP B OD2 1 
ATOM   1093 N  N   . LEU B 1 42  ? -4.396  -14.378 10.588  1.00 15.95 ? 22   LEU B N   1 
ATOM   1094 C  CA  . LEU B 1 42  ? -2.943  -14.352 10.817  1.00 16.02 ? 22   LEU B CA  1 
ATOM   1095 C  C   . LEU B 1 42  ? -2.550  -13.023 11.451  1.00 16.36 ? 22   LEU B C   1 
ATOM   1096 O  O   . LEU B 1 42  ? -1.423  -12.519 11.233  1.00 16.15 ? 22   LEU B O   1 
ATOM   1097 C  CB  . LEU B 1 42  ? -2.206  -14.542 9.482   1.00 15.72 ? 22   LEU B CB  1 
ATOM   1098 C  CG  . LEU B 1 42  ? -2.263  -15.949 8.861   1.00 16.59 ? 22   LEU B CG  1 
ATOM   1099 C  CD1 . LEU B 1 42  ? -1.730  -15.908 7.427   1.00 14.71 ? 22   LEU B CD1 1 
ATOM   1100 C  CD2 . LEU B 1 42  ? -1.425  -16.941 9.710   1.00 18.06 ? 22   LEU B CD2 1 
ATOM   1101 N  N   . ARG B 1 43  ? -3.460  -12.445 12.247  1.00 16.36 ? 23   ARG B N   1 
ATOM   1102 C  CA  . ARG B 1 43  ? -3.153  -11.155 12.883  1.00 16.54 ? 23   ARG B CA  1 
ATOM   1103 C  C   . ARG B 1 43  ? -1.991  -11.372 13.841  1.00 16.32 ? 23   ARG B C   1 
ATOM   1104 O  O   . ARG B 1 43  ? -2.001  -12.335 14.615  1.00 16.02 ? 23   ARG B O   1 
ATOM   1105 C  CB  . ARG B 1 43  ? -4.382  -10.567 13.595  1.00 16.73 ? 23   ARG B CB  1 
ATOM   1106 C  CG  . ARG B 1 43  ? -5.480  -10.129 12.635  1.00 18.43 ? 23   ARG B CG  1 
ATOM   1107 C  CD  . ARG B 1 43  ? -6.753  -9.777  13.378  1.00 20.60 ? 23   ARG B CD  1 
ATOM   1108 N  NE  . ARG B 1 43  ? -7.491  -10.972 13.788  1.00 21.70 ? 23   ARG B NE  1 
ATOM   1109 C  CZ  . ARG B 1 43  ? -8.677  -10.943 14.384  1.00 22.97 ? 23   ARG B CZ  1 
ATOM   1110 N  NH1 . ARG B 1 43  ? -9.263  -9.771  14.616  1.00 22.48 ? 23   ARG B NH1 1 
ATOM   1111 N  NH2 . ARG B 1 43  ? -9.288  -12.077 14.710  1.00 23.15 ? 23   ARG B NH2 1 
ATOM   1112 N  N   . GLY B 1 44  ? -0.987  -10.497 13.794  1.00 16.42 ? 24   GLY B N   1 
ATOM   1113 C  CA  . GLY B 1 44  ? 0.168   -10.627 14.690  1.00 16.51 ? 24   GLY B CA  1 
ATOM   1114 C  C   . GLY B 1 44  ? 1.168   -11.746 14.355  1.00 16.32 ? 24   GLY B C   1 
ATOM   1115 O  O   . GLY B 1 44  ? 2.150   -11.941 15.087  1.00 16.23 ? 24   GLY B O   1 
ATOM   1116 N  N   . ALA B 1 45  ? 0.930   -12.480 13.264  1.00 16.15 ? 25   ALA B N   1 
ATOM   1117 C  CA  . ALA B 1 45  ? 1.750   -13.640 12.925  1.00 16.36 ? 25   ALA B CA  1 
ATOM   1118 C  C   . ALA B 1 45  ? 3.218   -13.265 12.560  1.00 16.12 ? 25   ALA B C   1 
ATOM   1119 O  O   . ALA B 1 45  ? 3.479   -12.168 12.067  1.00 15.83 ? 25   ALA B O   1 
ATOM   1120 C  CB  . ALA B 1 45  ? 1.078   -14.469 11.822  1.00 16.35 ? 25   ALA B CB  1 
ATOM   1121 N  N   . VAL B 1 46  ? 4.143   -14.173 12.859  1.00 15.89 ? 26   VAL B N   1 
ATOM   1122 C  CA  . VAL B 1 46  ? 5.583   -14.007 12.630  1.00 16.14 ? 26   VAL B CA  1 
ATOM   1123 C  C   . VAL B 1 46  ? 5.908   -14.772 11.330  1.00 15.77 ? 26   VAL B C   1 
ATOM   1124 O  O   . VAL B 1 46  ? 6.197   -15.964 11.351  1.00 16.26 ? 26   VAL B O   1 
ATOM   1125 C  CB  . VAL B 1 46  ? 6.412   -14.567 13.830  1.00 16.39 ? 26   VAL B CB  1 
ATOM   1126 C  CG1 . VAL B 1 46  ? 7.938   -14.306 13.659  1.00 16.92 ? 26   VAL B CG1 1 
ATOM   1127 C  CG2 . VAL B 1 46  ? 5.935   -13.965 15.164  1.00 16.89 ? 26   VAL B CG2 1 
ATOM   1128 N  N   . LEU B 1 47  ? 5.794   -14.088 10.203  1.00 15.72 ? 27   LEU B N   1 
ATOM   1129 C  CA  . LEU B 1 47  ? 5.831   -14.747 8.897   1.00 15.29 ? 27   LEU B CA  1 
ATOM   1130 C  C   . LEU B 1 47  ? 7.043   -14.278 8.115   1.00 15.41 ? 27   LEU B C   1 
ATOM   1131 O  O   . LEU B 1 47  ? 7.111   -14.424 6.896   1.00 15.51 ? 27   LEU B O   1 
ATOM   1132 C  CB  . LEU B 1 47  ? 4.524   -14.472 8.121   1.00 15.34 ? 27   LEU B CB  1 
ATOM   1133 C  CG  . LEU B 1 47  ? 3.198   -14.822 8.830   1.00 14.41 ? 27   LEU B CG  1 
ATOM   1134 C  CD1 . LEU B 1 47  ? 1.989   -14.255 8.094   1.00 12.73 ? 27   LEU B CD1 1 
ATOM   1135 C  CD2 . LEU B 1 47  ? 3.039   -16.357 9.087   1.00 13.79 ? 27   LEU B CD2 1 
ATOM   1136 N  N   . GLU B 1 48  ? 8.010   -13.698 8.821   1.00 15.23 ? 28   GLU B N   1 
ATOM   1137 C  CA  . GLU B 1 48  ? 9.247   -13.239 8.189   1.00 15.35 ? 28   GLU B CA  1 
ATOM   1138 C  C   . GLU B 1 48  ? 9.861   -14.359 7.291   1.00 15.23 ? 28   GLU B C   1 
ATOM   1139 O  O   . GLU B 1 48  ? 9.851   -15.532 7.672   1.00 14.32 ? 28   GLU B O   1 
ATOM   1140 C  CB  . GLU B 1 48  ? 10.222  -12.793 9.287   1.00 15.11 ? 28   GLU B CB  1 
ATOM   1141 C  CG  . GLU B 1 48  ? 11.394  -11.978 8.796   1.00 15.97 ? 28   GLU B CG  1 
ATOM   1142 C  CD  . GLU B 1 48  ? 12.288  -11.456 9.928   1.00 15.25 ? 28   GLU B CD  1 
ATOM   1143 O  OE1 . GLU B 1 48  ? 11.794  -11.215 11.059  1.00 16.44 ? 28   GLU B OE1 1 
ATOM   1144 O  OE2 . GLU B 1 48  ? 13.488  -11.285 9.674   1.00 15.01 ? 28   GLU B OE2 1 
ATOM   1145 N  N   . ASN B 1 49  ? 10.362  -13.976 6.106   1.00 15.56 ? 29   ASN B N   1 
ATOM   1146 C  CA  . ASN B 1 49  ? 10.982  -14.868 5.113   1.00 16.45 ? 29   ASN B CA  1 
ATOM   1147 C  C   . ASN B 1 49  ? 10.101  -15.947 4.501   1.00 17.20 ? 29   ASN B C   1 
ATOM   1148 O  O   . ASN B 1 49  ? 10.631  -16.767 3.739   1.00 17.40 ? 29   ASN B O   1 
ATOM   1149 C  CB  . ASN B 1 49  ? 12.274  -15.556 5.660   1.00 16.46 ? 29   ASN B CB  1 
ATOM   1150 C  CG  . ASN B 1 49  ? 13.072  -14.650 6.584   1.00 16.85 ? 29   ASN B CG  1 
ATOM   1151 O  OD1 . ASN B 1 49  ? 13.354  -13.499 6.244   1.00 17.02 ? 29   ASN B OD1 1 
ATOM   1152 N  ND2 . ASN B 1 49  ? 13.403  -15.151 7.772   1.00 16.77 ? 29   ASN B ND2 1 
ATOM   1153 N  N   . ILE B 1 50  ? 8.809   -15.992 4.849   1.00 17.27 ? 30   ILE B N   1 
ATOM   1154 C  CA  . ILE B 1 50  ? 7.898   -17.043 4.335   1.00 17.35 ? 30   ILE B CA  1 
ATOM   1155 C  C   . ILE B 1 50  ? 7.788   -17.055 2.794   1.00 17.53 ? 30   ILE B C   1 
ATOM   1156 O  O   . ILE B 1 50  ? 7.810   -16.009 2.150   1.00 17.54 ? 30   ILE B O   1 
ATOM   1157 C  CB  . ILE B 1 50  ? 6.455   -17.017 5.023   1.00 17.33 ? 30   ILE B CB  1 
ATOM   1158 C  CG1 . ILE B 1 50  ? 5.751   -18.370 4.833   1.00 17.71 ? 30   ILE B CG1 1 
ATOM   1159 C  CG2 . ILE B 1 50  ? 5.588   -15.799 4.550   1.00 17.41 ? 30   ILE B CG2 1 
ATOM   1160 C  CD1 . ILE B 1 50  ? 4.523   -18.607 5.718   1.00 17.02 ? 30   ILE B CD1 1 
ATOM   1161 N  N   . ASN B 1 51  ? 7.696   -18.240 2.203   1.00 17.57 ? 31   ASN B N   1 
ATOM   1162 C  CA  . ASN B 1 51  ? 7.313   -18.303 0.797   1.00 17.68 ? 31   ASN B CA  1 
ATOM   1163 C  C   . ASN B 1 51  ? 5.797   -18.453 0.713   1.00 17.31 ? 31   ASN B C   1 
ATOM   1164 O  O   . ASN B 1 51  ? 5.238   -19.491 1.082   1.00 16.95 ? 31   ASN B O   1 
ATOM   1165 C  CB  . ASN B 1 51  ? 8.059   -19.427 0.051   1.00 17.90 ? 31   ASN B CB  1 
ATOM   1166 C  CG  . ASN B 1 51  ? 7.702   -19.491 -1.437  1.00 19.00 ? 31   ASN B CG  1 
ATOM   1167 O  OD1 . ASN B 1 51  ? 7.168   -18.541 -2.008  1.00 19.59 ? 31   ASN B OD1 1 
ATOM   1168 N  ND2 . ASN B 1 51  ? 7.989   -20.626 -2.058  1.00 18.89 ? 31   ASN B ND2 1 
ATOM   1169 N  N   . LEU B 1 52  ? 5.115   -17.384 0.287   1.00 16.86 ? 32   LEU B N   1 
ATOM   1170 C  CA  . LEU B 1 52  ? 3.670   -17.496 0.013   1.00 16.36 ? 32   LEU B CA  1 
ATOM   1171 C  C   . LEU B 1 52  ? 3.365   -17.156 -1.449  1.00 16.16 ? 32   LEU B C   1 
ATOM   1172 O  O   . LEU B 1 52  ? 2.259   -16.713 -1.777  1.00 16.66 ? 32   LEU B O   1 
ATOM   1173 C  CB  . LEU B 1 52  ? 2.850   -16.602 0.956   1.00 16.32 ? 32   LEU B CB  1 
ATOM   1174 C  CG  . LEU B 1 52  ? 2.706   -16.963 2.440   1.00 14.85 ? 32   LEU B CG  1 
ATOM   1175 C  CD1 . LEU B 1 52  ? 1.915   -15.865 3.163   1.00 14.24 ? 32   LEU B CD1 1 
ATOM   1176 C  CD2 . LEU B 1 52  ? 2.026   -18.299 2.621   1.00 15.81 ? 32   LEU B CD2 1 
ATOM   1177 N  N   . SER B 1 53  ? 4.347   -17.367 -2.329  1.00 16.19 ? 33   SER B N   1 
ATOM   1178 C  CA  . SER B 1 53  ? 4.181   -16.999 -3.731  1.00 15.74 ? 33   SER B CA  1 
ATOM   1179 C  C   . SER B 1 53  ? 2.954   -17.742 -4.310  1.00 15.38 ? 33   SER B C   1 
ATOM   1180 O  O   . SER B 1 53  ? 2.819   -18.976 -4.170  1.00 14.54 ? 33   SER B O   1 
ATOM   1181 C  CB  . SER B 1 53  ? 5.467   -17.265 -4.539  1.00 15.08 ? 33   SER B CB  1 
ATOM   1182 O  OG  . SER B 1 53  ? 5.781   -18.650 -4.554  1.00 16.76 ? 33   SER B OG  1 
ATOM   1183 N  N   . GLY B 1 54  ? 2.053   -16.981 -4.921  1.00 15.18 ? 34   GLY B N   1 
ATOM   1184 C  CA  . GLY B 1 54  ? 0.864   -17.538 -5.535  1.00 15.29 ? 34   GLY B CA  1 
ATOM   1185 C  C   . GLY B 1 54  ? -0.294  -17.866 -4.616  1.00 16.22 ? 34   GLY B C   1 
ATOM   1186 O  O   . GLY B 1 54  ? -1.332  -18.305 -5.107  1.00 16.17 ? 34   GLY B O   1 
ATOM   1187 N  N   . ALA B 1 55  ? -0.130  -17.680 -3.294  1.00 16.44 ? 35   ALA B N   1 
ATOM   1188 C  CA  . ALA B 1 55  ? -1.192  -17.944 -2.310  1.00 16.71 ? 35   ALA B CA  1 
ATOM   1189 C  C   . ALA B 1 55  ? -2.386  -17.024 -2.510  1.00 16.70 ? 35   ALA B C   1 
ATOM   1190 O  O   . ALA B 1 55  ? -2.212  -15.839 -2.812  1.00 16.52 ? 35   ALA B O   1 
ATOM   1191 C  CB  . ALA B 1 55  ? -0.665  -17.761 -0.827  1.00 16.82 ? 35   ALA B CB  1 
ATOM   1192 N  N   . ILE B 1 56  ? -3.587  -17.566 -2.305  1.00 16.36 ? 36   ILE B N   1 
ATOM   1193 C  CA  . ILE B 1 56  ? -4.808  -16.762 -2.279  1.00 15.93 ? 36   ILE B CA  1 
ATOM   1194 C  C   . ILE B 1 56  ? -5.000  -16.342 -0.837  1.00 15.65 ? 36   ILE B C   1 
ATOM   1195 O  O   . ILE B 1 56  ? -5.186  -17.192 0.044   1.00 15.52 ? 36   ILE B O   1 
ATOM   1196 C  CB  . ILE B 1 56  ? -6.055  -17.567 -2.735  1.00 16.22 ? 36   ILE B CB  1 
ATOM   1197 C  CG1 . ILE B 1 56  ? -5.868  -18.100 -4.162  1.00 16.49 ? 36   ILE B CG1 1 
ATOM   1198 C  CG2 . ILE B 1 56  ? -7.317  -16.716 -2.620  1.00 14.99 ? 36   ILE B CG2 1 
ATOM   1199 C  CD1 . ILE B 1 56  ? -7.030  -19.027 -4.600  1.00 16.48 ? 36   ILE B CD1 1 
ATOM   1200 N  N   . LEU B 1 57  ? -4.919  -15.037 -0.585  1.00 15.57 ? 37   LEU B N   1 
ATOM   1201 C  CA  . LEU B 1 57  ? -5.097  -14.495 0.771   1.00 15.20 ? 37   LEU B CA  1 
ATOM   1202 C  C   . LEU B 1 57  ? -6.170  -13.413 0.748   1.00 15.48 ? 37   LEU B C   1 
ATOM   1203 O  O   . LEU B 1 57  ? -6.126  -12.476 1.522   1.00 14.67 ? 37   LEU B O   1 
ATOM   1204 C  CB  . LEU B 1 57  ? -3.757  -13.967 1.322   1.00 15.58 ? 37   LEU B CB  1 
ATOM   1205 C  CG  . LEU B 1 57  ? -2.670  -15.037 1.589   1.00 15.44 ? 37   LEU B CG  1 
ATOM   1206 C  CD1 . LEU B 1 57  ? -1.268  -14.493 1.535   1.00 14.46 ? 37   LEU B CD1 1 
ATOM   1207 C  CD2 . LEU B 1 57  ? -2.924  -15.582 2.967   1.00 18.97 ? 37   LEU B CD2 1 
ATOM   1208 N  N   . HIS B 1 58  ? -7.128  -13.568 -0.170  1.00 15.18 ? 38   HIS B N   1 
ATOM   1209 C  CA  . HIS B 1 58  ? -8.303  -12.701 -0.291  1.00 15.43 ? 38   HIS B CA  1 
ATOM   1210 C  C   . HIS B 1 58  ? -9.024  -12.593 1.069   1.00 15.41 ? 38   HIS B C   1 
ATOM   1211 O  O   . HIS B 1 58  ? -9.398  -13.594 1.655   1.00 14.54 ? 38   HIS B O   1 
ATOM   1212 C  CB  . HIS B 1 58  ? -9.283  -13.288 -1.337  1.00 15.88 ? 38   HIS B CB  1 
ATOM   1213 C  CG  . HIS B 1 58  ? -10.582 -12.553 -1.447  1.00 16.48 ? 38   HIS B CG  1 
ATOM   1214 N  ND1 . HIS B 1 58  ? -10.694 -11.311 -2.041  1.00 17.12 ? 38   HIS B ND1 1 
ATOM   1215 C  CD2 . HIS B 1 58  ? -11.834 -12.893 -1.053  1.00 16.66 ? 38   HIS B CD2 1 
ATOM   1216 C  CE1 . HIS B 1 58  ? -11.959 -10.928 -2.020  1.00 17.12 ? 38   HIS B CE1 1 
ATOM   1217 N  NE2 . HIS B 1 58  ? -12.670 -11.868 -1.425  1.00 16.24 ? 38   HIS B NE2 1 
ATOM   1218 N  N   . GLY B 1 59  ? -9.196  -11.372 1.555   1.00 15.97 ? 39   GLY B N   1 
ATOM   1219 C  CA  . GLY B 1 59  ? -9.897  -11.156 2.813   1.00 16.41 ? 39   GLY B CA  1 
ATOM   1220 C  C   . GLY B 1 59  ? -9.165  -11.584 4.067   1.00 16.63 ? 39   GLY B C   1 
ATOM   1221 O  O   . GLY B 1 59  ? -9.717  -11.433 5.149   1.00 16.79 ? 39   GLY B O   1 
ATOM   1222 N  N   . ALA B 1 60  ? -7.914  -12.056 3.942   1.00 16.56 ? 40   ALA B N   1 
ATOM   1223 C  CA  . ALA B 1 60  ? -7.116  -12.536 5.090   1.00 16.91 ? 40   ALA B CA  1 
ATOM   1224 C  C   . ALA B 1 60  ? -6.861  -11.421 6.097   1.00 17.26 ? 40   ALA B C   1 
ATOM   1225 O  O   . ALA B 1 60  ? -6.771  -10.252 5.727   1.00 16.51 ? 40   ALA B O   1 
ATOM   1226 C  CB  . ALA B 1 60  ? -5.757  -13.148 4.632   1.00 16.53 ? 40   ALA B CB  1 
ATOM   1227 N  N   . MET B 1 61  ? -6.744  -11.779 7.374   1.00 17.12 ? 41   MET B N   1 
ATOM   1228 C  CA  . MET B 1 61  ? -6.488  -10.765 8.376   1.00 16.89 ? 41   MET B CA  1 
ATOM   1229 C  C   . MET B 1 61  ? -5.021  -10.863 8.737   1.00 16.48 ? 41   MET B C   1 
ATOM   1230 O  O   . MET B 1 61  ? -4.594  -11.827 9.332   1.00 16.43 ? 41   MET B O   1 
ATOM   1231 C  CB  . MET B 1 61  ? -7.406  -10.909 9.606   1.00 16.78 ? 41   MET B CB  1 
ATOM   1232 C  CG  . MET B 1 61  ? -8.918  -10.693 9.279   1.00 17.84 ? 41   MET B CG  1 
ATOM   1233 S  SD  . MET B 1 61  ? -10.003 -10.778 10.715  1.00 17.53 ? 41   MET B SD  1 
ATOM   1234 C  CE  . MET B 1 61  ? -9.816  -12.523 11.148  1.00 12.96 ? 41   MET B CE  1 
ATOM   1235 N  N   . LEU B 1 62  ? -4.261  -9.856  8.324   1.00 16.37 ? 42   LEU B N   1 
ATOM   1236 C  CA  . LEU B 1 62  ? -2.834  -9.837  8.518   1.00 16.69 ? 42   LEU B CA  1 
ATOM   1237 C  C   . LEU B 1 62  ? -2.459  -8.584  9.290   1.00 17.40 ? 42   LEU B C   1 
ATOM   1238 O  O   . LEU B 1 62  ? -1.327  -8.136  9.214   1.00 17.55 ? 42   LEU B O   1 
ATOM   1239 C  CB  . LEU B 1 62  ? -2.143  -9.876  7.168   1.00 16.47 ? 42   LEU B CB  1 
ATOM   1240 C  CG  . LEU B 1 62  ? -2.287  -11.235 6.486   1.00 17.37 ? 42   LEU B CG  1 
ATOM   1241 C  CD1 . LEU B 1 62  ? -2.418  -11.073 5.001   1.00 17.18 ? 42   LEU B CD1 1 
ATOM   1242 C  CD2 . LEU B 1 62  ? -1.120  -12.160 6.878   1.00 16.64 ? 42   LEU B CD2 1 
ATOM   1243 N  N   . ASP B 1 63  ? -3.410  -8.009  10.035  1.00 17.66 ? 43   ASP B N   1 
ATOM   1244 C  CA  . ASP B 1 63  ? -3.070  -6.851  10.845  1.00 18.37 ? 43   ASP B CA  1 
ATOM   1245 C  C   . ASP B 1 63  ? -1.835  -7.175  11.686  1.00 18.16 ? 43   ASP B C   1 
ATOM   1246 O  O   . ASP B 1 63  ? -1.775  -8.232  12.332  1.00 17.97 ? 43   ASP B O   1 
ATOM   1247 C  CB  . ASP B 1 63  ? -4.221  -6.418  11.732  1.00 18.73 ? 43   ASP B CB  1 
ATOM   1248 C  CG  . ASP B 1 63  ? -5.325  -5.738  10.956  1.00 21.97 ? 43   ASP B CG  1 
ATOM   1249 O  OD1 . ASP B 1 63  ? -5.151  -5.515  9.724   1.00 24.36 ? 43   ASP B OD1 1 
ATOM   1250 O  OD2 . ASP B 1 63  ? -6.347  -5.386  11.584  1.00 22.30 ? 43   ASP B OD2 1 
ATOM   1251 N  N   . GLU B 1 64  ? -0.866  -6.261  11.638  1.00 18.08 ? 44   GLU B N   1 
ATOM   1252 C  CA  . GLU B 1 64  ? 0.390   -6.284  12.436  1.00 18.53 ? 44   GLU B CA  1 
ATOM   1253 C  C   . GLU B 1 64  ? 1.221   -7.549  12.277  1.00 17.76 ? 44   GLU B C   1 
ATOM   1254 O  O   . GLU B 1 64  ? 2.010   -7.894  13.172  1.00 17.34 ? 44   GLU B O   1 
ATOM   1255 C  CB  . GLU B 1 64  ? 0.104   -6.084  13.923  1.00 19.25 ? 44   GLU B CB  1 
ATOM   1256 C  CG  . GLU B 1 64  ? -1.049  -5.171  14.230  1.00 22.76 ? 44   GLU B CG  1 
ATOM   1257 C  CD  . GLU B 1 64  ? -0.848  -4.473  15.536  1.00 29.39 ? 44   GLU B CD  1 
ATOM   1258 O  OE1 . GLU B 1 64  ? 0.093   -3.638  15.615  1.00 30.94 ? 44   GLU B OE1 1 
ATOM   1259 O  OE2 . GLU B 1 64  ? -1.638  -4.755  16.482  1.00 31.10 ? 44   GLU B OE2 1 
ATOM   1260 N  N   . ALA B 1 65  ? 1.019   -8.245  11.158  1.00 16.80 ? 45   ALA B N   1 
ATOM   1261 C  CA  . ALA B 1 65  ? 1.817   -9.414  10.841  1.00 16.59 ? 45   ALA B CA  1 
ATOM   1262 C  C   . ALA B 1 65  ? 3.243   -8.939  10.543  1.00 15.60 ? 45   ALA B C   1 
ATOM   1263 O  O   . ALA B 1 65  ? 3.452   -7.811  10.089  1.00 15.89 ? 45   ALA B O   1 
ATOM   1264 C  CB  . ALA B 1 65  ? 1.244   -10.167 9.638   1.00 16.20 ? 45   ALA B CB  1 
ATOM   1265 N  N   . ASN B 1 66  ? 4.211   -9.787  10.856  1.00 15.73 ? 46   ASN B N   1 
ATOM   1266 C  CA  . ASN B 1 66  ? 5.586   -9.594  10.449  1.00 15.29 ? 46   ASN B CA  1 
ATOM   1267 C  C   . ASN B 1 66  ? 5.751   -10.322 9.116   1.00 15.37 ? 46   ASN B C   1 
ATOM   1268 O  O   . ASN B 1 66  ? 5.826   -11.543 9.076   1.00 15.77 ? 46   ASN B O   1 
ATOM   1269 C  CB  . ASN B 1 66  ? 6.552   -10.143 11.518  1.00 15.65 ? 46   ASN B CB  1 
ATOM   1270 C  CG  . ASN B 1 66  ? 8.032   -9.984  11.115  1.00 14.68 ? 46   ASN B CG  1 
ATOM   1271 O  OD1 . ASN B 1 66  ? 8.334   -9.543  10.004  1.00 13.91 ? 46   ASN B OD1 1 
ATOM   1272 N  ND2 . ASN B 1 66  ? 8.948   -10.369 12.011  1.00 14.85 ? 46   ASN B ND2 1 
ATOM   1273 N  N   . LEU B 1 67  ? 5.733   -9.571  8.020   1.00 15.61 ? 47   LEU B N   1 
ATOM   1274 C  CA  . LEU B 1 67  ? 5.940   -10.153 6.695   1.00 15.94 ? 47   LEU B CA  1 
ATOM   1275 C  C   . LEU B 1 67  ? 7.247   -9.734  6.064   1.00 16.43 ? 47   LEU B C   1 
ATOM   1276 O  O   . LEU B 1 67  ? 7.390   -9.759  4.840   1.00 16.47 ? 47   LEU B O   1 
ATOM   1277 C  CB  . LEU B 1 67  ? 4.768   -9.850  5.762   1.00 16.11 ? 47   LEU B CB  1 
ATOM   1278 C  CG  . LEU B 1 67  ? 3.542   -10.746 5.982   1.00 15.85 ? 47   LEU B CG  1 
ATOM   1279 C  CD1 . LEU B 1 67  ? 2.317   -10.080 5.430   1.00 16.06 ? 47   LEU B CD1 1 
ATOM   1280 C  CD2 . LEU B 1 67  ? 3.787   -12.145 5.369   1.00 15.09 ? 47   LEU B CD2 1 
ATOM   1281 N  N   . GLN B 1 68  ? 8.220   -9.395  6.901   1.00 17.12 ? 48   GLN B N   1 
ATOM   1282 C  CA  . GLN B 1 68  ? 9.545   -8.969  6.409   1.00 17.93 ? 48   GLN B CA  1 
ATOM   1283 C  C   . GLN B 1 68  ? 10.155  -10.002 5.462   1.00 17.50 ? 48   GLN B C   1 
ATOM   1284 O  O   . GLN B 1 68  ? 10.185  -11.187 5.752   1.00 17.13 ? 48   GLN B O   1 
ATOM   1285 C  CB  . GLN B 1 68  ? 10.497  -8.716  7.574   1.00 17.70 ? 48   GLN B CB  1 
ATOM   1286 C  CG  . GLN B 1 68  ? 10.111  -7.524  8.450   1.00 19.39 ? 48   GLN B CG  1 
ATOM   1287 C  CD  . GLN B 1 68  ? 11.075  -7.323  9.608   1.00 19.68 ? 48   GLN B CD  1 
ATOM   1288 O  OE1 . GLN B 1 68  ? 12.247  -7.062  9.394   1.00 21.28 ? 48   GLN B OE1 1 
ATOM   1289 N  NE2 . GLN B 1 68  ? 10.585  -7.467  10.843  1.00 20.07 ? 48   GLN B NE2 1 
ATOM   1290 N  N   . GLN B 1 69  ? 10.645  -9.538  4.323   1.00 17.59 ? 49   GLN B N   1 
ATOM   1291 C  CA  . GLN B 1 69  ? 11.304  -10.403 3.329   1.00 18.22 ? 49   GLN B CA  1 
ATOM   1292 C  C   . GLN B 1 69  ? 10.430  -11.543 2.787   1.00 18.14 ? 49   GLN B C   1 
ATOM   1293 O  O   . GLN B 1 69  ? 10.949  -12.429 2.144   1.00 18.77 ? 49   GLN B O   1 
ATOM   1294 C  CB  . GLN B 1 69  ? 12.634  -10.964 3.867   1.00 18.52 ? 49   GLN B CB  1 
ATOM   1295 C  CG  . GLN B 1 69  ? 13.712  -9.908  4.238   1.00 19.15 ? 49   GLN B CG  1 
ATOM   1296 C  CD  . GLN B 1 69  ? 14.269  -9.176  3.031   1.00 18.53 ? 49   GLN B CD  1 
ATOM   1297 O  OE1 . GLN B 1 69  ? 14.501  -9.773  1.970   1.00 16.87 ? 49   GLN B OE1 1 
ATOM   1298 N  NE2 . GLN B 1 69  ? 14.500  -7.877  3.188   1.00 15.56 ? 49   GLN B NE2 1 
ATOM   1299 N  N   . ALA B 1 70  ? 9.118   -11.527 3.028   1.00 18.04 ? 50   ALA B N   1 
ATOM   1300 C  CA  . ALA B 1 70  ? 8.243   -12.615 2.543   1.00 17.21 ? 50   ALA B CA  1 
ATOM   1301 C  C   . ALA B 1 70  ? 8.150   -12.593 1.007   1.00 16.96 ? 50   ALA B C   1 
ATOM   1302 O  O   . ALA B 1 70  ? 8.178   -11.520 0.394   1.00 16.81 ? 50   ALA B O   1 
ATOM   1303 C  CB  . ALA B 1 70  ? 6.859   -12.546 3.187   1.00 17.59 ? 50   ALA B CB  1 
ATOM   1304 N  N   . ASN B 1 71  ? 8.122   -13.774 0.392   1.00 16.40 ? 51   ASN B N   1 
ATOM   1305 C  CA  . ASN B 1 71  ? 7.818   -13.863 -1.013  1.00 17.16 ? 51   ASN B CA  1 
ATOM   1306 C  C   . ASN B 1 71  ? 6.293   -13.919 -1.171  1.00 17.55 ? 51   ASN B C   1 
ATOM   1307 O  O   . ASN B 1 71  ? 5.664   -14.932 -0.867  1.00 17.01 ? 51   ASN B O   1 
ATOM   1308 C  CB  . ASN B 1 71  ? 8.461   -15.097 -1.652  1.00 17.81 ? 51   ASN B CB  1 
ATOM   1309 C  CG  . ASN B 1 71  ? 8.211   -15.162 -3.133  1.00 17.04 ? 51   ASN B CG  1 
ATOM   1310 O  OD1 . ASN B 1 71  ? 7.498   -14.316 -3.677  1.00 16.46 ? 51   ASN B OD1 1 
ATOM   1311 N  ND2 . ASN B 1 71  ? 8.813   -16.144 -3.806  1.00 18.14 ? 51   ASN B ND2 1 
ATOM   1312 N  N   . LEU B 1 72  ? 5.716   -12.813 -1.649  1.00 17.22 ? 52   LEU B N   1 
ATOM   1313 C  CA  . LEU B 1 72  ? 4.297   -12.729 -1.892  1.00 17.51 ? 52   LEU B CA  1 
ATOM   1314 C  C   . LEU B 1 72  ? 4.037   -12.452 -3.363  1.00 17.27 ? 52   LEU B C   1 
ATOM   1315 O  O   . LEU B 1 72  ? 3.022   -11.838 -3.704  1.00 18.07 ? 52   LEU B O   1 
ATOM   1316 C  CB  . LEU B 1 72  ? 3.672   -11.621 -1.015  1.00 17.02 ? 52   LEU B CB  1 
ATOM   1317 C  CG  . LEU B 1 72  ? 3.585   -11.971 0.474   1.00 17.69 ? 52   LEU B CG  1 
ATOM   1318 C  CD1 . LEU B 1 72  ? 3.572   -10.722 1.369   1.00 16.79 ? 52   LEU B CD1 1 
ATOM   1319 C  CD2 . LEU B 1 72  ? 2.361   -12.940 0.789   1.00 18.00 ? 52   LEU B CD2 1 
ATOM   1320 N  N   . SER B 1 73  ? 4.965   -12.864 -4.229  1.00 17.41 ? 53   SER B N   1 
ATOM   1321 C  CA  . SER B 1 73  ? 4.770   -12.642 -5.656  1.00 16.55 ? 53   SER B CA  1 
ATOM   1322 C  C   . SER B 1 73  ? 3.524   -13.380 -6.154  1.00 16.00 ? 53   SER B C   1 
ATOM   1323 O  O   . SER B 1 73  ? 3.289   -14.556 -5.813  1.00 14.98 ? 53   SER B O   1 
ATOM   1324 C  CB  . SER B 1 73  ? 6.026   -12.956 -6.489  1.00 16.87 ? 53   SER B CB  1 
ATOM   1325 O  OG  . SER B 1 73  ? 6.361   -14.329 -6.484  1.00 17.24 ? 53   SER B OG  1 
ATOM   1326 N  N   . ARG B 1 74  ? 2.710   -12.654 -6.921  1.00 15.62 ? 54   ARG B N   1 
ATOM   1327 C  CA  . ARG B 1 74  ? 1.489   -13.191 -7.513  1.00 15.42 ? 54   ARG B CA  1 
ATOM   1328 C  C   . ARG B 1 74  ? 0.416   -13.572 -6.479  1.00 15.12 ? 54   ARG B C   1 
ATOM   1329 O  O   . ARG B 1 74  ? -0.562  -14.291 -6.809  1.00 14.20 ? 54   ARG B O   1 
ATOM   1330 C  CB  . ARG B 1 74  ? 1.830   -14.401 -8.402  1.00 15.62 ? 54   ARG B CB  1 
ATOM   1331 C  CG  . ARG B 1 74  ? 2.755   -14.079 -9.567  1.00 16.16 ? 54   ARG B CG  1 
ATOM   1332 C  CD  . ARG B 1 74  ? 2.013   -14.256 -10.857 1.00 17.60 ? 54   ARG B CD  1 
ATOM   1333 N  NE  . ARG B 1 74  ? 2.872   -14.109 -12.035 1.00 18.76 ? 54   ARG B NE  1 
ATOM   1334 C  CZ  . ARG B 1 74  ? 2.407   -14.046 -13.273 1.00 18.19 ? 54   ARG B CZ  1 
ATOM   1335 N  NH1 . ARG B 1 74  ? 1.101   -14.117 -13.462 1.00 19.42 ? 54   ARG B NH1 1 
ATOM   1336 N  NH2 . ARG B 1 74  ? 3.228   -13.910 -14.312 1.00 16.34 ? 54   ARG B NH2 1 
ATOM   1337 N  N   . ALA B 1 75  ? 0.614   -13.142 -5.230  1.00 15.30 ? 55   ALA B N   1 
ATOM   1338 C  CA  . ALA B 1 75  ? -0.353  -13.478 -4.181  1.00 15.79 ? 55   ALA B CA  1 
ATOM   1339 C  C   . ALA B 1 75  ? -1.590  -12.591 -4.348  1.00 15.69 ? 55   ALA B C   1 
ATOM   1340 O  O   . ALA B 1 75  ? -1.502  -11.405 -4.738  1.00 15.53 ? 55   ALA B O   1 
ATOM   1341 C  CB  . ALA B 1 75  ? 0.243   -13.319 -2.773  1.00 15.96 ? 55   ALA B CB  1 
ATOM   1342 N  N   . ASP B 1 76  ? -2.745  -13.180 -4.080  1.00 15.17 ? 56   ASP B N   1 
ATOM   1343 C  CA  . ASP B 1 76  ? -3.982  -12.449 -4.101  1.00 15.45 ? 56   ASP B CA  1 
ATOM   1344 C  C   . ASP B 1 76  ? -4.266  -11.961 -2.670  1.00 15.58 ? 56   ASP B C   1 
ATOM   1345 O  O   . ASP B 1 76  ? -4.746  -12.732 -1.818  1.00 16.07 ? 56   ASP B O   1 
ATOM   1346 C  CB  . ASP B 1 76  ? -5.137  -13.352 -4.579  1.00 15.76 ? 56   ASP B CB  1 
ATOM   1347 C  CG  . ASP B 1 76  ? -6.487  -12.638 -4.532  1.00 14.71 ? 56   ASP B CG  1 
ATOM   1348 O  OD1 . ASP B 1 76  ? -6.539  -11.431 -4.174  1.00 15.00 ? 56   ASP B OD1 1 
ATOM   1349 O  OD2 . ASP B 1 76  ? -7.495  -13.268 -4.861  1.00 16.23 ? 56   ASP B OD2 1 
ATOM   1350 N  N   . LEU B 1 77  ? -3.982  -10.691 -2.426  1.00 15.16 ? 57   LEU B N   1 
ATOM   1351 C  CA  . LEU B 1 77  ? -4.258  -10.064 -1.152  1.00 15.16 ? 57   LEU B CA  1 
ATOM   1352 C  C   . LEU B 1 77  ? -5.449  -9.099  -1.230  1.00 15.00 ? 57   LEU B C   1 
ATOM   1353 O  O   . LEU B 1 77  ? -5.575  -8.237  -0.363  1.00 14.48 ? 57   LEU B O   1 
ATOM   1354 C  CB  . LEU B 1 77  ? -3.008  -9.311  -0.658  1.00 15.49 ? 57   LEU B CB  1 
ATOM   1355 C  CG  . LEU B 1 77  ? -1.893  -10.176 -0.046  1.00 15.87 ? 57   LEU B CG  1 
ATOM   1356 C  CD1 . LEU B 1 77  ? -0.498  -9.515  -0.201  1.00 15.31 ? 57   LEU B CD1 1 
ATOM   1357 C  CD2 . LEU B 1 77  ? -2.196  -10.454 1.446   1.00 15.44 ? 57   LEU B CD2 1 
ATOM   1358 N  N   . SER B 1 78  ? -6.302  -9.250  -2.256  1.00 15.47 ? 58   SER B N   1 
ATOM   1359 C  CA  . SER B 1 78  ? -7.440  -8.351  -2.467  1.00 15.86 ? 58   SER B CA  1 
ATOM   1360 C  C   . SER B 1 78  ? -8.346  -8.365  -1.240  1.00 16.03 ? 58   SER B C   1 
ATOM   1361 O  O   . SER B 1 78  ? -8.710  -9.423  -0.740  1.00 15.62 ? 58   SER B O   1 
ATOM   1362 C  CB  . SER B 1 78  ? -8.243  -8.675  -3.748  1.00 15.69 ? 58   SER B CB  1 
ATOM   1363 O  OG  . SER B 1 78  ? -8.642  -10.037 -3.784  1.00 15.67 ? 58   SER B OG  1 
ATOM   1364 N  N   . GLY B 1 79  ? -8.645  -7.180  -0.725  1.00 16.30 ? 59   GLY B N   1 
ATOM   1365 C  CA  . GLY B 1 79  ? -9.595  -7.045  0.395   1.00 16.62 ? 59   GLY B CA  1 
ATOM   1366 C  C   . GLY B 1 79  ? -9.024  -7.515  1.720   1.00 16.59 ? 59   GLY B C   1 
ATOM   1367 O  O   . GLY B 1 79  ? -9.741  -7.554  2.721   1.00 16.64 ? 59   GLY B O   1 
ATOM   1368 N  N   . ALA B 1 80  ? -7.742  -7.903  1.722   1.00 16.81 ? 60   ALA B N   1 
ATOM   1369 C  CA  . ALA B 1 80  ? -7.045  -8.299  2.961   1.00 17.03 ? 60   ALA B CA  1 
ATOM   1370 C  C   . ALA B 1 80  ? -6.815  -7.053  3.825   1.00 17.33 ? 60   ALA B C   1 
ATOM   1371 O  O   . ALA B 1 80  ? -6.741  -5.937  3.311   1.00 17.53 ? 60   ALA B O   1 
ATOM   1372 C  CB  . ALA B 1 80  ? -5.690  -8.964  2.640   1.00 17.32 ? 60   ALA B CB  1 
ATOM   1373 N  N   . THR B 1 81  ? -6.694  -7.252  5.131   1.00 17.23 ? 61   THR B N   1 
ATOM   1374 C  CA  . THR B 1 81  ? -6.331  -6.157  6.026   1.00 17.42 ? 61   THR B CA  1 
ATOM   1375 C  C   . THR B 1 81  ? -4.873  -6.349  6.501   1.00 17.05 ? 61   THR B C   1 
ATOM   1376 O  O   . THR B 1 81  ? -4.515  -7.397  7.005   1.00 16.19 ? 61   THR B O   1 
ATOM   1377 C  CB  . THR B 1 81  ? -7.380  -5.982  7.198   1.00 16.67 ? 61   THR B CB  1 
ATOM   1378 O  OG1 . THR B 1 81  ? -6.993  -4.872  8.019   1.00 19.24 ? 61   THR B OG1 1 
ATOM   1379 C  CG2 . THR B 1 81  ? -7.487  -7.244  8.049   1.00 16.94 ? 61   THR B CG2 1 
ATOM   1380 N  N   . LEU B 1 82  ? -4.026  -5.344  6.284   1.00 16.50 ? 62   LEU B N   1 
ATOM   1381 C  CA  . LEU B 1 82  ? -2.617  -5.390  6.681   1.00 17.09 ? 62   LEU B CA  1 
ATOM   1382 C  C   . LEU B 1 82  ? -2.295  -4.175  7.521   1.00 17.79 ? 62   LEU B C   1 
ATOM   1383 O  O   . LEU B 1 82  ? -1.228  -3.547  7.353   1.00 17.76 ? 62   LEU B O   1 
ATOM   1384 C  CB  . LEU B 1 82  ? -1.713  -5.425  5.437   1.00 16.46 ? 62   LEU B CB  1 
ATOM   1385 C  CG  . LEU B 1 82  ? -1.723  -6.708  4.601   1.00 17.68 ? 62   LEU B CG  1 
ATOM   1386 C  CD1 . LEU B 1 82  ? -1.861  -6.436  3.092   1.00 18.39 ? 62   LEU B CD1 1 
ATOM   1387 C  CD2 . LEU B 1 82  ? -0.468  -7.533  4.869   1.00 15.88 ? 62   LEU B CD2 1 
ATOM   1388 N  N   . ASN B 1 83  ? -3.257  -3.784  8.359   1.00 19.00 ? 63   ASN B N   1 
ATOM   1389 C  CA  . ASN B 1 83  ? -3.084  -2.640  9.245   1.00 19.73 ? 63   ASN B CA  1 
ATOM   1390 C  C   . ASN B 1 83  ? -1.830  -2.820  10.053  1.00 19.51 ? 63   ASN B C   1 
ATOM   1391 O  O   . ASN B 1 83  ? -1.760  -3.724  10.884  1.00 19.30 ? 63   ASN B O   1 
ATOM   1392 C  CB  . ASN B 1 83  ? -4.218  -2.502  10.249  1.00 20.72 ? 63   ASN B CB  1 
ATOM   1393 C  CG  . ASN B 1 83  ? -5.440  -1.885  9.660   1.00 24.33 ? 63   ASN B CG  1 
ATOM   1394 O  OD1 . ASN B 1 83  ? -6.205  -2.570  8.974   1.00 26.94 ? 63   ASN B OD1 1 
ATOM   1395 N  ND2 . ASN B 1 83  ? -5.664  -0.581  9.940   1.00 24.47 ? 63   ASN B ND2 1 
ATOM   1396 N  N   . GLY B 1 84  ? -0.848  -1.956  9.819   1.00 18.35 ? 64   GLY B N   1 
ATOM   1397 C  CA  . GLY B 1 84  ? 0.353   -1.938  10.634  1.00 17.72 ? 64   GLY B CA  1 
ATOM   1398 C  C   . GLY B 1 84  ? 1.213   -3.152  10.378  1.00 16.92 ? 64   GLY B C   1 
ATOM   1399 O  O   . GLY B 1 84  ? 2.044   -3.501  11.205  1.00 17.32 ? 64   GLY B O   1 
ATOM   1400 N  N   . ALA B 1 85  ? 1.033   -3.799  9.233   1.00 15.99 ? 65   ALA B N   1 
ATOM   1401 C  CA  . ALA B 1 85  ? 1.828   -4.982  8.941   1.00 15.47 ? 65   ALA B CA  1 
ATOM   1402 C  C   . ALA B 1 85  ? 3.228   -4.525  8.527   1.00 15.20 ? 65   ALA B C   1 
ATOM   1403 O  O   . ALA B 1 85  ? 3.405   -3.423  8.019   1.00 14.68 ? 65   ALA B O   1 
ATOM   1404 C  CB  . ALA B 1 85  ? 1.184   -5.838  7.858   1.00 15.25 ? 65   ALA B CB  1 
ATOM   1405 N  N   . ASP B 1 86  ? 4.223   -5.375  8.772   1.00 15.02 ? 66   ASP B N   1 
ATOM   1406 C  CA  . ASP B 1 86  ? 5.585   -5.030  8.475   1.00 14.91 ? 66   ASP B CA  1 
ATOM   1407 C  C   . ASP B 1 86  ? 5.979   -5.782  7.188   1.00 15.01 ? 66   ASP B C   1 
ATOM   1408 O  O   . ASP B 1 86  ? 6.202   -7.001  7.194   1.00 14.99 ? 66   ASP B O   1 
ATOM   1409 C  CB  . ASP B 1 86  ? 6.450   -5.395  9.679   1.00 15.02 ? 66   ASP B CB  1 
ATOM   1410 C  CG  . ASP B 1 86  ? 7.889   -4.938  9.545   1.00 15.14 ? 66   ASP B CG  1 
ATOM   1411 O  OD1 . ASP B 1 86  ? 8.310   -4.475  8.459   1.00 15.77 ? 66   ASP B OD1 1 
ATOM   1412 O  OD2 . ASP B 1 86  ? 8.611   -5.076  10.549  1.00 16.37 ? 66   ASP B OD2 1 
ATOM   1413 N  N   . LEU B 1 87  ? 6.031   -5.033  6.090   1.00 15.21 ? 67   LEU B N   1 
ATOM   1414 C  CA  . LEU B 1 87  ? 6.279   -5.572  4.769   1.00 15.38 ? 67   LEU B CA  1 
ATOM   1415 C  C   . LEU B 1 87  ? 7.639   -5.140  4.215   1.00 15.82 ? 67   LEU B C   1 
ATOM   1416 O  O   . LEU B 1 87  ? 7.864   -5.189  2.997   1.00 16.25 ? 67   LEU B O   1 
ATOM   1417 C  CB  . LEU B 1 87  ? 5.126   -5.152  3.818   1.00 15.91 ? 67   LEU B CB  1 
ATOM   1418 C  CG  . LEU B 1 87  ? 3.797   -5.967  3.980   1.00 16.24 ? 67   LEU B CG  1 
ATOM   1419 C  CD1 . LEU B 1 87  ? 2.596   -5.213  3.397   1.00 17.71 ? 67   LEU B CD1 1 
ATOM   1420 C  CD2 . LEU B 1 87  ? 3.945   -7.379  3.352   1.00 18.48 ? 67   LEU B CD2 1 
ATOM   1421 N  N   . ARG B 1 88  ? 8.555   -4.734  5.096   1.00 15.39 ? 68   ARG B N   1 
ATOM   1422 C  CA  . ARG B 1 88  ? 9.904   -4.351  4.657   1.00 15.47 ? 68   ARG B CA  1 
ATOM   1423 C  C   . ARG B 1 88  ? 10.619  -5.441  3.867   1.00 15.64 ? 68   ARG B C   1 
ATOM   1424 O  O   . ARG B 1 88  ? 10.736  -6.602  4.310   1.00 15.10 ? 68   ARG B O   1 
ATOM   1425 C  CB  . ARG B 1 88  ? 10.779  -3.924  5.831   1.00 15.15 ? 68   ARG B CB  1 
ATOM   1426 C  CG  . ARG B 1 88  ? 10.484  -2.533  6.338   1.00 14.76 ? 68   ARG B CG  1 
ATOM   1427 C  CD  . ARG B 1 88  ? 11.274  -2.203  7.624   1.00 15.94 ? 68   ARG B CD  1 
ATOM   1428 N  NE  . ARG B 1 88  ? 10.802  -3.012  8.757   1.00 19.48 ? 68   ARG B NE  1 
ATOM   1429 C  CZ  . ARG B 1 88  ? 11.474  -3.187  9.898   1.00 22.59 ? 68   ARG B CZ  1 
ATOM   1430 N  NH1 . ARG B 1 88  ? 12.676  -2.622  10.071  1.00 22.10 ? 68   ARG B NH1 1 
ATOM   1431 N  NH2 . ARG B 1 88  ? 10.963  -3.965  10.863  1.00 21.99 ? 68   ARG B NH2 1 
ATOM   1432 N  N   . GLY B 1 89  ? 11.103  -5.044  2.689   1.00 15.60 ? 69   GLY B N   1 
ATOM   1433 C  CA  . GLY B 1 89  ? 11.839  -5.929  1.807   1.00 16.02 ? 69   GLY B CA  1 
ATOM   1434 C  C   . GLY B 1 89  ? 11.085  -7.149  1.312   1.00 16.39 ? 69   GLY B C   1 
ATOM   1435 O  O   . GLY B 1 89  ? 11.710  -8.074  0.822   1.00 16.63 ? 69   GLY B O   1 
ATOM   1436 N  N   . ALA B 1 90  ? 9.757   -7.136  1.419   1.00 16.34 ? 70   ALA B N   1 
ATOM   1437 C  CA  . ALA B 1 90  ? 8.895   -8.208  0.923   1.00 15.88 ? 70   ALA B CA  1 
ATOM   1438 C  C   . ALA B 1 90  ? 8.786   -8.144  -0.593  1.00 16.09 ? 70   ALA B C   1 
ATOM   1439 O  O   . ALA B 1 90  ? 8.824   -7.060  -1.173  1.00 15.91 ? 70   ALA B O   1 
ATOM   1440 C  CB  . ALA B 1 90  ? 7.451   -8.113  1.561   1.00 15.54 ? 70   ALA B CB  1 
ATOM   1441 N  N   . ASN B 1 91  ? 8.639   -9.298  -1.238  1.00 15.75 ? 71   ASN B N   1 
ATOM   1442 C  CA  . ASN B 1 91  ? 8.469   -9.313  -2.681  1.00 16.15 ? 71   ASN B CA  1 
ATOM   1443 C  C   . ASN B 1 91  ? 6.962   -9.384  -2.965  1.00 16.00 ? 71   ASN B C   1 
ATOM   1444 O  O   . ASN B 1 91  ? 6.372   -10.417 -2.775  1.00 15.44 ? 71   ASN B O   1 
ATOM   1445 C  CB  . ASN B 1 91  ? 9.219   -10.485 -3.334  1.00 16.50 ? 71   ASN B CB  1 
ATOM   1446 C  CG  . ASN B 1 91  ? 9.060   -10.490 -4.842  1.00 18.10 ? 71   ASN B CG  1 
ATOM   1447 O  OD1 . ASN B 1 91  ? 8.369   -9.627  -5.393  1.00 20.91 ? 71   ASN B OD1 1 
ATOM   1448 N  ND2 . ASN B 1 91  ? 9.708   -11.425 -5.518  1.00 19.38 ? 71   ASN B ND2 1 
ATOM   1449 N  N   . LEU B 1 92  ? 6.363   -8.264  -3.384  1.00 15.19 ? 72   LEU B N   1 
ATOM   1450 C  CA  . LEU B 1 92  ? 4.961   -8.193  -3.775  1.00 14.95 ? 72   LEU B CA  1 
ATOM   1451 C  C   . LEU B 1 92  ? 4.780   -8.035  -5.298  1.00 14.63 ? 72   LEU B C   1 
ATOM   1452 O  O   . LEU B 1 92  ? 3.812   -7.415  -5.755  1.00 14.75 ? 72   LEU B O   1 
ATOM   1453 C  CB  . LEU B 1 92  ? 4.288   -7.018  -3.038  1.00 14.99 ? 72   LEU B CB  1 
ATOM   1454 C  CG  . LEU B 1 92  ? 4.051   -7.135  -1.530  1.00 15.71 ? 72   LEU B CG  1 
ATOM   1455 C  CD1 . LEU B 1 92  ? 4.247   -5.793  -0.831  1.00 18.00 ? 72   LEU B CD1 1 
ATOM   1456 C  CD2 . LEU B 1 92  ? 2.641   -7.661  -1.276  1.00 16.36 ? 72   LEU B CD2 1 
ATOM   1457 N  N   . SER B 1 93  ? 5.690   -8.604  -6.094  1.00 14.81 ? 73   SER B N   1 
ATOM   1458 C  CA  . SER B 1 93  ? 5.588   -8.464  -7.560  1.00 14.96 ? 73   SER B CA  1 
ATOM   1459 C  C   . SER B 1 93  ? 4.323   -9.098  -8.090  1.00 14.75 ? 73   SER B C   1 
ATOM   1460 O  O   . SER B 1 93  ? 4.031   -10.249 -7.763  1.00 14.65 ? 73   SER B O   1 
ATOM   1461 C  CB  . SER B 1 93  ? 6.807   -9.062  -8.260  1.00 14.88 ? 73   SER B CB  1 
ATOM   1462 O  OG  . SER B 1 93  ? 7.961   -8.427  -7.753  1.00 15.92 ? 73   SER B OG  1 
ATOM   1463 N  N   . LYS B 1 94  ? 3.559   -8.326  -8.865  1.00 14.95 ? 74   LYS B N   1 
ATOM   1464 C  CA  . LYS B 1 94  ? 2.302   -8.800  -9.460  1.00 15.68 ? 74   LYS B CA  1 
ATOM   1465 C  C   . LYS B 1 94  ? 1.234   -9.273  -8.448  1.00 15.56 ? 74   LYS B C   1 
ATOM   1466 O  O   . LYS B 1 94  ? 0.315   -10.011 -8.812  1.00 15.36 ? 74   LYS B O   1 
ATOM   1467 C  CB  . LYS B 1 94  ? 2.568   -9.917  -10.489 1.00 15.55 ? 74   LYS B CB  1 
ATOM   1468 C  CG  . LYS B 1 94  ? 3.330   -9.480  -11.724 1.00 16.89 ? 74   LYS B CG  1 
ATOM   1469 C  CD  . LYS B 1 94  ? 3.733   -10.716 -12.535 1.00 17.17 ? 74   LYS B CD  1 
ATOM   1470 C  CE  . LYS B 1 94  ? 4.221   -10.328 -13.911 1.00 18.92 ? 74   LYS B CE  1 
ATOM   1471 N  NZ  . LYS B 1 94  ? 5.609   -9.781  -13.873 1.00 20.59 ? 74   LYS B NZ  1 
ATOM   1472 N  N   . ALA B 1 95  ? 1.353   -8.847  -7.192  1.00 15.29 ? 75   ALA B N   1 
ATOM   1473 C  CA  . ALA B 1 95  ? 0.382   -9.185  -6.151  1.00 14.87 ? 75   ALA B CA  1 
ATOM   1474 C  C   . ALA B 1 95  ? -0.862  -8.317  -6.297  1.00 15.01 ? 75   ALA B C   1 
ATOM   1475 O  O   . ALA B 1 95  ? -0.796  -7.156  -6.740  1.00 14.35 ? 75   ALA B O   1 
ATOM   1476 C  CB  . ALA B 1 95  ? 0.990   -8.997  -4.763  1.00 14.92 ? 75   ALA B CB  1 
ATOM   1477 N  N   . ASP B 1 96  ? -2.000  -8.873  -5.900  1.00 15.65 ? 76   ASP B N   1 
ATOM   1478 C  CA  . ASP B 1 96  ? -3.249  -8.132  -5.960  1.00 16.18 ? 76   ASP B CA  1 
ATOM   1479 C  C   . ASP B 1 96  ? -3.546  -7.532  -4.603  1.00 16.20 ? 76   ASP B C   1 
ATOM   1480 O  O   . ASP B 1 96  ? -3.834  -8.236  -3.634  1.00 16.03 ? 76   ASP B O   1 
ATOM   1481 C  CB  . ASP B 1 96  ? -4.391  -9.014  -6.491  1.00 16.67 ? 76   ASP B CB  1 
ATOM   1482 C  CG  . ASP B 1 96  ? -5.635  -8.210  -6.895  1.00 18.12 ? 76   ASP B CG  1 
ATOM   1483 O  OD1 . ASP B 1 96  ? -5.705  -6.982  -6.671  1.00 16.89 ? 76   ASP B OD1 1 
ATOM   1484 O  OD2 . ASP B 1 96  ? -6.574  -8.837  -7.418  1.00 19.47 ? 76   ASP B OD2 1 
ATOM   1485 N  N   . LEU B 1 97  ? -3.454  -6.211  -4.547  1.00 16.12 ? 77   LEU B N   1 
ATOM   1486 C  CA  . LEU B 1 97  ? -3.767  -5.430  -3.354  1.00 16.66 ? 77   LEU B CA  1 
ATOM   1487 C  C   . LEU B 1 97  ? -5.067  -4.619  -3.561  1.00 16.51 ? 77   LEU B C   1 
ATOM   1488 O  O   . LEU B 1 97  ? -5.300  -3.634  -2.877  1.00 17.26 ? 77   LEU B O   1 
ATOM   1489 C  CB  . LEU B 1 97  ? -2.572  -4.499  -2.976  1.00 16.67 ? 77   LEU B CB  1 
ATOM   1490 C  CG  . LEU B 1 97  ? -1.224  -5.170  -2.598  1.00 18.06 ? 77   LEU B CG  1 
ATOM   1491 C  CD1 . LEU B 1 97  ? 0.005   -4.245  -2.594  1.00 16.87 ? 77   LEU B CD1 1 
ATOM   1492 C  CD2 . LEU B 1 97  ? -1.293  -5.903  -1.251  1.00 18.75 ? 77   LEU B CD2 1 
ATOM   1493 N  N   . SER B 1 98  ? -5.903  -5.019  -4.513  1.00 16.47 ? 78   SER B N   1 
ATOM   1494 C  CA  . SER B 1 98  ? -7.229  -4.407  -4.681  1.00 16.95 ? 78   SER B CA  1 
ATOM   1495 C  C   . SER B 1 98  ? -7.945  -4.369  -3.345  1.00 16.56 ? 78   SER B C   1 
ATOM   1496 O  O   . SER B 1 98  ? -8.156  -5.427  -2.745  1.00 16.93 ? 78   SER B O   1 
ATOM   1497 C  CB  . SER B 1 98  ? -8.085  -5.242  -5.636  1.00 16.41 ? 78   SER B CB  1 
ATOM   1498 O  OG  . SER B 1 98  ? -7.598  -5.093  -6.940  1.00 19.36 ? 78   SER B OG  1 
ATOM   1499 N  N   . ASP B 1 99  ? -8.332  -3.172  -2.898  1.00 16.95 ? 79   ASP B N   1 
ATOM   1500 C  CA  . ASP B 1 99  ? -9.175  -2.991  -1.674  1.00 17.25 ? 79   ASP B CA  1 
ATOM   1501 C  C   . ASP B 1 99  ? -8.508  -3.498  -0.396  1.00 17.14 ? 79   ASP B C   1 
ATOM   1502 O  O   . ASP B 1 99  ? -9.185  -3.665  0.613   1.00 17.08 ? 79   ASP B O   1 
ATOM   1503 C  CB  . ASP B 1 99  ? -10.549 -3.680  -1.799  1.00 17.32 ? 79   ASP B CB  1 
ATOM   1504 C  CG  . ASP B 1 99  ? -11.343 -3.193  -2.985  1.00 18.35 ? 79   ASP B CG  1 
ATOM   1505 O  OD1 . ASP B 1 99  ? -11.438 -1.981  -3.181  1.00 20.45 ? 79   ASP B OD1 1 
ATOM   1506 O  OD2 . ASP B 1 99  ? -11.884 -4.034  -3.714  1.00 21.17 ? 79   ASP B OD2 1 
ATOM   1507 N  N   . ALA B 1 100 ? -7.203  -3.759  -0.460  1.00 16.84 ? 80   ALA B N   1 
ATOM   1508 C  CA  . ALA B 1 100 ? -6.456  -4.152  0.715   1.00 16.76 ? 80   ALA B CA  1 
ATOM   1509 C  C   . ALA B 1 100 ? -6.291  -2.956  1.616   1.00 17.14 ? 80   ALA B C   1 
ATOM   1510 O  O   . ALA B 1 100 ? -6.155  -1.830  1.143   1.00 17.54 ? 80   ALA B O   1 
ATOM   1511 C  CB  . ALA B 1 100 ? -5.079  -4.770  0.338   1.00 16.53 ? 80   ALA B CB  1 
ATOM   1512 N  N   . ILE B 1 101 ? -6.334  -3.187  2.919   1.00 17.16 ? 81   ILE B N   1 
ATOM   1513 C  CA  . ILE B 1 101 ? -6.170  -2.101  3.884   1.00 17.40 ? 81   ILE B CA  1 
ATOM   1514 C  C   . ILE B 1 101 ? -4.713  -2.044  4.325   1.00 17.74 ? 81   ILE B C   1 
ATOM   1515 O  O   . ILE B 1 101 ? -4.191  -2.977  4.969   1.00 16.32 ? 81   ILE B O   1 
ATOM   1516 C  CB  . ILE B 1 101 ? -7.112  -2.262  5.062   1.00 17.71 ? 81   ILE B CB  1 
ATOM   1517 C  CG1 . ILE B 1 101 ? -8.538  -1.955  4.590   1.00 18.46 ? 81   ILE B CG1 1 
ATOM   1518 C  CG2 . ILE B 1 101 ? -6.703  -1.321  6.205   1.00 17.84 ? 81   ILE B CG2 1 
ATOM   1519 C  CD1 . ILE B 1 101 ? -9.564  -2.820  5.167   1.00 20.71 ? 81   ILE B CD1 1 
ATOM   1520 N  N   . LEU B 1 102 ? -4.056  -0.960  3.914   1.00 18.01 ? 82   LEU B N   1 
ATOM   1521 C  CA  . LEU B 1 102 ? -2.610  -0.819  4.085   1.00 18.95 ? 82   LEU B CA  1 
ATOM   1522 C  C   . LEU B 1 102 ? -2.262  0.264   5.099   1.00 18.42 ? 82   LEU B C   1 
ATOM   1523 O  O   . LEU B 1 102 ? -1.084  0.585   5.282   1.00 18.49 ? 82   LEU B O   1 
ATOM   1524 C  CB  . LEU B 1 102 ? -1.896  -0.539  2.745   1.00 19.10 ? 82   LEU B CB  1 
ATOM   1525 C  CG  . LEU B 1 102 ? -1.793  -1.636  1.674   1.00 21.52 ? 82   LEU B CG  1 
ATOM   1526 C  CD1 . LEU B 1 102 ? -1.207  -1.033  0.395   1.00 21.03 ? 82   LEU B CD1 1 
ATOM   1527 C  CD2 . LEU B 1 102 ? -0.950  -2.869  2.110   1.00 21.06 ? 82   LEU B CD2 1 
ATOM   1528 N  N   . ASP B 1 103 ? -3.276  0.820   5.748   1.00 18.05 ? 83   ASP B N   1 
ATOM   1529 C  CA  . ASP B 1 103 ? -3.061  1.838   6.771   1.00 17.76 ? 83   ASP B CA  1 
ATOM   1530 C  C   . ASP B 1 103 ? -1.922  1.432   7.692   1.00 17.41 ? 83   ASP B C   1 
ATOM   1531 O  O   . ASP B 1 103 ? -1.930  0.328   8.256   1.00 16.76 ? 83   ASP B O   1 
ATOM   1532 C  CB  . ASP B 1 103 ? -4.330  2.074   7.577   1.00 18.22 ? 83   ASP B CB  1 
ATOM   1533 C  CG  . ASP B 1 103 ? -5.535  2.382   6.693   1.00 19.76 ? 83   ASP B CG  1 
ATOM   1534 O  OD1 . ASP B 1 103 ? -5.366  2.464   5.451   1.00 22.03 ? 83   ASP B OD1 1 
ATOM   1535 O  OD2 . ASP B 1 103 ? -6.651  2.542   7.245   1.00 22.36 ? 83   ASP B OD2 1 
ATOM   1536 N  N   . ASN B 1 104 ? -0.909  2.302   7.776   1.00 17.15 ? 84   ASN B N   1 
ATOM   1537 C  CA  . ASN B 1 104 ? 0.226   2.099   8.693   1.00 16.69 ? 84   ASN B CA  1 
ATOM   1538 C  C   . ASN B 1 104 ? 1.130   0.901   8.409   1.00 15.65 ? 84   ASN B C   1 
ATOM   1539 O  O   . ASN B 1 104 ? 1.981   0.581   9.223   1.00 15.52 ? 84   ASN B O   1 
ATOM   1540 C  CB  . ASN B 1 104 ? -0.281  2.014   10.138  1.00 17.31 ? 84   ASN B CB  1 
ATOM   1541 C  CG  . ASN B 1 104 ? -0.999  3.252   10.546  1.00 17.73 ? 84   ASN B CG  1 
ATOM   1542 O  OD1 . ASN B 1 104 ? -0.497  4.350   10.319  1.00 19.82 ? 84   ASN B OD1 1 
ATOM   1543 N  ND2 . ASN B 1 104 ? -2.197  3.103   11.115  1.00 18.37 ? 84   ASN B ND2 1 
ATOM   1544 N  N   . ALA B 1 105 ? 0.932   0.234   7.280   1.00 15.07 ? 85   ALA B N   1 
ATOM   1545 C  CA  . ALA B 1 105 ? 1.834   -0.845  6.871   1.00 14.80 ? 85   ALA B CA  1 
ATOM   1546 C  C   . ALA B 1 105 ? 3.211   -0.280  6.434   1.00 14.24 ? 85   ALA B C   1 
ATOM   1547 O  O   . ALA B 1 105 ? 3.290   0.781   5.811   1.00 14.31 ? 85   ALA B O   1 
ATOM   1548 C  CB  . ALA B 1 105 ? 1.197   -1.721  5.770   1.00 15.00 ? 85   ALA B CB  1 
ATOM   1549 N  N   . ILE B 1 106 ? 4.299   -0.957  6.800   1.00 14.36 ? 86   ILE B N   1 
ATOM   1550 C  CA  . ILE B 1 106 ? 5.639   -0.453  6.455   1.00 14.79 ? 86   ILE B CA  1 
ATOM   1551 C  C   . ILE B 1 106 ? 6.085   -1.160  5.189   1.00 15.22 ? 86   ILE B C   1 
ATOM   1552 O  O   . ILE B 1 106 ? 6.267   -2.386  5.197   1.00 14.73 ? 86   ILE B O   1 
ATOM   1553 C  CB  . ILE B 1 106 ? 6.688   -0.721  7.557   1.00 14.91 ? 86   ILE B CB  1 
ATOM   1554 C  CG1 . ILE B 1 106 ? 6.191   -0.237  8.913   1.00 15.66 ? 86   ILE B CG1 1 
ATOM   1555 C  CG2 . ILE B 1 106 ? 8.036   -0.078  7.208   1.00 13.72 ? 86   ILE B CG2 1 
ATOM   1556 C  CD1 . ILE B 1 106 ? 6.520   -1.238  10.053  1.00 16.60 ? 86   ILE B CD1 1 
ATOM   1557 N  N   . LEU B 1 107 ? 6.299   -0.385  4.127   1.00 15.52 ? 87   LEU B N   1 
ATOM   1558 C  CA  . LEU B 1 107 ? 6.612   -0.928  2.801   1.00 16.26 ? 87   LEU B CA  1 
ATOM   1559 C  C   . LEU B 1 107 ? 8.034   -0.658  2.334   1.00 16.19 ? 87   LEU B C   1 
ATOM   1560 O  O   . LEU B 1 107 ? 8.369   -0.968  1.196   1.00 16.72 ? 87   LEU B O   1 
ATOM   1561 C  CB  . LEU B 1 107 ? 5.653   -0.371  1.746   1.00 16.57 ? 87   LEU B CB  1 
ATOM   1562 C  CG  . LEU B 1 107 ? 4.151   -0.660  1.938   1.00 17.60 ? 87   LEU B CG  1 
ATOM   1563 C  CD1 . LEU B 1 107 ? 3.347   0.234   1.014   1.00 20.04 ? 87   LEU B CD1 1 
ATOM   1564 C  CD2 . LEU B 1 107 ? 3.786   -2.111  1.702   1.00 20.23 ? 87   LEU B CD2 1 
ATOM   1565 N  N   . GLU B 1 108 ? 8.864   -0.076  3.189   1.00 16.07 ? 88   GLU B N   1 
ATOM   1566 C  CA  . GLU B 1 108 ? 10.228  0.295   2.779   1.00 16.08 ? 88   GLU B CA  1 
ATOM   1567 C  C   . GLU B 1 108 ? 11.061  -0.907  2.300   1.00 15.67 ? 88   GLU B C   1 
ATOM   1568 O  O   . GLU B 1 108 ? 11.201  -1.901  3.007   1.00 14.42 ? 88   GLU B O   1 
ATOM   1569 C  CB  . GLU B 1 108 ? 10.933  1.059   3.892   1.00 16.24 ? 88   GLU B CB  1 
ATOM   1570 C  CG  . GLU B 1 108 ? 10.059  2.218   4.397   1.00 17.22 ? 88   GLU B CG  1 
ATOM   1571 C  CD  . GLU B 1 108 ? 10.710  3.067   5.449   1.00 18.58 ? 88   GLU B CD  1 
ATOM   1572 O  OE1 . GLU B 1 108 ? 11.865  2.751   5.841   1.00 18.85 ? 88   GLU B OE1 1 
ATOM   1573 O  OE2 . GLU B 1 108 ? 10.069  4.056   5.878   1.00 17.28 ? 88   GLU B OE2 1 
ATOM   1574 N  N   . GLY B 1 109 ? 11.601  -0.786  1.086   1.00 15.34 ? 89   GLY B N   1 
ATOM   1575 C  CA  . GLY B 1 109 ? 12.434  -1.835  0.488   1.00 15.64 ? 89   GLY B CA  1 
ATOM   1576 C  C   . GLY B 1 109 ? 11.653  -2.957  -0.171  1.00 15.68 ? 89   GLY B C   1 
ATOM   1577 O  O   . GLY B 1 109 ? 12.239  -3.858  -0.724  1.00 15.82 ? 89   GLY B O   1 
ATOM   1578 N  N   . ALA B 1 110 ? 10.326  -2.905  -0.109  1.00 16.37 ? 90   ALA B N   1 
ATOM   1579 C  CA  . ALA B 1 110 ? 9.479   -3.932  -0.738  1.00 16.46 ? 90   ALA B CA  1 
ATOM   1580 C  C   . ALA B 1 110 ? 9.432   -3.773  -2.270  1.00 17.11 ? 90   ALA B C   1 
ATOM   1581 O  O   . ALA B 1 110 ? 9.550   -2.654  -2.784  1.00 16.68 ? 90   ALA B O   1 
ATOM   1582 C  CB  . ALA B 1 110 ? 8.061   -3.889  -0.162  1.00 16.47 ? 90   ALA B CB  1 
ATOM   1583 N  N   . ILE B 1 111 ? 9.241   -4.895  -2.977  1.00 16.85 ? 91   ILE B N   1 
ATOM   1584 C  CA  . ILE B 1 111 ? 9.145   -4.912  -4.433  1.00 16.55 ? 91   ILE B CA  1 
ATOM   1585 C  C   . ILE B 1 111 ? 7.669   -4.866  -4.785  1.00 16.16 ? 91   ILE B C   1 
ATOM   1586 O  O   . ILE B 1 111 ? 6.936   -5.811  -4.521  1.00 15.87 ? 91   ILE B O   1 
ATOM   1587 C  CB  . ILE B 1 111 ? 9.757   -6.184  -5.073  1.00 16.55 ? 91   ILE B CB  1 
ATOM   1588 C  CG1 . ILE B 1 111 ? 11.239  -6.356  -4.711  1.00 16.47 ? 91   ILE B CG1 1 
ATOM   1589 C  CG2 . ILE B 1 111 ? 9.645   -6.104  -6.583  1.00 17.32 ? 91   ILE B CG2 1 
ATOM   1590 C  CD1 . ILE B 1 111 ? 11.741  -7.763  -4.987  1.00 18.40 ? 91   ILE B CD1 1 
ATOM   1591 N  N   . LEU B 1 112 ? 7.241   -3.771  -5.410  1.00 16.23 ? 92   LEU B N   1 
ATOM   1592 C  CA  . LEU B 1 112 ? 5.830   -3.574  -5.695  1.00 16.73 ? 92   LEU B CA  1 
ATOM   1593 C  C   . LEU B 1 112 ? 5.504   -3.593  -7.192  1.00 16.55 ? 92   LEU B C   1 
ATOM   1594 O  O   . LEU B 1 112 ? 4.392   -3.236  -7.605  1.00 16.33 ? 92   LEU B O   1 
ATOM   1595 C  CB  . LEU B 1 112 ? 5.359   -2.275  -5.004  1.00 17.50 ? 92   LEU B CB  1 
ATOM   1596 C  CG  . LEU B 1 112 ? 4.907   -2.656  -3.572  1.00 19.07 ? 92   LEU B CG  1 
ATOM   1597 C  CD1 . LEU B 1 112 ? 5.322   -1.627  -2.533  1.00 21.26 ? 92   LEU B CD1 1 
ATOM   1598 C  CD2 . LEU B 1 112 ? 3.418   -2.867  -3.547  1.00 20.03 ? 92   LEU B CD2 1 
ATOM   1599 N  N   . ASP B 1 113 ? 6.471   -4.037  -8.000  1.00 16.74 ? 93   ASP B N   1 
ATOM   1600 C  CA  . ASP B 1 113 ? 6.346   -3.969  -9.463  1.00 17.04 ? 93   ASP B CA  1 
ATOM   1601 C  C   . ASP B 1 113 ? 5.074   -4.686  -9.913  1.00 16.93 ? 93   ASP B C   1 
ATOM   1602 O  O   . ASP B 1 113 ? 4.872   -5.859  -9.587  1.00 16.57 ? 93   ASP B O   1 
ATOM   1603 C  CB  . ASP B 1 113 ? 7.547   -4.594  -10.176 1.00 16.64 ? 93   ASP B CB  1 
ATOM   1604 C  CG  . ASP B 1 113 ? 8.893   -4.115  -9.648  1.00 17.76 ? 93   ASP B CG  1 
ATOM   1605 O  OD1 . ASP B 1 113 ? 9.047   -2.964  -9.178  1.00 18.65 ? 93   ASP B OD1 1 
ATOM   1606 O  OD2 . ASP B 1 113 ? 9.840   -4.913  -9.746  1.00 20.01 ? 93   ASP B OD2 1 
ATOM   1607 N  N   . GLU B 1 114 ? 4.233   -3.970  -10.653 1.00 17.31 ? 94   GLU B N   1 
ATOM   1608 C  CA  . GLU B 1 114 ? 2.991   -4.521  -11.246 1.00 18.28 ? 94   GLU B CA  1 
ATOM   1609 C  C   . GLU B 1 114 ? 1.918   -5.019  -10.264 1.00 18.19 ? 94   GLU B C   1 
ATOM   1610 O  O   . GLU B 1 114 ? 0.947   -5.673  -10.687 1.00 17.75 ? 94   GLU B O   1 
ATOM   1611 C  CB  . GLU B 1 114 ? 3.283   -5.605  -12.293 1.00 18.19 ? 94   GLU B CB  1 
ATOM   1612 C  CG  . GLU B 1 114 ? 3.950   -5.117  -13.572 1.00 19.96 ? 94   GLU B CG  1 
ATOM   1613 C  CD  . GLU B 1 114 ? 3.795   -6.134  -14.714 1.00 19.60 ? 94   GLU B CD  1 
ATOM   1614 O  OE1 . GLU B 1 114 ? 2.776   -6.868  -14.735 1.00 21.89 ? 94   GLU B OE1 1 
ATOM   1615 O  OE2 . GLU B 1 114 ? 4.676   -6.197  -15.598 1.00 22.42 ? 94   GLU B OE2 1 
ATOM   1616 N  N   . ALA B 1 115 ? 2.076   -4.683  -8.983  1.00 18.37 ? 95   ALA B N   1 
ATOM   1617 C  CA  . ALA B 1 115 ? 1.031   -4.905  -7.988  1.00 18.70 ? 95   ALA B CA  1 
ATOM   1618 C  C   . ALA B 1 115 ? -0.245  -4.180  -8.422  1.00 19.45 ? 95   ALA B C   1 
ATOM   1619 O  O   . ALA B 1 115 ? -0.191  -3.046  -8.952  1.00 19.03 ? 95   ALA B O   1 
ATOM   1620 C  CB  . ALA B 1 115 ? 1.479   -4.439  -6.599  1.00 18.26 ? 95   ALA B CB  1 
ATOM   1621 N  N   . VAL B 1 116 ? -1.387  -4.849  -8.248  1.00 19.57 ? 96   VAL B N   1 
ATOM   1622 C  CA  . VAL B 1 116 ? -2.675  -4.248  -8.570  1.00 20.37 ? 96   VAL B CA  1 
ATOM   1623 C  C   . VAL B 1 116 ? -3.173  -3.485  -7.340  1.00 20.83 ? 96   VAL B C   1 
ATOM   1624 O  O   . VAL B 1 116 ? -3.430  -4.080  -6.289  1.00 19.82 ? 96   VAL B O   1 
ATOM   1625 C  CB  . VAL B 1 116 ? -3.721  -5.291  -9.064  1.00 20.18 ? 96   VAL B CB  1 
ATOM   1626 C  CG1 . VAL B 1 116 ? -4.996  -4.592  -9.550  1.00 20.38 ? 96   VAL B CG1 1 
ATOM   1627 C  CG2 . VAL B 1 116 ? -3.134  -6.131  -10.201 1.00 20.81 ? 96   VAL B CG2 1 
ATOM   1628 N  N   . LEU B 1 117 ? -3.276  -2.166  -7.475  1.00 21.38 ? 97   LEU B N   1 
ATOM   1629 C  CA  . LEU B 1 117 ? -3.565  -1.307  -6.320  1.00 22.61 ? 97   LEU B CA  1 
ATOM   1630 C  C   . LEU B 1 117 ? -5.043  -0.888  -6.254  1.00 23.26 ? 97   LEU B C   1 
ATOM   1631 O  O   . LEU B 1 117 ? -5.512  -0.390  -5.236  1.00 23.49 ? 97   LEU B O   1 
ATOM   1632 C  CB  . LEU B 1 117 ? -2.589  -0.126  -6.246  1.00 23.19 ? 97   LEU B CB  1 
ATOM   1633 C  CG  . LEU B 1 117 ? -1.156  -0.613  -6.053  1.00 23.60 ? 97   LEU B CG  1 
ATOM   1634 C  CD1 . LEU B 1 117 ? -0.216  0.489   -6.290  1.00 26.67 ? 97   LEU B CD1 1 
ATOM   1635 C  CD2 . LEU B 1 117 ? -0.940  -1.222  -4.658  1.00 26.16 ? 97   LEU B CD2 1 
ATOM   1636 N  N   . ASN B 1 118 ? -5.754  -1.100  -7.354  1.00 24.21 ? 98   ASN B N   1 
ATOM   1637 C  CA  . ASN B 1 118 ? -7.187  -1.405  -7.332  1.00 25.25 ? 98   ASN B CA  1 
ATOM   1638 C  C   . ASN B 1 118 ? -7.648  -1.954  -8.682  1.00 25.86 ? 98   ASN B C   1 
ATOM   1639 O  O   . ASN B 1 118 ? -7.115  -1.619  -9.741  1.00 26.19 ? 98   ASN B O   1 
ATOM   1640 C  CB  . ASN B 1 118 ? -8.059  -0.237  -6.824  1.00 25.25 ? 98   ASN B CB  1 
ATOM   1641 C  CG  . ASN B 1 118 ? -8.707  -0.537  -5.427  1.00 24.63 ? 98   ASN B CG  1 
ATOM   1642 O  OD1 . ASN B 1 118 ? -7.998  -0.780  -4.425  1.00 22.64 ? 98   ASN B OD1 1 
ATOM   1643 N  ND2 . ASN B 1 118 ? -10.068 -0.503  -5.372  1.00 25.61 ? 98   ASN B ND2 1 
ATOM   1644 O  OXT . ASN B 1 118 ? -8.538  -2.803  -8.744  1.00 26.41 ? 98   ASN B OXT 1 
HETATM 1645 CL CL  . CL  C 2 .   ? 3.096   -17.155 14.081  1.00 22.69 ? 1099 CL  B CL  1 
HETATM 1646 O  O   . HOH D 3 .   ? 12.881  5.661   -5.838  1.00 19.11 ? 2001 HOH A O   1 
HETATM 1647 O  O   . HOH D 3 .   ? 7.705   5.868   -3.630  1.00 13.72 ? 2002 HOH A O   1 
HETATM 1648 O  O   . HOH D 3 .   ? 12.767  3.473   1.567   1.00 27.23 ? 2003 HOH A O   1 
HETATM 1649 O  O   . HOH D 3 .   ? 6.390   3.751   -1.091  1.00 18.59 ? 2004 HOH A O   1 
HETATM 1650 O  O   . HOH D 3 .   ? 10.002  0.601   -6.906  1.00 18.32 ? 2005 HOH A O   1 
HETATM 1651 O  O   . HOH D 3 .   ? -6.575  11.757  -15.914 1.00 27.98 ? 2006 HOH A O   1 
HETATM 1652 O  O   . HOH D 3 .   ? 8.454   9.082   -18.417 1.00 25.87 ? 2007 HOH A O   1 
HETATM 1653 O  O   . HOH D 3 .   ? 5.462   0.136   -8.314  1.00 22.15 ? 2008 HOH A O   1 
HETATM 1654 O  O   . HOH D 3 .   ? 15.177  5.587   0.165   1.00 31.35 ? 2009 HOH A O   1 
HETATM 1655 O  O   . HOH D 3 .   ? 16.584  12.783  -10.808 1.00 23.30 ? 2010 HOH A O   1 
HETATM 1656 O  O   . HOH D 3 .   ? 12.186  7.355   -7.680  1.00 18.73 ? 2011 HOH A O   1 
HETATM 1657 O  O   . HOH D 3 .   ? 14.141  23.670  -1.567  1.00 25.95 ? 2012 HOH A O   1 
HETATM 1658 O  O   . HOH D 3 .   ? 13.765  13.907  -5.618  1.00 26.68 ? 2013 HOH A O   1 
HETATM 1659 O  O   . HOH D 3 .   ? 11.761  19.232  -9.622  1.00 26.20 ? 2014 HOH A O   1 
HETATM 1660 O  O   . HOH D 3 .   ? 5.139   17.159  -15.000 1.00 5.31  ? 2015 HOH A O   1 
HETATM 1661 O  O   . HOH D 3 .   ? 4.773   20.382  -12.618 1.00 15.41 ? 2016 HOH A O   1 
HETATM 1662 O  O   . HOH D 3 .   ? 6.891   19.250  -14.585 1.00 18.10 ? 2017 HOH A O   1 
HETATM 1663 O  O   . HOH D 3 .   ? 10.802  8.844   -16.453 1.00 13.69 ? 2018 HOH A O   1 
HETATM 1664 O  O   . HOH D 3 .   ? 9.149   16.460  -16.191 1.00 15.04 ? 2019 HOH A O   1 
HETATM 1665 O  O   . HOH D 3 .   ? 7.473   11.701  -19.371 1.00 17.58 ? 2020 HOH A O   1 
HETATM 1666 O  O   . HOH D 3 .   ? -2.530  18.890  -15.477 1.00 17.44 ? 2021 HOH A O   1 
HETATM 1667 O  O   . HOH D 3 .   ? -3.776  10.544  -17.761 1.00 26.68 ? 2022 HOH A O   1 
HETATM 1668 O  O   . HOH D 3 .   ? -1.987  3.787   -13.946 1.00 18.52 ? 2023 HOH A O   1 
HETATM 1669 O  O   . HOH D 3 .   ? 0.001   15.304  -17.804 1.00 10.35 ? 2024 HOH A O   1 
HETATM 1670 O  O   . HOH D 3 .   ? -3.122  6.942   -14.864 1.00 14.01 ? 2025 HOH A O   1 
HETATM 1671 O  O   . HOH D 3 .   ? 0.997   3.359   -10.504 1.00 15.01 ? 2026 HOH A O   1 
HETATM 1672 O  O   . HOH D 3 .   ? 12.197  8.206   2.486   1.00 22.84 ? 2027 HOH A O   1 
HETATM 1673 O  O   . HOH D 3 .   ? 10.183  4.247   1.180   1.00 13.39 ? 2028 HOH A O   1 
HETATM 1674 O  O   . HOH D 3 .   ? -0.242  27.376  10.204  1.00 18.14 ? 2029 HOH A O   1 
HETATM 1675 O  O   . HOH D 3 .   ? -5.768  32.350  -2.975  1.00 21.89 ? 2030 HOH A O   1 
HETATM 1676 O  O   . HOH D 3 .   ? 13.354  16.130  -3.335  1.00 13.98 ? 2031 HOH A O   1 
HETATM 1677 O  O   . HOH D 3 .   ? 12.752  26.579  -1.434  1.00 23.30 ? 2032 HOH A O   1 
HETATM 1678 O  O   . HOH D 3 .   ? 3.910   17.307  -12.577 1.00 27.15 ? 2033 HOH A O   1 
HETATM 1679 O  O   . HOH D 3 .   ? -0.821  3.570   2.958   1.00 22.48 ? 2034 HOH A O   1 
HETATM 1680 O  O   . HOH D 3 .   ? 9.172   21.622  3.810   1.00 15.21 ? 2035 HOH A O   1 
HETATM 1681 O  O   . HOH D 3 .   ? 12.753  22.509  0.291   1.00 15.21 ? 2036 HOH A O   1 
HETATM 1682 O  O   . HOH D 3 .   ? 9.985   29.657  0.962   1.00 8.61  ? 2037 HOH A O   1 
HETATM 1683 O  O   . HOH D 3 .   ? 5.908   30.389  0.361   1.00 7.13  ? 2038 HOH A O   1 
HETATM 1684 O  O   . HOH D 3 .   ? 11.874  26.393  1.204   1.00 16.72 ? 2039 HOH A O   1 
HETATM 1685 O  O   . HOH D 3 .   ? 9.072   23.822  2.791   1.00 11.87 ? 2040 HOH A O   1 
HETATM 1686 O  O   . HOH D 3 .   ? 10.702  29.038  3.613   1.00 12.93 ? 2041 HOH A O   1 
HETATM 1687 O  O   . HOH D 3 .   ? -3.071  28.170  -4.506  1.00 19.79 ? 2042 HOH A O   1 
HETATM 1688 O  O   . HOH D 3 .   ? -8.264  25.245  -9.342  1.00 28.54 ? 2043 HOH A O   1 
HETATM 1689 O  O   . HOH D 3 .   ? -5.991  7.483   7.802   1.00 34.32 ? 2044 HOH A O   1 
HETATM 1690 O  O   . HOH D 3 .   ? -8.185  12.344  8.962   1.00 21.61 ? 2045 HOH A O   1 
HETATM 1691 O  O   . HOH D 3 .   ? 1.873   29.330  10.385  1.00 27.06 ? 2046 HOH A O   1 
HETATM 1692 O  O   . HOH D 3 .   ? 2.480   32.406  5.099   1.00 11.74 ? 2047 HOH A O   1 
HETATM 1693 O  O   . HOH D 3 .   ? 1.606   31.544  2.651   1.00 8.24  ? 2048 HOH A O   1 
HETATM 1694 O  O   . HOH D 3 .   ? -3.492  30.881  -3.123  1.00 19.85 ? 2049 HOH A O   1 
HETATM 1695 O  O   . HOH D 3 .   ? -10.779 29.981  -4.131  1.00 18.67 ? 2050 HOH A O   1 
HETATM 1696 O  O   . HOH D 3 .   ? -10.857 14.712  6.398   1.00 18.82 ? 2051 HOH A O   1 
HETATM 1697 O  O   . HOH D 3 .   ? -16.043 17.460  8.721   1.00 32.90 ? 2052 HOH A O   1 
HETATM 1698 O  O   . HOH E 3 .   ? -13.946 -15.143 0.498   1.00 23.55 ? 2001 HOH B O   1 
HETATM 1699 O  O   . HOH E 3 .   ? 7.414   -24.848 0.492   1.00 18.38 ? 2002 HOH B O   1 
HETATM 1700 O  O   . HOH E 3 .   ? -11.124 -29.210 6.697   1.00 12.57 ? 2003 HOH B O   1 
HETATM 1701 O  O   . HOH E 3 .   ? -12.326 -23.861 6.235   1.00 6.23  ? 2004 HOH B O   1 
HETATM 1702 O  O   . HOH E 3 .   ? -8.393  -28.139 1.154   1.00 18.38 ? 2005 HOH B O   1 
HETATM 1703 O  O   . HOH E 3 .   ? 0.719   -33.663 3.249   1.00 18.40 ? 2006 HOH B O   1 
HETATM 1704 O  O   . HOH E 3 .   ? -4.883  -25.170 -3.579  1.00 18.72 ? 2007 HOH B O   1 
HETATM 1705 O  O   . HOH E 3 .   ? -4.490  -31.985 -10.649 1.00 20.15 ? 2008 HOH B O   1 
HETATM 1706 O  O   . HOH E 3 .   ? -10.790 -29.555 -0.345  1.00 21.66 ? 2009 HOH B O   1 
HETATM 1707 O  O   . HOH E 3 .   ? -3.902  -24.548 -6.081  1.00 19.70 ? 2010 HOH B O   1 
HETATM 1708 O  O   . HOH E 3 .   ? -0.126  -16.504 14.606  1.00 27.66 ? 2011 HOH B O   1 
HETATM 1709 O  O   . HOH E 3 .   ? 1.903   -21.457 18.048  1.00 17.71 ? 2012 HOH B O   1 
HETATM 1710 O  O   . HOH E 3 .   ? 1.434   -25.499 13.919  1.00 13.69 ? 2013 HOH B O   1 
HETATM 1711 O  O   . HOH E 3 .   ? 3.971   -23.979 15.965  1.00 12.66 ? 2014 HOH B O   1 
HETATM 1712 O  O   . HOH E 3 .   ? 4.973   -21.710 14.686  1.00 14.99 ? 2015 HOH B O   1 
HETATM 1713 O  O   . HOH E 3 .   ? -5.067  -15.791 -7.583  1.00 18.73 ? 2016 HOH B O   1 
HETATM 1714 O  O   . HOH E 3 .   ? 6.345   -24.075 3.137   1.00 14.83 ? 2017 HOH B O   1 
HETATM 1715 O  O   . HOH E 3 .   ? 3.659   -30.443 5.100   1.00 18.37 ? 2018 HOH B O   1 
HETATM 1716 O  O   . HOH E 3 .   ? 4.288   -26.244 -2.341  1.00 16.33 ? 2019 HOH B O   1 
HETATM 1717 O  O   . HOH E 3 .   ? 6.759   -28.794 -0.904  1.00 22.67 ? 2020 HOH B O   1 
HETATM 1718 O  O   . HOH E 3 .   ? -4.805  -28.124 2.762   1.00 16.54 ? 2021 HOH B O   1 
HETATM 1719 O  O   . HOH E 3 .   ? -8.639  -25.718 0.373   1.00 14.84 ? 2022 HOH B O   1 
HETATM 1720 O  O   . HOH E 3 .   ? 3.242   -24.874 -6.559  1.00 18.42 ? 2023 HOH B O   1 
HETATM 1721 O  O   . HOH E 3 .   ? -9.141  -23.340 2.028   1.00 10.53 ? 2024 HOH B O   1 
HETATM 1722 O  O   . HOH E 3 .   ? -11.838 -14.427 8.816   1.00 20.42 ? 2025 HOH B O   1 
HETATM 1723 O  O   . HOH E 3 .   ? -6.415  -13.460 16.310  1.00 16.23 ? 2026 HOH B O   1 
HETATM 1724 O  O   . HOH E 3 .   ? 7.395   2.969   1.311   1.00 9.81  ? 2027 HOH B O   1 
HETATM 1725 O  O   . HOH E 3 .   ? -3.772  -13.779 15.923  1.00 14.94 ? 2028 HOH B O   1 
HETATM 1726 O  O   . HOH E 3 .   ? 4.479   -9.996  14.712  1.00 28.71 ? 2029 HOH B O   1 
HETATM 1727 O  O   . HOH E 3 .   ? 9.148   -18.538 7.387   1.00 23.27 ? 2030 HOH B O   1 
HETATM 1728 O  O   . HOH E 3 .   ? 14.295  -13.887 3.626   1.00 24.65 ? 2031 HOH B O   1 
HETATM 1729 O  O   . HOH E 3 .   ? 14.555  -11.704 7.448   1.00 11.13 ? 2032 HOH B O   1 
HETATM 1730 O  O   . HOH E 3 .   ? 8.379   -20.785 3.601   1.00 4.92  ? 2033 HOH B O   1 
HETATM 1731 O  O   . HOH E 3 .   ? 5.760   -21.407 3.148   1.00 13.56 ? 2034 HOH B O   1 
HETATM 1732 O  O   . HOH E 3 .   ? -2.987  -16.168 -6.255  1.00 20.81 ? 2035 HOH B O   1 
HETATM 1733 O  O   . HOH E 3 .   ? -12.359 -11.191 5.898   1.00 10.35 ? 2036 HOH B O   1 
HETATM 1734 O  O   . HOH E 3 .   ? 7.671   -10.644 14.889  1.00 16.75 ? 2037 HOH B O   1 
HETATM 1735 O  O   . HOH E 3 .   ? 10.646  -17.757 -1.746  1.00 23.43 ? 2038 HOH B O   1 
HETATM 1736 O  O   . HOH E 3 .   ? 5.901   -14.924 -11.087 1.00 19.64 ? 2039 HOH B O   1 
HETATM 1737 O  O   . HOH E 3 .   ? -7.423  -15.015 -7.026  1.00 26.34 ? 2040 HOH B O   1 
HETATM 1738 O  O   . HOH E 3 .   ? -9.864  -12.910 -5.288  1.00 17.48 ? 2041 HOH B O   1 
HETATM 1739 O  O   . HOH E 3 .   ? -11.575 -5.885  3.240   1.00 23.83 ? 2042 HOH B O   1 
HETATM 1740 O  O   . HOH E 3 .   ? 4.362   -4.929  12.548  1.00 23.28 ? 2043 HOH B O   1 
HETATM 1741 O  O   . HOH E 3 .   ? 8.066   -6.913  12.469  1.00 22.01 ? 2044 HOH B O   1 
HETATM 1742 O  O   . HOH E 3 .   ? 13.142  -1.781  13.120  1.00 22.94 ? 2045 HOH B O   1 
HETATM 1743 O  O   . HOH E 3 .   ? 8.693   -12.778 -8.583  1.00 29.74 ? 2046 HOH B O   1 
HETATM 1744 O  O   . HOH E 3 .   ? 9.308   -7.563  -9.919  1.00 17.43 ? 2047 HOH B O   1 
HETATM 1745 O  O   . HOH E 3 .   ? -4.907  -9.522  -10.560 1.00 30.16 ? 2048 HOH B O   1 
HETATM 1746 O  O   . HOH E 3 .   ? 6.109   2.415   3.854   1.00 20.24 ? 2049 HOH B O   1 
HETATM 1747 O  O   . HOH E 3 .   ? 11.668  -0.821  -3.673  1.00 21.88 ? 2050 HOH B O   1 
HETATM 1748 O  O   . HOH E 3 .   ? 7.496   -0.807  -7.523  1.00 27.24 ? 2051 HOH B O   1 
HETATM 1749 O  O   . HOH E 3 .   ? -3.395  -0.937  -10.327 1.00 20.70 ? 2052 HOH B O   1 
# 
loop_
_pdbx_poly_seq_scheme.asym_id 
_pdbx_poly_seq_scheme.entity_id 
_pdbx_poly_seq_scheme.seq_id 
_pdbx_poly_seq_scheme.mon_id 
_pdbx_poly_seq_scheme.ndb_seq_num 
_pdbx_poly_seq_scheme.pdb_seq_num 
_pdbx_poly_seq_scheme.auth_seq_num 
_pdbx_poly_seq_scheme.pdb_mon_id 
_pdbx_poly_seq_scheme.auth_mon_id 
_pdbx_poly_seq_scheme.pdb_strand_id 
_pdbx_poly_seq_scheme.pdb_ins_code 
_pdbx_poly_seq_scheme.hetero 
A 1 1   MET 1   -19 ?   ?   ?   A . n 
A 1 2   GLY 2   -18 ?   ?   ?   A . n 
A 1 3   SER 3   -17 ?   ?   ?   A . n 
A 1 4   SER 4   -16 ?   ?   ?   A . n 
A 1 5   HIS 5   -15 ?   ?   ?   A . n 
A 1 6   HIS 6   -14 ?   ?   ?   A . n 
A 1 7   HIS 7   -13 ?   ?   ?   A . n 
A 1 8   HIS 8   -12 ?   ?   ?   A . n 
A 1 9   HIS 9   -11 ?   ?   ?   A . n 
A 1 10  HIS 10  -10 ?   ?   ?   A . n 
A 1 11  SER 11  -9  ?   ?   ?   A . n 
A 1 12  SER 12  -8  ?   ?   ?   A . n 
A 1 13  GLY 13  -7  -7  GLY GLY A . n 
A 1 14  LEU 14  -6  -6  LEU LEU A . n 
A 1 15  VAL 15  -5  -5  VAL VAL A . n 
A 1 16  PRO 16  -4  -4  PRO PRO A . n 
A 1 17  ARG 17  -3  -3  ARG ARG A . n 
A 1 18  GLY 18  -2  -2  GLY GLY A . n 
A 1 19  SER 19  -1  -1  SER SER A . n 
A 1 20  HIS 20  0   0   HIS HIS A . n 
A 1 21  MET 21  1   1   MET MET A . n 
A 1 22  ASP 22  2   2   ASP ASP A . n 
A 1 23  VAL 23  3   3   VAL VAL A . n 
A 1 24  GLU 24  4   4   GLU GLU A . n 
A 1 25  LYS 25  5   5   LYS LYS A . n 
A 1 26  LEU 26  6   6   LEU LEU A . n 
A 1 27  ARG 27  7   7   ARG ARG A . n 
A 1 28  GLN 28  8   8   GLN GLN A . n 
A 1 29  LEU 29  9   9   LEU LEU A . n 
A 1 30  TYR 30  10  10  TYR TYR A . n 
A 1 31  ALA 31  11  11  ALA ALA A . n 
A 1 32  ALA 32  12  12  ALA ALA A . n 
A 1 33  GLY 33  13  13  GLY GLY A . n 
A 1 34  GLU 34  14  14  GLU GLU A . n 
A 1 35  ARG 35  15  15  ARG ARG A . n 
A 1 36  ASP 36  16  16  ASP ASP A . n 
A 1 37  PHE 37  17  17  PHE PHE A . n 
A 1 38  SER 38  18  18  SER SER A . n 
A 1 39  ILE 39  19  19  ILE ILE A . n 
A 1 40  VAL 40  20  20  VAL VAL A . n 
A 1 41  ASP 41  21  21  ASP ASP A . n 
A 1 42  LEU 42  22  22  LEU LEU A . n 
A 1 43  ARG 43  23  23  ARG ARG A . n 
A 1 44  GLY 44  24  24  GLY GLY A . n 
A 1 45  ALA 45  25  25  ALA ALA A . n 
A 1 46  VAL 46  26  26  VAL VAL A . n 
A 1 47  LEU 47  27  27  LEU LEU A . n 
A 1 48  GLU 48  28  28  GLU GLU A . n 
A 1 49  ASN 49  29  29  ASN ASN A . n 
A 1 50  ILE 50  30  30  ILE ILE A . n 
A 1 51  ASN 51  31  31  ASN ASN A . n 
A 1 52  LEU 52  32  32  LEU LEU A . n 
A 1 53  SER 53  33  33  SER SER A . n 
A 1 54  GLY 54  34  34  GLY GLY A . n 
A 1 55  ALA 55  35  35  ALA ALA A . n 
A 1 56  ILE 56  36  36  ILE ILE A . n 
A 1 57  LEU 57  37  37  LEU LEU A . n 
A 1 58  HIS 58  38  38  HIS HIS A . n 
A 1 59  GLY 59  39  39  GLY GLY A . n 
A 1 60  ALA 60  40  40  ALA ALA A . n 
A 1 61  MET 61  41  41  MET MET A . n 
A 1 62  LEU 62  42  42  LEU LEU A . n 
A 1 63  ASP 63  43  43  ASP ASP A . n 
A 1 64  GLU 64  44  44  GLU GLU A . n 
A 1 65  ALA 65  45  45  ALA ALA A . n 
A 1 66  ASN 66  46  46  ASN ASN A . n 
A 1 67  LEU 67  47  47  LEU LEU A . n 
A 1 68  GLN 68  48  48  GLN GLN A . n 
A 1 69  GLN 69  49  49  GLN GLN A . n 
A 1 70  ALA 70  50  50  ALA ALA A . n 
A 1 71  ASN 71  51  51  ASN ASN A . n 
A 1 72  LEU 72  52  52  LEU LEU A . n 
A 1 73  SER 73  53  53  SER SER A . n 
A 1 74  ARG 74  54  54  ARG ARG A . n 
A 1 75  ALA 75  55  55  ALA ALA A . n 
A 1 76  ASP 76  56  56  ASP ASP A . n 
A 1 77  LEU 77  57  57  LEU LEU A . n 
A 1 78  SER 78  58  58  SER SER A . n 
A 1 79  GLY 79  59  59  GLY GLY A . n 
A 1 80  ALA 80  60  60  ALA ALA A . n 
A 1 81  THR 81  61  61  THR THR A . n 
A 1 82  LEU 82  62  62  LEU LEU A . n 
A 1 83  ASN 83  63  63  ASN ASN A . n 
A 1 84  GLY 84  64  64  GLY GLY A . n 
A 1 85  ALA 85  65  65  ALA ALA A . n 
A 1 86  ASP 86  66  66  ASP ASP A . n 
A 1 87  LEU 87  67  67  LEU LEU A . n 
A 1 88  ARG 88  68  68  ARG ARG A . n 
A 1 89  GLY 89  69  69  GLY GLY A . n 
A 1 90  ALA 90  70  70  ALA ALA A . n 
A 1 91  ASN 91  71  71  ASN ASN A . n 
A 1 92  LEU 92  72  72  LEU LEU A . n 
A 1 93  SER 93  73  73  SER SER A . n 
A 1 94  LYS 94  74  74  LYS LYS A . n 
A 1 95  ALA 95  75  75  ALA ALA A . n 
A 1 96  ASP 96  76  76  ASP ASP A . n 
A 1 97  LEU 97  77  77  LEU LEU A . n 
A 1 98  SER 98  78  78  SER SER A . n 
A 1 99  ASP 99  79  79  ASP ASP A . n 
A 1 100 ALA 100 80  80  ALA ALA A . n 
A 1 101 ILE 101 81  81  ILE ILE A . n 
A 1 102 LEU 102 82  82  LEU LEU A . n 
A 1 103 ASP 103 83  83  ASP ASP A . n 
A 1 104 ASN 104 84  84  ASN ASN A . n 
A 1 105 ALA 105 85  85  ALA ALA A . n 
A 1 106 ILE 106 86  86  ILE ILE A . n 
A 1 107 LEU 107 87  87  LEU LEU A . n 
A 1 108 GLU 108 88  88  GLU GLU A . n 
A 1 109 GLY 109 89  89  GLY GLY A . n 
A 1 110 ALA 110 90  90  ALA ALA A . n 
A 1 111 ILE 111 91  91  ILE ILE A . n 
A 1 112 LEU 112 92  92  LEU LEU A . n 
A 1 113 ASP 113 93  93  ASP ASP A . n 
A 1 114 GLU 114 94  94  GLU GLU A . n 
A 1 115 ALA 115 95  95  ALA ALA A . n 
A 1 116 VAL 116 96  96  VAL VAL A . n 
A 1 117 LEU 117 97  97  LEU LEU A . n 
A 1 118 ASN 118 98  98  ASN ASN A . n 
B 1 1   MET 1   -19 ?   ?   ?   B . n 
B 1 2   GLY 2   -18 ?   ?   ?   B . n 
B 1 3   SER 3   -17 -17 SER SER B . n 
B 1 4   SER 4   -16 -16 SER SER B . n 
B 1 5   HIS 5   -15 -15 HIS HIS B . n 
B 1 6   HIS 6   -14 -14 HIS HIS B . n 
B 1 7   HIS 7   -13 -13 HIS HIS B . n 
B 1 8   HIS 8   -12 -12 HIS HIS B . n 
B 1 9   HIS 9   -11 -11 HIS HIS B . n 
B 1 10  HIS 10  -10 -10 HIS HIS B . n 
B 1 11  SER 11  -9  -9  SER SER B . n 
B 1 12  SER 12  -8  -8  SER SER B . n 
B 1 13  GLY 13  -7  -7  GLY GLY B . n 
B 1 14  LEU 14  -6  -6  LEU LEU B . n 
B 1 15  VAL 15  -5  -5  VAL VAL B . n 
B 1 16  PRO 16  -4  -4  PRO PRO B . n 
B 1 17  ARG 17  -3  -3  ARG ARG B . n 
B 1 18  GLY 18  -2  -2  GLY GLY B . n 
B 1 19  SER 19  -1  -1  SER SER B . n 
B 1 20  HIS 20  0   0   HIS HIS B . n 
B 1 21  MET 21  1   1   MET MET B . n 
B 1 22  ASP 22  2   2   ASP ASP B . n 
B 1 23  VAL 23  3   3   VAL VAL B . n 
B 1 24  GLU 24  4   4   GLU GLU B . n 
B 1 25  LYS 25  5   5   LYS LYS B . n 
B 1 26  LEU 26  6   6   LEU LEU B . n 
B 1 27  ARG 27  7   7   ARG ARG B . n 
B 1 28  GLN 28  8   8   GLN GLN B . n 
B 1 29  LEU 29  9   9   LEU LEU B . n 
B 1 30  TYR 30  10  10  TYR TYR B . n 
B 1 31  ALA 31  11  11  ALA ALA B . n 
B 1 32  ALA 32  12  12  ALA ALA B . n 
B 1 33  GLY 33  13  13  GLY GLY B . n 
B 1 34  GLU 34  14  14  GLU GLU B . n 
B 1 35  ARG 35  15  15  ARG ARG B . n 
B 1 36  ASP 36  16  16  ASP ASP B . n 
B 1 37  PHE 37  17  17  PHE PHE B . n 
B 1 38  SER 38  18  18  SER SER B . n 
B 1 39  ILE 39  19  19  ILE ILE B . n 
B 1 40  VAL 40  20  20  VAL VAL B . n 
B 1 41  ASP 41  21  21  ASP ASP B . n 
B 1 42  LEU 42  22  22  LEU LEU B . n 
B 1 43  ARG 43  23  23  ARG ARG B . n 
B 1 44  GLY 44  24  24  GLY GLY B . n 
B 1 45  ALA 45  25  25  ALA ALA B . n 
B 1 46  VAL 46  26  26  VAL VAL B . n 
B 1 47  LEU 47  27  27  LEU LEU B . n 
B 1 48  GLU 48  28  28  GLU GLU B . n 
B 1 49  ASN 49  29  29  ASN ASN B . n 
B 1 50  ILE 50  30  30  ILE ILE B . n 
B 1 51  ASN 51  31  31  ASN ASN B . n 
B 1 52  LEU 52  32  32  LEU LEU B . n 
B 1 53  SER 53  33  33  SER SER B . n 
B 1 54  GLY 54  34  34  GLY GLY B . n 
B 1 55  ALA 55  35  35  ALA ALA B . n 
B 1 56  ILE 56  36  36  ILE ILE B . n 
B 1 57  LEU 57  37  37  LEU LEU B . n 
B 1 58  HIS 58  38  38  HIS HIS B . n 
B 1 59  GLY 59  39  39  GLY GLY B . n 
B 1 60  ALA 60  40  40  ALA ALA B . n 
B 1 61  MET 61  41  41  MET MET B . n 
B 1 62  LEU 62  42  42  LEU LEU B . n 
B 1 63  ASP 63  43  43  ASP ASP B . n 
B 1 64  GLU 64  44  44  GLU GLU B . n 
B 1 65  ALA 65  45  45  ALA ALA B . n 
B 1 66  ASN 66  46  46  ASN ASN B . n 
B 1 67  LEU 67  47  47  LEU LEU B . n 
B 1 68  GLN 68  48  48  GLN GLN B . n 
B 1 69  GLN 69  49  49  GLN GLN B . n 
B 1 70  ALA 70  50  50  ALA ALA B . n 
B 1 71  ASN 71  51  51  ASN ASN B . n 
B 1 72  LEU 72  52  52  LEU LEU B . n 
B 1 73  SER 73  53  53  SER SER B . n 
B 1 74  ARG 74  54  54  ARG ARG B . n 
B 1 75  ALA 75  55  55  ALA ALA B . n 
B 1 76  ASP 76  56  56  ASP ASP B . n 
B 1 77  LEU 77  57  57  LEU LEU B . n 
B 1 78  SER 78  58  58  SER SER B . n 
B 1 79  GLY 79  59  59  GLY GLY B . n 
B 1 80  ALA 80  60  60  ALA ALA B . n 
B 1 81  THR 81  61  61  THR THR B . n 
B 1 82  LEU 82  62  62  LEU LEU B . n 
B 1 83  ASN 83  63  63  ASN ASN B . n 
B 1 84  GLY 84  64  64  GLY GLY B . n 
B 1 85  ALA 85  65  65  ALA ALA B . n 
B 1 86  ASP 86  66  66  ASP ASP B . n 
B 1 87  LEU 87  67  67  LEU LEU B . n 
B 1 88  ARG 88  68  68  ARG ARG B . n 
B 1 89  GLY 89  69  69  GLY GLY B . n 
B 1 90  ALA 90  70  70  ALA ALA B . n 
B 1 91  ASN 91  71  71  ASN ASN B . n 
B 1 92  LEU 92  72  72  LEU LEU B . n 
B 1 93  SER 93  73  73  SER SER B . n 
B 1 94  LYS 94  74  74  LYS LYS B . n 
B 1 95  ALA 95  75  75  ALA ALA B . n 
B 1 96  ASP 96  76  76  ASP ASP B . n 
B 1 97  LEU 97  77  77  LEU LEU B . n 
B 1 98  SER 98  78  78  SER SER B . n 
B 1 99  ASP 99  79  79  ASP ASP B . n 
B 1 100 ALA 100 80  80  ALA ALA B . n 
B 1 101 ILE 101 81  81  ILE ILE B . n 
B 1 102 LEU 102 82  82  LEU LEU B . n 
B 1 103 ASP 103 83  83  ASP ASP B . n 
B 1 104 ASN 104 84  84  ASN ASN B . n 
B 1 105 ALA 105 85  85  ALA ALA B . n 
B 1 106 ILE 106 86  86  ILE ILE B . n 
B 1 107 LEU 107 87  87  LEU LEU B . n 
B 1 108 GLU 108 88  88  GLU GLU B . n 
B 1 109 GLY 109 89  89  GLY GLY B . n 
B 1 110 ALA 110 90  90  ALA ALA B . n 
B 1 111 ILE 111 91  91  ILE ILE B . n 
B 1 112 LEU 112 92  92  LEU LEU B . n 
B 1 113 ASP 113 93  93  ASP ASP B . n 
B 1 114 GLU 114 94  94  GLU GLU B . n 
B 1 115 ALA 115 95  95  ALA ALA B . n 
B 1 116 VAL 116 96  96  VAL VAL B . n 
B 1 117 LEU 117 97  97  LEU LEU B . n 
B 1 118 ASN 118 98  98  ASN ASN B . n 
# 
loop_
_pdbx_nonpoly_scheme.asym_id 
_pdbx_nonpoly_scheme.entity_id 
_pdbx_nonpoly_scheme.mon_id 
_pdbx_nonpoly_scheme.ndb_seq_num 
_pdbx_nonpoly_scheme.pdb_seq_num 
_pdbx_nonpoly_scheme.auth_seq_num 
_pdbx_nonpoly_scheme.pdb_mon_id 
_pdbx_nonpoly_scheme.auth_mon_id 
_pdbx_nonpoly_scheme.pdb_strand_id 
_pdbx_nonpoly_scheme.pdb_ins_code 
C 2 CL  1  1099 1099 CL  CL  B . 
D 3 HOH 1  2001 2001 HOH HOH A . 
D 3 HOH 2  2002 2002 HOH HOH A . 
D 3 HOH 3  2003 2003 HOH HOH A . 
D 3 HOH 4  2004 2004 HOH HOH A . 
D 3 HOH 5  2005 2005 HOH HOH A . 
D 3 HOH 6  2006 2006 HOH HOH A . 
D 3 HOH 7  2007 2007 HOH HOH A . 
D 3 HOH 8  2008 2008 HOH HOH A . 
D 3 HOH 9  2009 2009 HOH HOH A . 
D 3 HOH 10 2010 2010 HOH HOH A . 
D 3 HOH 11 2011 2011 HOH HOH A . 
D 3 HOH 12 2012 2012 HOH HOH A . 
D 3 HOH 13 2013 2013 HOH HOH A . 
D 3 HOH 14 2014 2014 HOH HOH A . 
D 3 HOH 15 2015 2015 HOH HOH A . 
D 3 HOH 16 2016 2016 HOH HOH A . 
D 3 HOH 17 2017 2017 HOH HOH A . 
D 3 HOH 18 2018 2018 HOH HOH A . 
D 3 HOH 19 2019 2019 HOH HOH A . 
D 3 HOH 20 2020 2020 HOH HOH A . 
D 3 HOH 21 2021 2021 HOH HOH A . 
D 3 HOH 22 2022 2022 HOH HOH A . 
D 3 HOH 23 2023 2023 HOH HOH A . 
D 3 HOH 24 2024 2024 HOH HOH A . 
D 3 HOH 25 2025 2025 HOH HOH A . 
D 3 HOH 26 2026 2026 HOH HOH A . 
D 3 HOH 27 2027 2027 HOH HOH A . 
D 3 HOH 28 2028 2028 HOH HOH A . 
D 3 HOH 29 2029 2029 HOH HOH A . 
D 3 HOH 30 2030 2030 HOH HOH A . 
D 3 HOH 31 2031 2031 HOH HOH A . 
D 3 HOH 32 2032 2032 HOH HOH A . 
D 3 HOH 33 2033 2033 HOH HOH A . 
D 3 HOH 34 2034 2034 HOH HOH A . 
D 3 HOH 35 2035 2035 HOH HOH A . 
D 3 HOH 36 2036 2036 HOH HOH A . 
D 3 HOH 37 2037 2037 HOH HOH A . 
D 3 HOH 38 2038 2038 HOH HOH A . 
D 3 HOH 39 2039 2039 HOH HOH A . 
D 3 HOH 40 2040 2040 HOH HOH A . 
D 3 HOH 41 2041 2041 HOH HOH A . 
D 3 HOH 42 2042 2042 HOH HOH A . 
D 3 HOH 43 2043 2043 HOH HOH A . 
D 3 HOH 44 2044 2044 HOH HOH A . 
D 3 HOH 45 2045 2045 HOH HOH A . 
D 3 HOH 46 2046 2046 HOH HOH A . 
D 3 HOH 47 2047 2047 HOH HOH A . 
D 3 HOH 48 2048 2048 HOH HOH A . 
D 3 HOH 49 2049 2049 HOH HOH A . 
D 3 HOH 50 2050 2050 HOH HOH A . 
D 3 HOH 51 2051 2051 HOH HOH A . 
D 3 HOH 52 2052 2052 HOH HOH A . 
E 3 HOH 1  2001 2001 HOH HOH B . 
E 3 HOH 2  2002 2002 HOH HOH B . 
E 3 HOH 3  2003 2003 HOH HOH B . 
E 3 HOH 4  2004 2004 HOH HOH B . 
E 3 HOH 5  2005 2005 HOH HOH B . 
E 3 HOH 6  2006 2006 HOH HOH B . 
E 3 HOH 7  2007 2007 HOH HOH B . 
E 3 HOH 8  2008 2008 HOH HOH B . 
E 3 HOH 9  2009 2009 HOH HOH B . 
E 3 HOH 10 2010 2010 HOH HOH B . 
E 3 HOH 11 2011 2011 HOH HOH B . 
E 3 HOH 12 2012 2012 HOH HOH B . 
E 3 HOH 13 2013 2013 HOH HOH B . 
E 3 HOH 14 2014 2014 HOH HOH B . 
E 3 HOH 15 2015 2015 HOH HOH B . 
E 3 HOH 16 2016 2016 HOH HOH B . 
E 3 HOH 17 2017 2017 HOH HOH B . 
E 3 HOH 18 2018 2018 HOH HOH B . 
E 3 HOH 19 2019 2019 HOH HOH B . 
E 3 HOH 20 2020 2020 HOH HOH B . 
E 3 HOH 21 2021 2021 HOH HOH B . 
E 3 HOH 22 2022 2022 HOH HOH B . 
E 3 HOH 23 2023 2023 HOH HOH B . 
E 3 HOH 24 2024 2024 HOH HOH B . 
E 3 HOH 25 2025 2025 HOH HOH B . 
E 3 HOH 26 2026 2026 HOH HOH B . 
E 3 HOH 27 2027 2027 HOH HOH B . 
E 3 HOH 28 2028 2028 HOH HOH B . 
E 3 HOH 29 2029 2029 HOH HOH B . 
E 3 HOH 30 2030 2030 HOH HOH B . 
E 3 HOH 31 2031 2031 HOH HOH B . 
E 3 HOH 32 2032 2032 HOH HOH B . 
E 3 HOH 33 2033 2033 HOH HOH B . 
E 3 HOH 34 2034 2034 HOH HOH B . 
E 3 HOH 35 2035 2035 HOH HOH B . 
E 3 HOH 36 2036 2036 HOH HOH B . 
E 3 HOH 37 2037 2037 HOH HOH B . 
E 3 HOH 38 2038 2038 HOH HOH B . 
E 3 HOH 39 2039 2039 HOH HOH B . 
E 3 HOH 40 2040 2040 HOH HOH B . 
E 3 HOH 41 2041 2041 HOH HOH B . 
E 3 HOH 42 2042 2042 HOH HOH B . 
E 3 HOH 43 2043 2043 HOH HOH B . 
E 3 HOH 44 2044 2044 HOH HOH B . 
E 3 HOH 45 2045 2045 HOH HOH B . 
E 3 HOH 46 2046 2046 HOH HOH B . 
E 3 HOH 47 2047 2047 HOH HOH B . 
E 3 HOH 48 2048 2048 HOH HOH B . 
E 3 HOH 49 2049 2049 HOH HOH B . 
E 3 HOH 50 2050 2050 HOH HOH B . 
E 3 HOH 51 2051 2051 HOH HOH B . 
E 3 HOH 52 2052 2052 HOH HOH B . 
# 
loop_
_pdbx_struct_assembly.id 
_pdbx_struct_assembly.details 
_pdbx_struct_assembly.method_details 
_pdbx_struct_assembly.oligomeric_details 
_pdbx_struct_assembly.oligomeric_count 
1 author_and_software_defined_assembly PISA monomeric 1 
2 author_and_software_defined_assembly PISA monomeric 1 
# 
loop_
_pdbx_struct_assembly_gen.assembly_id 
_pdbx_struct_assembly_gen.oper_expression 
_pdbx_struct_assembly_gen.asym_id_list 
1 1 A,D   
2 1 B,C,E 
# 
_pdbx_struct_oper_list.id                   1 
_pdbx_struct_oper_list.type                 'identity operation' 
_pdbx_struct_oper_list.name                 1_555 
_pdbx_struct_oper_list.symmetry_operation   x,y,z 
_pdbx_struct_oper_list.matrix[1][1]         1.0000000000 
_pdbx_struct_oper_list.matrix[1][2]         0.0000000000 
_pdbx_struct_oper_list.matrix[1][3]         0.0000000000 
_pdbx_struct_oper_list.vector[1]            0.0000000000 
_pdbx_struct_oper_list.matrix[2][1]         0.0000000000 
_pdbx_struct_oper_list.matrix[2][2]         1.0000000000 
_pdbx_struct_oper_list.matrix[2][3]         0.0000000000 
_pdbx_struct_oper_list.vector[2]            0.0000000000 
_pdbx_struct_oper_list.matrix[3][1]         0.0000000000 
_pdbx_struct_oper_list.matrix[3][2]         0.0000000000 
_pdbx_struct_oper_list.matrix[3][3]         1.0000000000 
_pdbx_struct_oper_list.vector[3]            0.0000000000 
# 
loop_
_pdbx_audit_revision_history.ordinal 
_pdbx_audit_revision_history.data_content_type 
_pdbx_audit_revision_history.major_revision 
_pdbx_audit_revision_history.minor_revision 
_pdbx_audit_revision_history.revision_date 
1 'Structure model' 1 0 2006-12-07 
2 'Structure model' 1 1 2011-07-13 
3 'Structure model' 1 2 2023-12-13 
# 
_pdbx_audit_revision_details.ordinal             1 
_pdbx_audit_revision_details.revision_ordinal    1 
_pdbx_audit_revision_details.data_content_type   'Structure model' 
_pdbx_audit_revision_details.provider            repository 
_pdbx_audit_revision_details.type                'Initial release' 
_pdbx_audit_revision_details.description         ? 
_pdbx_audit_revision_details.details             ? 
# 
loop_
_pdbx_audit_revision_group.ordinal 
_pdbx_audit_revision_group.revision_ordinal 
_pdbx_audit_revision_group.data_content_type 
_pdbx_audit_revision_group.group 
1 2 'Structure model' Advisory                    
2 2 'Structure model' 'Version format compliance' 
3 3 'Structure model' 'Data collection'           
4 3 'Structure model' 'Database references'       
5 3 'Structure model' Other                       
6 3 'Structure model' 'Refinement description'    
# 
loop_
_pdbx_audit_revision_category.ordinal 
_pdbx_audit_revision_category.revision_ordinal 
_pdbx_audit_revision_category.data_content_type 
_pdbx_audit_revision_category.category 
1 3 'Structure model' chem_comp_atom                
2 3 'Structure model' chem_comp_bond                
3 3 'Structure model' database_2                    
4 3 'Structure model' pdbx_database_status          
5 3 'Structure model' pdbx_initial_refinement_model 
# 
loop_
_pdbx_audit_revision_item.ordinal 
_pdbx_audit_revision_item.revision_ordinal 
_pdbx_audit_revision_item.data_content_type 
_pdbx_audit_revision_item.item 
1 3 'Structure model' '_database_2.pdbx_DOI'                 
2 3 'Structure model' '_database_2.pdbx_database_accession'  
3 3 'Structure model' '_pdbx_database_status.status_code_sf' 
# 
loop_
_pdbx_refine_tls.pdbx_refine_id 
_pdbx_refine_tls.id 
_pdbx_refine_tls.details 
_pdbx_refine_tls.method 
_pdbx_refine_tls.origin_x 
_pdbx_refine_tls.origin_y 
_pdbx_refine_tls.origin_z 
_pdbx_refine_tls.T[1][1] 
_pdbx_refine_tls.T[2][2] 
_pdbx_refine_tls.T[3][3] 
_pdbx_refine_tls.T[1][2] 
_pdbx_refine_tls.T[1][3] 
_pdbx_refine_tls.T[2][3] 
_pdbx_refine_tls.L[1][1] 
_pdbx_refine_tls.L[2][2] 
_pdbx_refine_tls.L[3][3] 
_pdbx_refine_tls.L[1][2] 
_pdbx_refine_tls.L[1][3] 
_pdbx_refine_tls.L[2][3] 
_pdbx_refine_tls.S[1][1] 
_pdbx_refine_tls.S[1][2] 
_pdbx_refine_tls.S[1][3] 
_pdbx_refine_tls.S[2][1] 
_pdbx_refine_tls.S[2][2] 
_pdbx_refine_tls.S[2][3] 
_pdbx_refine_tls.S[3][1] 
_pdbx_refine_tls.S[3][2] 
_pdbx_refine_tls.S[3][3] 
'X-RAY DIFFRACTION' 1 ? refined 0.5630  15.5775  -2.9438 -0.1662 -0.1891 -0.0618 -0.0085 0.1127 0.0122 3.7912 5.8817 2.1768 -2.5501 -1.1403 1.3142  -0.1918 0.0634 -0.2509 0.4203  0.0619 0.2882  0.2462 0.0543  0.1299 
'X-RAY DIFFRACTION' 2 ? refined -0.0813 -13.4264 2.8542  -0.1912 -0.1929 0.0155  0.0202  0.1216 0.0197 2.8475 3.5149 3.0122 1.4737  -1.8035 -1.4556 -0.2076 0.1043 0.1267  -0.1371 0.0397 -0.2435 0.2273 -0.0207 0.1679 
# 
loop_
_pdbx_refine_tls_group.pdbx_refine_id 
_pdbx_refine_tls_group.id 
_pdbx_refine_tls_group.refine_tls_id 
_pdbx_refine_tls_group.beg_auth_asym_id 
_pdbx_refine_tls_group.beg_auth_seq_id 
_pdbx_refine_tls_group.beg_label_asym_id 
_pdbx_refine_tls_group.beg_label_seq_id 
_pdbx_refine_tls_group.end_auth_asym_id 
_pdbx_refine_tls_group.end_auth_seq_id 
_pdbx_refine_tls_group.end_label_asym_id 
_pdbx_refine_tls_group.end_label_seq_id 
_pdbx_refine_tls_group.selection 
_pdbx_refine_tls_group.selection_details 
'X-RAY DIFFRACTION' 1 1 A -8  ? ? A 98 ? ? ? ? 
'X-RAY DIFFRACTION' 2 2 B -12 ? ? B 98 ? ? ? ? 
# 
loop_
_software.name 
_software.classification 
_software.version 
_software.citation_id 
_software.pdbx_ordinal 
REFMAC refinement       5.2.0005 ? 1 
MOSFLM 'data reduction' .        ? 2 
CCP4   'data scaling'   .        ? 3 
MOLREP phasing          .        ? 4 
# 
_pdbx_entry_details.entry_id                 2J8I 
_pdbx_entry_details.compound_details         ? 
_pdbx_entry_details.source_details           ? 
_pdbx_entry_details.nonpolymer_details       ? 
_pdbx_entry_details.sequence_details         
;PROTEIN SEQUENCE WITH ADDITIONAL 20 RESIDUES AT THE N-
TERMINUS TO FACILITATE PURIFICATION.
;
_pdbx_entry_details.has_ligand_of_interest   ? 
# 
loop_
_pdbx_validate_torsion.id 
_pdbx_validate_torsion.PDB_model_num 
_pdbx_validate_torsion.auth_comp_id 
_pdbx_validate_torsion.auth_asym_id 
_pdbx_validate_torsion.auth_seq_id 
_pdbx_validate_torsion.PDB_ins_code 
_pdbx_validate_torsion.label_alt_id 
_pdbx_validate_torsion.phi 
_pdbx_validate_torsion.psi 
1 1 ASN A 29  ? ? 71.20  -4.59  
2 1 LYS A 74  ? ? 57.53  11.21  
3 1 ASP A 83  ? ? -39.00 113.11 
4 1 HIS B -10 ? ? -45.28 150.94 
5 1 ILE B 19  ? ? 51.25  19.88  
6 1 GLN B 49  ? ? 58.93  12.80  
7 1 LYS B 74  ? ? 59.24  19.94  
# 
_pdbx_validate_peptide_omega.id               1 
_pdbx_validate_peptide_omega.PDB_model_num    1 
_pdbx_validate_peptide_omega.auth_comp_id_1   LEU 
_pdbx_validate_peptide_omega.auth_asym_id_1   B 
_pdbx_validate_peptide_omega.auth_seq_id_1    97 
_pdbx_validate_peptide_omega.PDB_ins_code_1   ? 
_pdbx_validate_peptide_omega.label_alt_id_1   ? 
_pdbx_validate_peptide_omega.auth_comp_id_2   ASN 
_pdbx_validate_peptide_omega.auth_asym_id_2   B 
_pdbx_validate_peptide_omega.auth_seq_id_2    98 
_pdbx_validate_peptide_omega.PDB_ins_code_2   ? 
_pdbx_validate_peptide_omega.label_alt_id_2   ? 
_pdbx_validate_peptide_omega.omega            148.94 
# 
loop_
_pdbx_unobs_or_zero_occ_residues.id 
_pdbx_unobs_or_zero_occ_residues.PDB_model_num 
_pdbx_unobs_or_zero_occ_residues.polymer_flag 
_pdbx_unobs_or_zero_occ_residues.occupancy_flag 
_pdbx_unobs_or_zero_occ_residues.auth_asym_id 
_pdbx_unobs_or_zero_occ_residues.auth_comp_id 
_pdbx_unobs_or_zero_occ_residues.auth_seq_id 
_pdbx_unobs_or_zero_occ_residues.PDB_ins_code 
_pdbx_unobs_or_zero_occ_residues.label_asym_id 
_pdbx_unobs_or_zero_occ_residues.label_comp_id 
_pdbx_unobs_or_zero_occ_residues.label_seq_id 
1  1 Y 1 A MET -19 ? A MET 1  
2  1 Y 1 A GLY -18 ? A GLY 2  
3  1 Y 1 A SER -17 ? A SER 3  
4  1 Y 1 A SER -16 ? A SER 4  
5  1 Y 1 A HIS -15 ? A HIS 5  
6  1 Y 1 A HIS -14 ? A HIS 6  
7  1 Y 1 A HIS -13 ? A HIS 7  
8  1 Y 1 A HIS -12 ? A HIS 8  
9  1 Y 1 A HIS -11 ? A HIS 9  
10 1 Y 1 A HIS -10 ? A HIS 10 
11 1 Y 1 A SER -9  ? A SER 11 
12 1 Y 1 A SER -8  ? A SER 12 
13 1 Y 1 B MET -19 ? B MET 1  
14 1 Y 1 B GLY -18 ? B GLY 2  
# 
loop_
_chem_comp_atom.comp_id 
_chem_comp_atom.atom_id 
_chem_comp_atom.type_symbol 
_chem_comp_atom.pdbx_aromatic_flag 
_chem_comp_atom.pdbx_stereo_config 
_chem_comp_atom.pdbx_ordinal 
ALA N    N  N N 1   
ALA CA   C  N S 2   
ALA C    C  N N 3   
ALA O    O  N N 4   
ALA CB   C  N N 5   
ALA OXT  O  N N 6   
ALA H    H  N N 7   
ALA H2   H  N N 8   
ALA HA   H  N N 9   
ALA HB1  H  N N 10  
ALA HB2  H  N N 11  
ALA HB3  H  N N 12  
ALA HXT  H  N N 13  
ARG N    N  N N 14  
ARG CA   C  N S 15  
ARG C    C  N N 16  
ARG O    O  N N 17  
ARG CB   C  N N 18  
ARG CG   C  N N 19  
ARG CD   C  N N 20  
ARG NE   N  N N 21  
ARG CZ   C  N N 22  
ARG NH1  N  N N 23  
ARG NH2  N  N N 24  
ARG OXT  O  N N 25  
ARG H    H  N N 26  
ARG H2   H  N N 27  
ARG HA   H  N N 28  
ARG HB2  H  N N 29  
ARG HB3  H  N N 30  
ARG HG2  H  N N 31  
ARG HG3  H  N N 32  
ARG HD2  H  N N 33  
ARG HD3  H  N N 34  
ARG HE   H  N N 35  
ARG HH11 H  N N 36  
ARG HH12 H  N N 37  
ARG HH21 H  N N 38  
ARG HH22 H  N N 39  
ARG HXT  H  N N 40  
ASN N    N  N N 41  
ASN CA   C  N S 42  
ASN C    C  N N 43  
ASN O    O  N N 44  
ASN CB   C  N N 45  
ASN CG   C  N N 46  
ASN OD1  O  N N 47  
ASN ND2  N  N N 48  
ASN OXT  O  N N 49  
ASN H    H  N N 50  
ASN H2   H  N N 51  
ASN HA   H  N N 52  
ASN HB2  H  N N 53  
ASN HB3  H  N N 54  
ASN HD21 H  N N 55  
ASN HD22 H  N N 56  
ASN HXT  H  N N 57  
ASP N    N  N N 58  
ASP CA   C  N S 59  
ASP C    C  N N 60  
ASP O    O  N N 61  
ASP CB   C  N N 62  
ASP CG   C  N N 63  
ASP OD1  O  N N 64  
ASP OD2  O  N N 65  
ASP OXT  O  N N 66  
ASP H    H  N N 67  
ASP H2   H  N N 68  
ASP HA   H  N N 69  
ASP HB2  H  N N 70  
ASP HB3  H  N N 71  
ASP HD2  H  N N 72  
ASP HXT  H  N N 73  
CL  CL   CL N N 74  
GLN N    N  N N 75  
GLN CA   C  N S 76  
GLN C    C  N N 77  
GLN O    O  N N 78  
GLN CB   C  N N 79  
GLN CG   C  N N 80  
GLN CD   C  N N 81  
GLN OE1  O  N N 82  
GLN NE2  N  N N 83  
GLN OXT  O  N N 84  
GLN H    H  N N 85  
GLN H2   H  N N 86  
GLN HA   H  N N 87  
GLN HB2  H  N N 88  
GLN HB3  H  N N 89  
GLN HG2  H  N N 90  
GLN HG3  H  N N 91  
GLN HE21 H  N N 92  
GLN HE22 H  N N 93  
GLN HXT  H  N N 94  
GLU N    N  N N 95  
GLU CA   C  N S 96  
GLU C    C  N N 97  
GLU O    O  N N 98  
GLU CB   C  N N 99  
GLU CG   C  N N 100 
GLU CD   C  N N 101 
GLU OE1  O  N N 102 
GLU OE2  O  N N 103 
GLU OXT  O  N N 104 
GLU H    H  N N 105 
GLU H2   H  N N 106 
GLU HA   H  N N 107 
GLU HB2  H  N N 108 
GLU HB3  H  N N 109 
GLU HG2  H  N N 110 
GLU HG3  H  N N 111 
GLU HE2  H  N N 112 
GLU HXT  H  N N 113 
GLY N    N  N N 114 
GLY CA   C  N N 115 
GLY C    C  N N 116 
GLY O    O  N N 117 
GLY OXT  O  N N 118 
GLY H    H  N N 119 
GLY H2   H  N N 120 
GLY HA2  H  N N 121 
GLY HA3  H  N N 122 
GLY HXT  H  N N 123 
HIS N    N  N N 124 
HIS CA   C  N S 125 
HIS C    C  N N 126 
HIS O    O  N N 127 
HIS CB   C  N N 128 
HIS CG   C  Y N 129 
HIS ND1  N  Y N 130 
HIS CD2  C  Y N 131 
HIS CE1  C  Y N 132 
HIS NE2  N  Y N 133 
HIS OXT  O  N N 134 
HIS H    H  N N 135 
HIS H2   H  N N 136 
HIS HA   H  N N 137 
HIS HB2  H  N N 138 
HIS HB3  H  N N 139 
HIS HD1  H  N N 140 
HIS HD2  H  N N 141 
HIS HE1  H  N N 142 
HIS HE2  H  N N 143 
HIS HXT  H  N N 144 
HOH O    O  N N 145 
HOH H1   H  N N 146 
HOH H2   H  N N 147 
ILE N    N  N N 148 
ILE CA   C  N S 149 
ILE C    C  N N 150 
ILE O    O  N N 151 
ILE CB   C  N S 152 
ILE CG1  C  N N 153 
ILE CG2  C  N N 154 
ILE CD1  C  N N 155 
ILE OXT  O  N N 156 
ILE H    H  N N 157 
ILE H2   H  N N 158 
ILE HA   H  N N 159 
ILE HB   H  N N 160 
ILE HG12 H  N N 161 
ILE HG13 H  N N 162 
ILE HG21 H  N N 163 
ILE HG22 H  N N 164 
ILE HG23 H  N N 165 
ILE HD11 H  N N 166 
ILE HD12 H  N N 167 
ILE HD13 H  N N 168 
ILE HXT  H  N N 169 
LEU N    N  N N 170 
LEU CA   C  N S 171 
LEU C    C  N N 172 
LEU O    O  N N 173 
LEU CB   C  N N 174 
LEU CG   C  N N 175 
LEU CD1  C  N N 176 
LEU CD2  C  N N 177 
LEU OXT  O  N N 178 
LEU H    H  N N 179 
LEU H2   H  N N 180 
LEU HA   H  N N 181 
LEU HB2  H  N N 182 
LEU HB3  H  N N 183 
LEU HG   H  N N 184 
LEU HD11 H  N N 185 
LEU HD12 H  N N 186 
LEU HD13 H  N N 187 
LEU HD21 H  N N 188 
LEU HD22 H  N N 189 
LEU HD23 H  N N 190 
LEU HXT  H  N N 191 
LYS N    N  N N 192 
LYS CA   C  N S 193 
LYS C    C  N N 194 
LYS O    O  N N 195 
LYS CB   C  N N 196 
LYS CG   C  N N 197 
LYS CD   C  N N 198 
LYS CE   C  N N 199 
LYS NZ   N  N N 200 
LYS OXT  O  N N 201 
LYS H    H  N N 202 
LYS H2   H  N N 203 
LYS HA   H  N N 204 
LYS HB2  H  N N 205 
LYS HB3  H  N N 206 
LYS HG2  H  N N 207 
LYS HG3  H  N N 208 
LYS HD2  H  N N 209 
LYS HD3  H  N N 210 
LYS HE2  H  N N 211 
LYS HE3  H  N N 212 
LYS HZ1  H  N N 213 
LYS HZ2  H  N N 214 
LYS HZ3  H  N N 215 
LYS HXT  H  N N 216 
MET N    N  N N 217 
MET CA   C  N S 218 
MET C    C  N N 219 
MET O    O  N N 220 
MET CB   C  N N 221 
MET CG   C  N N 222 
MET SD   S  N N 223 
MET CE   C  N N 224 
MET OXT  O  N N 225 
MET H    H  N N 226 
MET H2   H  N N 227 
MET HA   H  N N 228 
MET HB2  H  N N 229 
MET HB3  H  N N 230 
MET HG2  H  N N 231 
MET HG3  H  N N 232 
MET HE1  H  N N 233 
MET HE2  H  N N 234 
MET HE3  H  N N 235 
MET HXT  H  N N 236 
PHE N    N  N N 237 
PHE CA   C  N S 238 
PHE C    C  N N 239 
PHE O    O  N N 240 
PHE CB   C  N N 241 
PHE CG   C  Y N 242 
PHE CD1  C  Y N 243 
PHE CD2  C  Y N 244 
PHE CE1  C  Y N 245 
PHE CE2  C  Y N 246 
PHE CZ   C  Y N 247 
PHE OXT  O  N N 248 
PHE H    H  N N 249 
PHE H2   H  N N 250 
PHE HA   H  N N 251 
PHE HB2  H  N N 252 
PHE HB3  H  N N 253 
PHE HD1  H  N N 254 
PHE HD2  H  N N 255 
PHE HE1  H  N N 256 
PHE HE2  H  N N 257 
PHE HZ   H  N N 258 
PHE HXT  H  N N 259 
PRO N    N  N N 260 
PRO CA   C  N S 261 
PRO C    C  N N 262 
PRO O    O  N N 263 
PRO CB   C  N N 264 
PRO CG   C  N N 265 
PRO CD   C  N N 266 
PRO OXT  O  N N 267 
PRO H    H  N N 268 
PRO HA   H  N N 269 
PRO HB2  H  N N 270 
PRO HB3  H  N N 271 
PRO HG2  H  N N 272 
PRO HG3  H  N N 273 
PRO HD2  H  N N 274 
PRO HD3  H  N N 275 
PRO HXT  H  N N 276 
SER N    N  N N 277 
SER CA   C  N S 278 
SER C    C  N N 279 
SER O    O  N N 280 
SER CB   C  N N 281 
SER OG   O  N N 282 
SER OXT  O  N N 283 
SER H    H  N N 284 
SER H2   H  N N 285 
SER HA   H  N N 286 
SER HB2  H  N N 287 
SER HB3  H  N N 288 
SER HG   H  N N 289 
SER HXT  H  N N 290 
THR N    N  N N 291 
THR CA   C  N S 292 
THR C    C  N N 293 
THR O    O  N N 294 
THR CB   C  N R 295 
THR OG1  O  N N 296 
THR CG2  C  N N 297 
THR OXT  O  N N 298 
THR H    H  N N 299 
THR H2   H  N N 300 
THR HA   H  N N 301 
THR HB   H  N N 302 
THR HG1  H  N N 303 
THR HG21 H  N N 304 
THR HG22 H  N N 305 
THR HG23 H  N N 306 
THR HXT  H  N N 307 
TYR N    N  N N 308 
TYR CA   C  N S 309 
TYR C    C  N N 310 
TYR O    O  N N 311 
TYR CB   C  N N 312 
TYR CG   C  Y N 313 
TYR CD1  C  Y N 314 
TYR CD2  C  Y N 315 
TYR CE1  C  Y N 316 
TYR CE2  C  Y N 317 
TYR CZ   C  Y N 318 
TYR OH   O  N N 319 
TYR OXT  O  N N 320 
TYR H    H  N N 321 
TYR H2   H  N N 322 
TYR HA   H  N N 323 
TYR HB2  H  N N 324 
TYR HB3  H  N N 325 
TYR HD1  H  N N 326 
TYR HD2  H  N N 327 
TYR HE1  H  N N 328 
TYR HE2  H  N N 329 
TYR HH   H  N N 330 
TYR HXT  H  N N 331 
VAL N    N  N N 332 
VAL CA   C  N S 333 
VAL C    C  N N 334 
VAL O    O  N N 335 
VAL CB   C  N N 336 
VAL CG1  C  N N 337 
VAL CG2  C  N N 338 
VAL OXT  O  N N 339 
VAL H    H  N N 340 
VAL H2   H  N N 341 
VAL HA   H  N N 342 
VAL HB   H  N N 343 
VAL HG11 H  N N 344 
VAL HG12 H  N N 345 
VAL HG13 H  N N 346 
VAL HG21 H  N N 347 
VAL HG22 H  N N 348 
VAL HG23 H  N N 349 
VAL HXT  H  N N 350 
# 
loop_
_chem_comp_bond.comp_id 
_chem_comp_bond.atom_id_1 
_chem_comp_bond.atom_id_2 
_chem_comp_bond.value_order 
_chem_comp_bond.pdbx_aromatic_flag 
_chem_comp_bond.pdbx_stereo_config 
_chem_comp_bond.pdbx_ordinal 
ALA N   CA   sing N N 1   
ALA N   H    sing N N 2   
ALA N   H2   sing N N 3   
ALA CA  C    sing N N 4   
ALA CA  CB   sing N N 5   
ALA CA  HA   sing N N 6   
ALA C   O    doub N N 7   
ALA C   OXT  sing N N 8   
ALA CB  HB1  sing N N 9   
ALA CB  HB2  sing N N 10  
ALA CB  HB3  sing N N 11  
ALA OXT HXT  sing N N 12  
ARG N   CA   sing N N 13  
ARG N   H    sing N N 14  
ARG N   H2   sing N N 15  
ARG CA  C    sing N N 16  
ARG CA  CB   sing N N 17  
ARG CA  HA   sing N N 18  
ARG C   O    doub N N 19  
ARG C   OXT  sing N N 20  
ARG CB  CG   sing N N 21  
ARG CB  HB2  sing N N 22  
ARG CB  HB3  sing N N 23  
ARG CG  CD   sing N N 24  
ARG CG  HG2  sing N N 25  
ARG CG  HG3  sing N N 26  
ARG CD  NE   sing N N 27  
ARG CD  HD2  sing N N 28  
ARG CD  HD3  sing N N 29  
ARG NE  CZ   sing N N 30  
ARG NE  HE   sing N N 31  
ARG CZ  NH1  sing N N 32  
ARG CZ  NH2  doub N N 33  
ARG NH1 HH11 sing N N 34  
ARG NH1 HH12 sing N N 35  
ARG NH2 HH21 sing N N 36  
ARG NH2 HH22 sing N N 37  
ARG OXT HXT  sing N N 38  
ASN N   CA   sing N N 39  
ASN N   H    sing N N 40  
ASN N   H2   sing N N 41  
ASN CA  C    sing N N 42  
ASN CA  CB   sing N N 43  
ASN CA  HA   sing N N 44  
ASN C   O    doub N N 45  
ASN C   OXT  sing N N 46  
ASN CB  CG   sing N N 47  
ASN CB  HB2  sing N N 48  
ASN CB  HB3  sing N N 49  
ASN CG  OD1  doub N N 50  
ASN CG  ND2  sing N N 51  
ASN ND2 HD21 sing N N 52  
ASN ND2 HD22 sing N N 53  
ASN OXT HXT  sing N N 54  
ASP N   CA   sing N N 55  
ASP N   H    sing N N 56  
ASP N   H2   sing N N 57  
ASP CA  C    sing N N 58  
ASP CA  CB   sing N N 59  
ASP CA  HA   sing N N 60  
ASP C   O    doub N N 61  
ASP C   OXT  sing N N 62  
ASP CB  CG   sing N N 63  
ASP CB  HB2  sing N N 64  
ASP CB  HB3  sing N N 65  
ASP CG  OD1  doub N N 66  
ASP CG  OD2  sing N N 67  
ASP OD2 HD2  sing N N 68  
ASP OXT HXT  sing N N 69  
GLN N   CA   sing N N 70  
GLN N   H    sing N N 71  
GLN N   H2   sing N N 72  
GLN CA  C    sing N N 73  
GLN CA  CB   sing N N 74  
GLN CA  HA   sing N N 75  
GLN C   O    doub N N 76  
GLN C   OXT  sing N N 77  
GLN CB  CG   sing N N 78  
GLN CB  HB2  sing N N 79  
GLN CB  HB3  sing N N 80  
GLN CG  CD   sing N N 81  
GLN CG  HG2  sing N N 82  
GLN CG  HG3  sing N N 83  
GLN CD  OE1  doub N N 84  
GLN CD  NE2  sing N N 85  
GLN NE2 HE21 sing N N 86  
GLN NE2 HE22 sing N N 87  
GLN OXT HXT  sing N N 88  
GLU N   CA   sing N N 89  
GLU N   H    sing N N 90  
GLU N   H2   sing N N 91  
GLU CA  C    sing N N 92  
GLU CA  CB   sing N N 93  
GLU CA  HA   sing N N 94  
GLU C   O    doub N N 95  
GLU C   OXT  sing N N 96  
GLU CB  CG   sing N N 97  
GLU CB  HB2  sing N N 98  
GLU CB  HB3  sing N N 99  
GLU CG  CD   sing N N 100 
GLU CG  HG2  sing N N 101 
GLU CG  HG3  sing N N 102 
GLU CD  OE1  doub N N 103 
GLU CD  OE2  sing N N 104 
GLU OE2 HE2  sing N N 105 
GLU OXT HXT  sing N N 106 
GLY N   CA   sing N N 107 
GLY N   H    sing N N 108 
GLY N   H2   sing N N 109 
GLY CA  C    sing N N 110 
GLY CA  HA2  sing N N 111 
GLY CA  HA3  sing N N 112 
GLY C   O    doub N N 113 
GLY C   OXT  sing N N 114 
GLY OXT HXT  sing N N 115 
HIS N   CA   sing N N 116 
HIS N   H    sing N N 117 
HIS N   H2   sing N N 118 
HIS CA  C    sing N N 119 
HIS CA  CB   sing N N 120 
HIS CA  HA   sing N N 121 
HIS C   O    doub N N 122 
HIS C   OXT  sing N N 123 
HIS CB  CG   sing N N 124 
HIS CB  HB2  sing N N 125 
HIS CB  HB3  sing N N 126 
HIS CG  ND1  sing Y N 127 
HIS CG  CD2  doub Y N 128 
HIS ND1 CE1  doub Y N 129 
HIS ND1 HD1  sing N N 130 
HIS CD2 NE2  sing Y N 131 
HIS CD2 HD2  sing N N 132 
HIS CE1 NE2  sing Y N 133 
HIS CE1 HE1  sing N N 134 
HIS NE2 HE2  sing N N 135 
HIS OXT HXT  sing N N 136 
HOH O   H1   sing N N 137 
HOH O   H2   sing N N 138 
ILE N   CA   sing N N 139 
ILE N   H    sing N N 140 
ILE N   H2   sing N N 141 
ILE CA  C    sing N N 142 
ILE CA  CB   sing N N 143 
ILE CA  HA   sing N N 144 
ILE C   O    doub N N 145 
ILE C   OXT  sing N N 146 
ILE CB  CG1  sing N N 147 
ILE CB  CG2  sing N N 148 
ILE CB  HB   sing N N 149 
ILE CG1 CD1  sing N N 150 
ILE CG1 HG12 sing N N 151 
ILE CG1 HG13 sing N N 152 
ILE CG2 HG21 sing N N 153 
ILE CG2 HG22 sing N N 154 
ILE CG2 HG23 sing N N 155 
ILE CD1 HD11 sing N N 156 
ILE CD1 HD12 sing N N 157 
ILE CD1 HD13 sing N N 158 
ILE OXT HXT  sing N N 159 
LEU N   CA   sing N N 160 
LEU N   H    sing N N 161 
LEU N   H2   sing N N 162 
LEU CA  C    sing N N 163 
LEU CA  CB   sing N N 164 
LEU CA  HA   sing N N 165 
LEU C   O    doub N N 166 
LEU C   OXT  sing N N 167 
LEU CB  CG   sing N N 168 
LEU CB  HB2  sing N N 169 
LEU CB  HB3  sing N N 170 
LEU CG  CD1  sing N N 171 
LEU CG  CD2  sing N N 172 
LEU CG  HG   sing N N 173 
LEU CD1 HD11 sing N N 174 
LEU CD1 HD12 sing N N 175 
LEU CD1 HD13 sing N N 176 
LEU CD2 HD21 sing N N 177 
LEU CD2 HD22 sing N N 178 
LEU CD2 HD23 sing N N 179 
LEU OXT HXT  sing N N 180 
LYS N   CA   sing N N 181 
LYS N   H    sing N N 182 
LYS N   H2   sing N N 183 
LYS CA  C    sing N N 184 
LYS CA  CB   sing N N 185 
LYS CA  HA   sing N N 186 
LYS C   O    doub N N 187 
LYS C   OXT  sing N N 188 
LYS CB  CG   sing N N 189 
LYS CB  HB2  sing N N 190 
LYS CB  HB3  sing N N 191 
LYS CG  CD   sing N N 192 
LYS CG  HG2  sing N N 193 
LYS CG  HG3  sing N N 194 
LYS CD  CE   sing N N 195 
LYS CD  HD2  sing N N 196 
LYS CD  HD3  sing N N 197 
LYS CE  NZ   sing N N 198 
LYS CE  HE2  sing N N 199 
LYS CE  HE3  sing N N 200 
LYS NZ  HZ1  sing N N 201 
LYS NZ  HZ2  sing N N 202 
LYS NZ  HZ3  sing N N 203 
LYS OXT HXT  sing N N 204 
MET N   CA   sing N N 205 
MET N   H    sing N N 206 
MET N   H2   sing N N 207 
MET CA  C    sing N N 208 
MET CA  CB   sing N N 209 
MET CA  HA   sing N N 210 
MET C   O    doub N N 211 
MET C   OXT  sing N N 212 
MET CB  CG   sing N N 213 
MET CB  HB2  sing N N 214 
MET CB  HB3  sing N N 215 
MET CG  SD   sing N N 216 
MET CG  HG2  sing N N 217 
MET CG  HG3  sing N N 218 
MET SD  CE   sing N N 219 
MET CE  HE1  sing N N 220 
MET CE  HE2  sing N N 221 
MET CE  HE3  sing N N 222 
MET OXT HXT  sing N N 223 
PHE N   CA   sing N N 224 
PHE N   H    sing N N 225 
PHE N   H2   sing N N 226 
PHE CA  C    sing N N 227 
PHE CA  CB   sing N N 228 
PHE CA  HA   sing N N 229 
PHE C   O    doub N N 230 
PHE C   OXT  sing N N 231 
PHE CB  CG   sing N N 232 
PHE CB  HB2  sing N N 233 
PHE CB  HB3  sing N N 234 
PHE CG  CD1  doub Y N 235 
PHE CG  CD2  sing Y N 236 
PHE CD1 CE1  sing Y N 237 
PHE CD1 HD1  sing N N 238 
PHE CD2 CE2  doub Y N 239 
PHE CD2 HD2  sing N N 240 
PHE CE1 CZ   doub Y N 241 
PHE CE1 HE1  sing N N 242 
PHE CE2 CZ   sing Y N 243 
PHE CE2 HE2  sing N N 244 
PHE CZ  HZ   sing N N 245 
PHE OXT HXT  sing N N 246 
PRO N   CA   sing N N 247 
PRO N   CD   sing N N 248 
PRO N   H    sing N N 249 
PRO CA  C    sing N N 250 
PRO CA  CB   sing N N 251 
PRO CA  HA   sing N N 252 
PRO C   O    doub N N 253 
PRO C   OXT  sing N N 254 
PRO CB  CG   sing N N 255 
PRO CB  HB2  sing N N 256 
PRO CB  HB3  sing N N 257 
PRO CG  CD   sing N N 258 
PRO CG  HG2  sing N N 259 
PRO CG  HG3  sing N N 260 
PRO CD  HD2  sing N N 261 
PRO CD  HD3  sing N N 262 
PRO OXT HXT  sing N N 263 
SER N   CA   sing N N 264 
SER N   H    sing N N 265 
SER N   H2   sing N N 266 
SER CA  C    sing N N 267 
SER CA  CB   sing N N 268 
SER CA  HA   sing N N 269 
SER C   O    doub N N 270 
SER C   OXT  sing N N 271 
SER CB  OG   sing N N 272 
SER CB  HB2  sing N N 273 
SER CB  HB3  sing N N 274 
SER OG  HG   sing N N 275 
SER OXT HXT  sing N N 276 
THR N   CA   sing N N 277 
THR N   H    sing N N 278 
THR N   H2   sing N N 279 
THR CA  C    sing N N 280 
THR CA  CB   sing N N 281 
THR CA  HA   sing N N 282 
THR C   O    doub N N 283 
THR C   OXT  sing N N 284 
THR CB  OG1  sing N N 285 
THR CB  CG2  sing N N 286 
THR CB  HB   sing N N 287 
THR OG1 HG1  sing N N 288 
THR CG2 HG21 sing N N 289 
THR CG2 HG22 sing N N 290 
THR CG2 HG23 sing N N 291 
THR OXT HXT  sing N N 292 
TYR N   CA   sing N N 293 
TYR N   H    sing N N 294 
TYR N   H2   sing N N 295 
TYR CA  C    sing N N 296 
TYR CA  CB   sing N N 297 
TYR CA  HA   sing N N 298 
TYR C   O    doub N N 299 
TYR C   OXT  sing N N 300 
TYR CB  CG   sing N N 301 
TYR CB  HB2  sing N N 302 
TYR CB  HB3  sing N N 303 
TYR CG  CD1  doub Y N 304 
TYR CG  CD2  sing Y N 305 
TYR CD1 CE1  sing Y N 306 
TYR CD1 HD1  sing N N 307 
TYR CD2 CE2  doub Y N 308 
TYR CD2 HD2  sing N N 309 
TYR CE1 CZ   doub Y N 310 
TYR CE1 HE1  sing N N 311 
TYR CE2 CZ   sing Y N 312 
TYR CE2 HE2  sing N N 313 
TYR CZ  OH   sing N N 314 
TYR OH  HH   sing N N 315 
TYR OXT HXT  sing N N 316 
VAL N   CA   sing N N 317 
VAL N   H    sing N N 318 
VAL N   H2   sing N N 319 
VAL CA  C    sing N N 320 
VAL CA  CB   sing N N 321 
VAL CA  HA   sing N N 322 
VAL C   O    doub N N 323 
VAL C   OXT  sing N N 324 
VAL CB  CG1  sing N N 325 
VAL CB  CG2  sing N N 326 
VAL CB  HB   sing N N 327 
VAL CG1 HG11 sing N N 328 
VAL CG1 HG12 sing N N 329 
VAL CG1 HG13 sing N N 330 
VAL CG2 HG21 sing N N 331 
VAL CG2 HG22 sing N N 332 
VAL CG2 HG23 sing N N 333 
VAL OXT HXT  sing N N 334 
# 
loop_
_pdbx_entity_nonpoly.entity_id 
_pdbx_entity_nonpoly.name 
_pdbx_entity_nonpoly.comp_id 
2 'CHLORIDE ION' CL  
3 water          HOH 
# 
_pdbx_initial_refinement_model.id               1 
_pdbx_initial_refinement_model.entity_id_list   ? 
_pdbx_initial_refinement_model.type             'experimental model' 
_pdbx_initial_refinement_model.source_name      PDB 
_pdbx_initial_refinement_model.accession_code   2BM5 
_pdbx_initial_refinement_model.details          'PDB ENTRY 2BM5' 
# 
